data_4KTY
#
_entry.id   4KTY
#
_cell.length_a   56.761
_cell.length_b   80.510
_cell.length_c   102.844
_cell.angle_alpha   88.14
_cell.angle_beta   76.70
_cell.angle_gamma   82.01
#
_symmetry.space_group_name_H-M   'P 1'
#
loop_
_entity.id
_entity.type
_entity.pdbx_description
1 polymer 'Coagulation factor XIII A chain'
2 polymer 'Peptide-like ligand'
3 non-polymer 'CALCIUM ION'
4 non-polymer GLYCEROL
5 non-polymer 'SULFATE ION'
6 water water
#
loop_
_entity_poly.entity_id
_entity_poly.type
_entity_poly.pdbx_seq_one_letter_code
_entity_poly.pdbx_strand_id
1 'polypeptide(L)'
;MHHHHHHSETSRTAFGGRRAVPPNNSNAAEDDLPTVELQGVVPRGVNLQEFLNVTSVHLFKERWDTNKVDHHTDKYENNK
LIVRRGQSFYVQIDFSRPYDPRRDLFRVEYVIGRYPQENKGTYIPVPIVSELQSGKWGAKIVMREDRSVRLSIQSSPKCI
VGKFRMYVAVWTPYGVLRTSRNPETDTYILFNPWCEDDAVYLDNEKEREEYVLNDIGVIFYGEVNDIKTRSWSYGQFEDG
ILDTCLYVMDRAQMDLSGRGNPIKVSRVGSAMVNAKDDEGVLVGSWDNIYAYGVPPSAWTGSVDILLEYRSSENPVRYGQ
CWVFAGVFNTFLRCLGIPARIVTNYFSAHDNDANLQMDIFLEEDGNVNSKLTKDSVWNYHCWNEAWMTRPDLPVGFGGWQ
AVDSTPQENSDGMYRCGPASVQAIKHGHVCFQFDAPFVFAEVNSDLIYITAKKDGTHVVENVDATHIGKLIVTKQIGGDG
MMDITDTYKFQEGQEEERLALETALMYGAKKPLNTEGVMKSRSNVDMDFEVENAVLGKDFKLSITFRNNSHNRYTITAYL
SANITFYTGVPKAEFKKETFDVTLEPLSFKKEAVLIQAGEYMGQLLEQASLHFFVTARINETRDVLAKQKSTVLTIPEII
IKVRGTQVVGSDMTVIVEFTNPLKETLRNVWVHLDGPGVTRPMKKMFREIRPNSTVQWEEVCRPWVSGHRKLIASMSSDS
LRHVYGELDVQIQRRPSM
;
A,B
2 'polypeptide(L)' (ACY)(DAS)(1TX)(ABA)(NLE)LPWP C,D
#
loop_
_chem_comp.id
_chem_comp.type
_chem_comp.name
_chem_comp.formula
ACY non-polymer 'ACETIC ACID' 'C2 H4 O2'
CA non-polymer 'CALCIUM ION' 'Ca 2'
GOL non-polymer GLYCEROL 'C3 H8 O3'
SO4 non-polymer 'SULFATE ION' 'O4 S -2'
#
# COMPACT_ATOMS: atom_id res chain seq x y z
N PRO A 22 -26.80 57.71 -7.43
CA PRO A 22 -26.71 56.79 -8.58
C PRO A 22 -25.63 55.75 -8.31
N PRO A 23 -25.60 54.68 -9.11
CA PRO A 23 -24.62 53.59 -8.88
C PRO A 23 -23.17 54.08 -8.93
N ASN A 24 -22.36 53.63 -7.98
CA ASN A 24 -20.93 53.95 -7.99
C ASN A 24 -20.23 52.79 -8.69
N ASN A 25 -20.34 52.77 -10.03
CA ASN A 25 -19.90 51.63 -10.83
C ASN A 25 -18.73 51.91 -11.78
N SER A 26 -17.98 52.96 -11.50
CA SER A 26 -16.84 53.30 -12.37
C SER A 26 -15.63 53.74 -11.59
N ASN A 27 -14.56 52.96 -11.69
CA ASN A 27 -13.30 53.27 -11.06
C ASN A 27 -12.70 54.54 -11.70
N ALA A 28 -12.92 54.69 -13.01
CA ALA A 28 -12.37 55.83 -13.74
C ALA A 28 -12.95 57.16 -13.30
N ALA A 29 -14.23 57.17 -12.93
CA ALA A 29 -14.87 58.42 -12.51
C ALA A 29 -14.37 58.84 -11.12
N GLU A 30 -14.44 60.13 -10.85
CA GLU A 30 -13.98 60.57 -9.53
C GLU A 30 -14.74 61.79 -9.04
N ASP A 31 -14.91 61.88 -7.73
CA ASP A 31 -15.46 63.11 -7.16
C ASP A 31 -14.34 64.08 -6.81
N ASP A 32 -14.72 65.30 -6.46
CA ASP A 32 -13.77 66.36 -6.17
C ASP A 32 -13.82 66.62 -4.69
N LEU A 33 -12.84 66.12 -3.94
CA LEU A 33 -12.85 66.34 -2.50
C LEU A 33 -12.34 67.73 -2.15
N PRO A 34 -13.10 68.46 -1.33
CA PRO A 34 -12.71 69.80 -0.89
C PRO A 34 -11.34 69.80 -0.22
N THR A 35 -10.54 70.83 -0.48
CA THR A 35 -9.26 70.97 0.21
C THR A 35 -9.42 71.81 1.47
N VAL A 36 -10.36 72.75 1.44
CA VAL A 36 -10.67 73.53 2.62
C VAL A 36 -12.12 73.32 3.00
N GLU A 37 -12.38 72.31 3.82
CA GLU A 37 -13.74 71.86 4.03
C GLU A 37 -14.36 72.49 5.28
N LEU A 38 -14.55 73.81 5.24
CA LEU A 38 -15.07 74.56 6.38
C LEU A 38 -16.48 74.10 6.73
N GLN A 39 -16.81 74.19 8.01
CA GLN A 39 -18.12 73.79 8.50
C GLN A 39 -18.74 74.95 9.25
N GLY A 40 -20.03 75.19 9.04
CA GLY A 40 -20.70 76.27 9.74
C GLY A 40 -20.28 77.63 9.17
N VAL A 41 -20.51 78.68 9.96
CA VAL A 41 -20.19 80.04 9.54
C VAL A 41 -18.89 80.52 10.19
N VAL A 42 -17.79 80.17 9.54
CA VAL A 42 -16.45 80.44 10.05
C VAL A 42 -16.15 81.94 9.93
N PRO A 43 -15.76 82.57 11.05
CA PRO A 43 -15.48 84.02 11.03
C PRO A 43 -14.36 84.39 10.06
N ARG A 44 -14.48 85.55 9.41
CA ARG A 44 -13.38 86.09 8.61
C ARG A 44 -12.15 86.26 9.51
N GLY A 45 -10.97 86.02 8.95
CA GLY A 45 -9.76 86.26 9.71
C GLY A 45 -9.41 85.08 10.59
N VAL A 46 -10.04 83.95 10.34
CA VAL A 46 -9.61 82.73 10.99
C VAL A 46 -8.18 82.50 10.50
N ASN A 47 -7.33 81.97 11.37
CA ASN A 47 -5.96 81.67 10.97
C ASN A 47 -5.66 80.19 11.02
N LEU A 48 -5.56 79.58 9.84
CA LEU A 48 -5.36 78.14 9.73
C LEU A 48 -3.89 77.77 9.88
N GLN A 49 -3.04 78.78 10.10
CA GLN A 49 -1.60 78.57 10.27
C GLN A 49 -1.24 77.65 11.43
N GLU A 50 -2.08 77.61 12.47
CA GLU A 50 -1.83 76.75 13.64
C GLU A 50 -1.86 75.26 13.31
N PHE A 51 -2.44 74.89 12.17
CA PHE A 51 -2.63 73.48 11.88
C PHE A 51 -1.61 72.91 10.90
N LEU A 52 -1.38 71.61 10.97
CA LEU A 52 -0.44 70.97 10.06
C LEU A 52 -0.91 71.10 8.63
N ASN A 53 0.03 71.31 7.73
CA ASN A 53 -0.25 71.03 6.34
C ASN A 53 0.82 70.07 5.80
N VAL A 54 0.45 69.30 4.80
CA VAL A 54 1.36 68.33 4.24
C VAL A 54 2.23 69.03 3.19
N THR A 55 3.54 68.86 3.29
CA THR A 55 4.45 69.42 2.30
C THR A 55 4.82 68.35 1.26
N SER A 56 4.70 67.10 1.64
CA SER A 56 5.14 66.02 0.77
C SER A 56 4.65 64.65 1.23
N VAL A 57 4.36 63.76 0.27
CA VAL A 57 3.98 62.39 0.60
C VAL A 57 4.90 61.45 -0.16
N HIS A 58 5.55 60.51 0.53
CA HIS A 58 6.38 59.53 -0.16
C HIS A 58 5.79 58.14 -0.03
N LEU A 59 5.64 57.42 -1.15
CA LEU A 59 5.07 56.08 -1.13
C LEU A 59 6.10 54.96 -1.25
N PHE A 60 7.38 55.32 -1.42
CA PHE A 60 8.44 54.34 -1.57
C PHE A 60 8.01 53.31 -2.58
N LYS A 61 7.60 53.80 -3.75
CA LYS A 61 6.91 52.97 -4.71
C LYS A 61 7.79 52.41 -5.82
N GLU A 62 9.11 52.62 -5.72
CA GLU A 62 9.99 52.07 -6.74
C GLU A 62 9.92 50.54 -6.78
N ARG A 63 10.11 49.97 -7.97
CA ARG A 63 9.95 48.55 -8.15
C ARG A 63 11.03 47.70 -7.44
N TRP A 64 12.14 48.33 -7.09
CA TRP A 64 13.19 47.67 -6.30
C TRP A 64 12.97 47.77 -4.78
N ASP A 65 12.02 48.60 -4.35
CA ASP A 65 11.86 48.88 -2.91
C ASP A 65 10.95 47.87 -2.20
N THR A 66 10.87 47.94 -0.87
CA THR A 66 10.26 46.85 -0.11
C THR A 66 8.75 46.70 -0.27
N ASN A 67 8.04 47.80 -0.51
CA ASN A 67 6.60 47.73 -0.75
C ASN A 67 6.25 46.79 -1.92
N LYS A 68 6.75 47.09 -3.11
CA LYS A 68 6.41 46.32 -4.32
C LYS A 68 7.01 44.91 -4.29
N VAL A 69 8.22 44.78 -3.75
CA VAL A 69 8.86 43.47 -3.61
C VAL A 69 8.06 42.56 -2.66
N ASP A 70 7.74 43.07 -1.49
CA ASP A 70 7.07 42.29 -0.47
C ASP A 70 5.61 42.06 -0.83
N HIS A 71 5.03 42.98 -1.61
CA HIS A 71 3.66 42.80 -2.08
C HIS A 71 3.56 42.02 -3.40
N HIS A 72 4.68 41.54 -3.92
CA HIS A 72 4.66 40.77 -5.17
C HIS A 72 3.99 41.56 -6.30
N THR A 73 4.32 42.85 -6.40
CA THR A 73 3.78 43.71 -7.45
C THR A 73 4.88 44.44 -8.20
N ASP A 74 6.13 44.04 -7.97
CA ASP A 74 7.29 44.69 -8.59
C ASP A 74 7.39 44.43 -10.11
N LYS A 75 6.65 43.47 -10.61
CA LYS A 75 6.72 43.14 -12.02
C LYS A 75 5.87 44.05 -12.92
N TYR A 76 4.83 44.69 -12.37
CA TYR A 76 3.99 45.54 -13.19
C TYR A 76 4.78 46.72 -13.75
N GLU A 77 4.50 46.99 -15.02
N GLU A 77 4.53 47.15 -14.98
CA GLU A 77 4.97 48.16 -15.74
CA GLU A 77 5.35 48.24 -15.53
C GLU A 77 3.96 49.25 -15.46
C GLU A 77 4.90 49.65 -15.05
N ASN A 78 3.89 49.65 -14.20
CA ASN A 78 3.15 50.83 -13.78
C ASN A 78 3.96 51.54 -12.72
N ASN A 79 4.11 52.85 -12.84
CA ASN A 79 4.97 53.53 -11.88
C ASN A 79 4.26 54.01 -10.61
N LYS A 80 2.96 53.74 -10.51
CA LYS A 80 2.23 54.02 -9.29
C LYS A 80 2.45 52.92 -8.26
N LEU A 81 2.23 53.25 -7.00
CA LEU A 81 2.22 52.25 -5.95
C LEU A 81 1.13 51.21 -6.20
N ILE A 82 1.53 49.93 -6.12
CA ILE A 82 0.60 48.81 -6.21
C ILE A 82 0.88 47.91 -5.03
N VAL A 83 -0.17 47.60 -4.27
CA VAL A 83 -0.06 46.74 -3.13
C VAL A 83 -1.20 45.75 -3.16
N ARG A 84 -1.09 44.76 -2.30
CA ARG A 84 -2.13 43.76 -2.15
C ARG A 84 -2.82 43.93 -0.81
N ARG A 85 -4.12 43.71 -0.83
CA ARG A 85 -4.96 43.95 0.35
C ARG A 85 -4.61 43.04 1.55
N GLY A 86 -4.84 43.56 2.75
CA GLY A 86 -4.65 42.78 3.97
C GLY A 86 -3.21 42.68 4.37
N GLN A 87 -2.34 43.49 3.76
CA GLN A 87 -0.92 43.44 4.08
C GLN A 87 -0.41 44.86 4.28
N SER A 88 0.54 45.04 5.17
CA SER A 88 0.97 46.40 5.46
C SER A 88 2.03 46.94 4.49
N PHE A 89 2.04 48.26 4.32
CA PHE A 89 3.04 48.90 3.47
C PHE A 89 3.45 50.21 4.12
N TYR A 90 4.64 50.69 3.77
CA TYR A 90 5.18 51.91 4.33
C TYR A 90 4.90 53.13 3.45
N VAL A 91 4.58 54.25 4.10
CA VAL A 91 4.56 55.56 3.45
C VAL A 91 5.18 56.59 4.39
N GLN A 92 5.53 57.75 3.85
CA GLN A 92 6.06 58.83 4.67
C GLN A 92 5.37 60.15 4.34
N ILE A 93 4.97 60.85 5.39
CA ILE A 93 4.29 62.10 5.25
C ILE A 93 5.18 63.17 5.84
N ASP A 94 5.53 64.18 5.05
CA ASP A 94 6.31 65.31 5.59
C ASP A 94 5.35 66.43 5.93
N PHE A 95 5.41 66.94 7.17
CA PHE A 95 4.52 68.02 7.55
C PHE A 95 5.24 69.36 7.67
N SER A 96 4.46 70.43 7.78
CA SER A 96 5.00 71.78 7.88
C SER A 96 5.77 71.97 9.18
N ARG A 97 5.38 71.24 10.22
CA ARG A 97 6.08 71.22 11.50
C ARG A 97 5.90 69.80 12.06
N PRO A 98 6.67 69.40 13.10
CA PRO A 98 6.51 68.01 13.54
C PRO A 98 5.10 67.69 14.07
N TYR A 99 4.55 66.57 13.61
CA TYR A 99 3.28 66.08 14.13
C TYR A 99 3.38 65.94 15.64
N ASP A 100 2.41 66.54 16.33
CA ASP A 100 2.32 66.49 17.79
C ASP A 100 0.95 65.96 18.20
N PRO A 101 0.90 64.69 18.66
CA PRO A 101 -0.35 64.01 19.00
C PRO A 101 -1.18 64.73 20.05
N ARG A 102 -0.54 65.46 20.96
CA ARG A 102 -1.28 66.28 21.91
C ARG A 102 -2.16 67.34 21.25
N ARG A 103 -1.76 67.87 20.09
CA ARG A 103 -2.48 68.99 19.51
C ARG A 103 -3.00 68.76 18.11
N ASP A 104 -2.46 67.75 17.42
CA ASP A 104 -2.74 67.52 16.00
C ASP A 104 -3.52 66.22 15.82
N LEU A 105 -4.43 66.20 14.85
CA LEU A 105 -5.20 65.00 14.52
C LEU A 105 -5.38 64.95 13.02
N PHE A 106 -5.03 63.82 12.42
CA PHE A 106 -5.16 63.64 10.99
C PHE A 106 -5.43 62.18 10.68
N ARG A 107 -5.89 61.91 9.46
CA ARG A 107 -6.12 60.55 9.02
C ARG A 107 -5.77 60.50 7.53
N VAL A 108 -5.40 59.33 7.02
CA VAL A 108 -5.27 59.12 5.58
C VAL A 108 -6.63 58.67 5.06
N GLU A 109 -6.91 58.97 3.79
CA GLU A 109 -8.15 58.60 3.15
C GLU A 109 -7.83 57.92 1.82
N TYR A 110 -8.51 56.82 1.53
CA TYR A 110 -8.50 56.24 0.18
C TYR A 110 -9.90 56.28 -0.38
N VAL A 111 -10.04 56.72 -1.62
CA VAL A 111 -11.32 57.05 -2.18
C VAL A 111 -11.43 56.48 -3.61
N ILE A 112 -12.56 55.87 -3.93
CA ILE A 112 -12.73 55.30 -5.27
C ILE A 112 -14.11 55.59 -5.86
N GLY A 113 -14.14 55.96 -7.15
CA GLY A 113 -15.40 56.23 -7.81
C GLY A 113 -15.92 57.64 -7.67
N ARG A 114 -16.99 57.93 -8.40
CA ARG A 114 -17.59 59.26 -8.39
C ARG A 114 -18.47 59.49 -7.16
N TYR A 115 -18.96 58.40 -6.58
CA TYR A 115 -19.92 58.49 -5.47
C TYR A 115 -19.49 57.65 -4.25
N PRO A 116 -18.33 57.99 -3.70
CA PRO A 116 -17.81 57.15 -2.61
C PRO A 116 -18.63 57.31 -1.33
N GLN A 117 -18.79 56.19 -0.61
CA GLN A 117 -19.50 56.18 0.66
C GLN A 117 -18.78 55.26 1.62
N GLU A 118 -18.61 55.74 2.85
CA GLU A 118 -17.93 54.96 3.86
C GLU A 118 -18.63 53.60 4.06
N ASN A 119 -19.96 53.60 4.18
CA ASN A 119 -20.67 52.33 4.41
C ASN A 119 -20.71 51.38 3.20
N LYS A 120 -20.12 51.82 2.08
CA LYS A 120 -19.99 50.97 0.91
C LYS A 120 -18.55 50.49 0.70
N GLY A 121 -17.63 50.96 1.52
CA GLY A 121 -16.23 50.61 1.34
C GLY A 121 -15.50 51.48 0.31
N THR A 122 -16.16 52.50 -0.20
CA THR A 122 -15.55 53.32 -1.27
C THR A 122 -14.99 54.68 -0.80
N TYR A 123 -15.36 55.08 0.42
CA TYR A 123 -14.57 56.08 1.15
C TYR A 123 -14.01 55.33 2.36
N ILE A 124 -12.70 55.27 2.47
CA ILE A 124 -12.04 54.52 3.54
C ILE A 124 -11.16 55.47 4.35
N PRO A 125 -11.61 55.80 5.57
CA PRO A 125 -10.78 56.60 6.48
C PRO A 125 -9.75 55.68 7.13
N VAL A 126 -8.50 56.10 7.19
CA VAL A 126 -7.48 55.30 7.83
C VAL A 126 -6.94 56.06 9.05
N PRO A 127 -7.41 55.69 10.25
CA PRO A 127 -7.01 56.38 11.49
C PRO A 127 -5.55 56.12 11.82
N ILE A 128 -4.90 57.08 12.48
CA ILE A 128 -3.56 56.86 12.95
C ILE A 128 -3.66 56.22 14.33
N VAL A 129 -3.15 55.00 14.46
CA VAL A 129 -3.39 54.19 15.66
C VAL A 129 -2.09 53.84 16.39
N SER A 130 -2.19 53.51 17.68
CA SER A 130 -1.03 53.01 18.42
C SER A 130 -0.58 51.63 17.92
N GLU A 131 -1.52 50.73 17.71
CA GLU A 131 -1.19 49.37 17.24
C GLU A 131 -2.14 48.94 16.15
N LEU A 132 -1.61 48.40 15.06
CA LEU A 132 -2.43 47.87 13.99
C LEU A 132 -3.28 46.74 14.54
N GLN A 133 -4.53 46.63 14.09
CA GLN A 133 -5.43 45.59 14.57
C GLN A 133 -5.69 44.62 13.44
N SER A 134 -5.67 43.33 13.77
CA SER A 134 -5.91 42.27 12.79
C SER A 134 -7.12 42.52 11.89
N GLY A 135 -6.91 42.52 10.57
CA GLY A 135 -8.02 42.66 9.65
C GLY A 135 -8.55 44.08 9.45
N LYS A 136 -8.04 45.04 10.22
CA LYS A 136 -8.60 46.40 10.17
C LYS A 136 -7.70 47.43 9.49
N TRP A 137 -8.32 48.35 8.75
CA TRP A 137 -7.61 49.50 8.23
C TRP A 137 -7.08 50.33 9.41
N GLY A 138 -5.80 50.69 9.34
CA GLY A 138 -5.18 51.58 10.30
C GLY A 138 -3.79 51.89 9.82
N ALA A 139 -3.21 52.95 10.35
CA ALA A 139 -1.83 53.32 10.05
C ALA A 139 -1.07 53.57 11.36
N LYS A 140 0.06 52.91 11.53
CA LYS A 140 0.88 53.13 12.73
C LYS A 140 2.12 53.94 12.38
N ILE A 141 2.42 54.95 13.21
CA ILE A 141 3.70 55.66 13.13
C ILE A 141 4.86 54.79 13.62
N VAL A 142 5.80 54.51 12.74
CA VAL A 142 6.88 53.60 13.09
C VAL A 142 8.23 54.32 13.14
N MET A 143 8.26 55.57 12.71
CA MET A 143 9.48 56.38 12.80
C MET A 143 9.16 57.85 12.65
N ARG A 144 9.85 58.69 13.41
CA ARG A 144 9.70 60.14 13.30
C ARG A 144 11.06 60.78 13.23
N GLU A 145 11.31 61.54 12.17
CA GLU A 145 12.53 62.31 12.03
C GLU A 145 12.20 63.72 11.58
N ASP A 146 12.52 64.71 12.41
CA ASP A 146 12.25 66.12 12.12
C ASP A 146 10.76 66.38 11.87
N ARG A 147 10.42 66.76 10.64
CA ARG A 147 9.03 67.07 10.33
C ARG A 147 8.29 65.91 9.65
N SER A 148 8.95 64.76 9.54
CA SER A 148 8.36 63.60 8.85
C SER A 148 7.84 62.52 9.78
N VAL A 149 6.83 61.78 9.34
CA VAL A 149 6.45 60.56 10.04
C VAL A 149 6.38 59.42 9.02
N ARG A 150 6.99 58.28 9.36
CA ARG A 150 6.82 57.07 8.56
C ARG A 150 5.66 56.26 9.11
N LEU A 151 4.71 55.93 8.25
CA LEU A 151 3.54 55.13 8.64
C LEU A 151 3.61 53.72 8.06
N SER A 152 3.23 52.73 8.87
CA SER A 152 2.90 51.41 8.38
C SER A 152 1.37 51.35 8.22
N ILE A 153 0.91 51.27 6.99
CA ILE A 153 -0.52 51.26 6.72
C ILE A 153 -0.93 49.84 6.46
N GLN A 154 -2.02 49.44 7.10
CA GLN A 154 -2.56 48.10 6.94
C GLN A 154 -3.95 48.22 6.35
N SER A 155 -4.21 47.54 5.23
CA SER A 155 -5.54 47.50 4.62
C SER A 155 -6.35 46.28 5.08
N SER A 156 -7.66 46.36 4.93
CA SER A 156 -8.52 45.22 5.20
C SER A 156 -8.34 44.14 4.12
N PRO A 157 -8.34 42.85 4.50
CA PRO A 157 -8.23 41.73 3.55
C PRO A 157 -9.50 41.56 2.68
N LYS A 158 -10.51 42.37 2.96
CA LYS A 158 -11.76 42.34 2.22
C LYS A 158 -11.92 43.61 1.38
N CYS A 159 -10.84 44.39 1.29
CA CYS A 159 -10.86 45.66 0.58
C CYS A 159 -11.31 45.53 -0.88
N ILE A 160 -12.04 46.52 -1.36
CA ILE A 160 -12.37 46.62 -2.78
C ILE A 160 -11.11 46.62 -3.63
N VAL A 161 -11.12 45.89 -4.75
CA VAL A 161 -9.94 45.89 -5.62
C VAL A 161 -10.06 46.93 -6.75
N GLY A 162 -9.08 47.82 -6.85
CA GLY A 162 -9.14 48.89 -7.85
C GLY A 162 -8.06 49.94 -7.61
N LYS A 163 -8.22 51.08 -8.25
CA LYS A 163 -7.24 52.17 -8.18
C LYS A 163 -7.80 53.28 -7.30
N PHE A 164 -7.17 53.50 -6.14
CA PHE A 164 -7.69 54.47 -5.18
C PHE A 164 -6.96 55.81 -5.26
N ARG A 165 -7.67 56.88 -4.96
CA ARG A 165 -7.03 58.18 -4.76
C ARG A 165 -6.67 58.28 -3.30
N MET A 166 -5.49 58.84 -3.00
CA MET A 166 -5.04 59.00 -1.63
C MET A 166 -5.11 60.48 -1.20
N TYR A 167 -5.56 60.73 0.02
CA TYR A 167 -5.54 62.09 0.57
C TYR A 167 -5.06 62.03 2.01
N VAL A 168 -4.55 63.16 2.49
CA VAL A 168 -4.29 63.32 3.90
C VAL A 168 -5.22 64.40 4.43
N ALA A 169 -5.96 64.09 5.49
CA ALA A 169 -6.98 64.98 6.03
C ALA A 169 -6.60 65.39 7.44
N VAL A 170 -6.38 66.69 7.65
CA VAL A 170 -6.07 67.22 8.99
C VAL A 170 -7.32 67.86 9.58
N TRP A 171 -7.70 67.42 10.77
CA TRP A 171 -8.92 67.87 11.42
C TRP A 171 -8.68 69.13 12.28
N THR A 172 -9.61 70.08 12.18
CA THR A 172 -9.51 71.35 12.91
C THR A 172 -10.87 71.72 13.50
N PRO A 173 -10.91 72.70 14.43
CA PRO A 173 -12.19 73.18 14.93
C PRO A 173 -13.09 73.79 13.83
N TYR A 174 -12.53 74.04 12.66
CA TYR A 174 -13.27 74.73 11.62
C TYR A 174 -13.70 73.79 10.51
N GLY A 175 -13.24 72.55 10.58
CA GLY A 175 -13.48 71.59 9.52
C GLY A 175 -12.18 70.97 9.08
N VAL A 176 -12.23 70.18 8.01
CA VAL A 176 -11.10 69.38 7.58
C VAL A 176 -10.21 70.12 6.59
N LEU A 177 -8.89 70.01 6.74
CA LEU A 177 -8.01 70.55 5.72
C LEU A 177 -7.33 69.39 5.00
N ARG A 178 -7.58 69.30 3.70
CA ARG A 178 -7.24 68.10 2.94
C ARG A 178 -6.24 68.39 1.82
N THR A 179 -5.37 67.43 1.54
CA THR A 179 -4.44 67.59 0.42
C THR A 179 -5.19 67.63 -0.92
N SER A 180 -4.61 68.34 -1.89
CA SER A 180 -5.16 68.46 -3.23
C SER A 180 -5.07 67.14 -3.98
N ARG A 181 -5.88 67.00 -5.03
CA ARG A 181 -5.83 65.84 -5.92
C ARG A 181 -4.39 65.66 -6.41
N ASN A 182 -3.85 64.46 -6.29
CA ASN A 182 -2.48 64.18 -6.71
C ASN A 182 -2.41 62.80 -7.38
N PRO A 183 -2.51 62.76 -8.71
CA PRO A 183 -2.48 61.48 -9.41
C PRO A 183 -1.24 60.63 -9.10
N GLU A 184 -0.17 61.27 -8.66
CA GLU A 184 1.07 60.56 -8.38
C GLU A 184 1.03 59.69 -7.11
N THR A 185 -0.03 59.83 -6.31
CA THR A 185 -0.14 59.00 -5.12
C THR A 185 -1.32 58.03 -5.26
N ASP A 186 -1.95 57.98 -6.45
CA ASP A 186 -3.01 56.99 -6.70
C ASP A 186 -2.41 55.62 -6.44
N THR A 187 -3.18 54.77 -5.80
CA THR A 187 -2.65 53.52 -5.27
C THR A 187 -3.55 52.36 -5.67
N TYR A 188 -2.98 51.35 -6.29
CA TYR A 188 -3.78 50.20 -6.70
C TYR A 188 -3.76 49.21 -5.56
N ILE A 189 -4.92 48.68 -5.20
CA ILE A 189 -4.98 47.61 -4.20
C ILE A 189 -5.54 46.35 -4.87
N LEU A 190 -4.78 45.27 -4.85
CA LEU A 190 -5.13 44.04 -5.58
C LEU A 190 -5.47 42.91 -4.62
N PHE A 191 -6.02 41.82 -5.16
CA PHE A 191 -6.20 40.58 -4.39
C PHE A 191 -4.87 40.07 -3.89
N ASN A 192 -4.87 39.36 -2.75
CA ASN A 192 -3.64 38.91 -2.10
C ASN A 192 -3.61 37.41 -1.82
N PRO A 193 -3.16 36.60 -2.79
CA PRO A 193 -3.00 35.16 -2.58
C PRO A 193 -2.05 34.79 -1.43
N TRP A 194 -1.23 35.75 -0.96
CA TRP A 194 -0.27 35.51 0.11
C TRP A 194 -0.85 35.76 1.52
N CYS A 195 -1.99 36.44 1.59
CA CYS A 195 -2.57 36.80 2.88
C CYS A 195 -3.54 35.71 3.34
N GLU A 196 -3.27 35.09 4.49
CA GLU A 196 -4.08 33.97 4.95
C GLU A 196 -5.54 34.35 5.20
N ASP A 197 -5.81 35.64 5.41
CA ASP A 197 -7.18 36.12 5.64
C ASP A 197 -7.90 36.54 4.35
N ASP A 198 -7.24 36.41 3.22
CA ASP A 198 -7.84 36.79 1.94
C ASP A 198 -8.63 35.60 1.39
N ALA A 199 -9.82 35.87 0.85
CA ALA A 199 -10.62 34.88 0.11
C ALA A 199 -9.84 34.12 -0.95
N VAL A 200 -8.83 34.73 -1.56
CA VAL A 200 -8.03 34.04 -2.58
C VAL A 200 -6.74 33.43 -2.06
N TYR A 201 -6.58 33.39 -0.74
CA TYR A 201 -5.38 32.79 -0.15
C TYR A 201 -5.04 31.43 -0.76
N LEU A 202 -3.80 31.32 -1.23
CA LEU A 202 -3.27 30.05 -1.74
C LEU A 202 -2.02 29.70 -0.90
N ASP A 203 -2.03 28.59 -0.16
CA ASP A 203 -0.99 28.42 0.87
C ASP A 203 0.35 27.91 0.35
N ASN A 204 0.47 27.76 -0.95
CA ASN A 204 1.62 27.08 -1.55
C ASN A 204 2.35 28.06 -2.45
N GLU A 205 3.57 28.44 -2.07
CA GLU A 205 4.35 29.40 -2.87
C GLU A 205 4.55 29.00 -4.33
N LYS A 206 4.86 27.74 -4.59
CA LYS A 206 5.05 27.31 -6.00
C LYS A 206 3.77 27.49 -6.81
N GLU A 207 2.64 27.22 -6.19
CA GLU A 207 1.37 27.42 -6.88
C GLU A 207 1.06 28.93 -7.06
N ARG A 208 1.40 29.76 -6.08
CA ARG A 208 1.18 31.19 -6.22
C ARG A 208 2.05 31.72 -7.33
N GLU A 209 3.27 31.20 -7.44
CA GLU A 209 4.18 31.64 -8.50
CA GLU A 209 4.18 31.66 -8.50
C GLU A 209 3.62 31.28 -9.88
N GLU A 210 3.08 30.08 -10.02
CA GLU A 210 2.55 29.66 -11.32
C GLU A 210 1.22 30.34 -11.69
N TYR A 211 0.32 30.40 -10.73
CA TYR A 211 -1.06 30.78 -11.03
C TYR A 211 -1.34 32.27 -10.81
N VAL A 212 -0.34 33.01 -10.37
CA VAL A 212 -0.48 34.47 -10.20
C VAL A 212 0.62 35.20 -10.96
N LEU A 213 1.85 34.79 -10.70
CA LEU A 213 3.02 35.54 -11.17
C LEU A 213 3.57 35.11 -12.54
N ASN A 214 3.19 33.93 -13.02
CA ASN A 214 3.73 33.50 -14.30
C ASN A 214 2.96 34.22 -15.40
N ASP A 215 3.65 34.96 -16.24
CA ASP A 215 2.95 35.73 -17.27
C ASP A 215 2.97 35.04 -18.66
N ILE A 216 3.51 33.83 -18.71
CA ILE A 216 3.41 32.98 -19.91
C ILE A 216 2.83 31.62 -19.55
N GLY A 217 2.25 30.95 -20.52
CA GLY A 217 1.71 29.64 -20.25
C GLY A 217 1.59 28.83 -21.50
N VAL A 218 0.82 27.76 -21.37
CA VAL A 218 0.66 26.79 -22.42
C VAL A 218 -0.79 26.35 -22.32
N ILE A 219 -1.41 26.16 -23.48
CA ILE A 219 -2.80 25.76 -23.56
C ILE A 219 -2.85 24.53 -24.44
N PHE A 220 -3.48 23.46 -23.97
CA PHE A 220 -3.46 22.21 -24.72
C PHE A 220 -4.67 22.13 -25.64
N TYR A 221 -4.49 21.55 -26.81
CA TYR A 221 -5.58 21.42 -27.76
C TYR A 221 -5.34 20.19 -28.61
N GLY A 222 -6.06 20.07 -29.71
CA GLY A 222 -5.88 18.93 -30.60
C GLY A 222 -6.81 17.78 -30.26
N GLU A 223 -6.30 16.56 -30.46
CA GLU A 223 -7.07 15.36 -30.14
C GLU A 223 -6.48 14.64 -28.96
N VAL A 224 -7.31 13.85 -28.28
CA VAL A 224 -6.90 13.12 -27.08
C VAL A 224 -5.64 12.27 -27.24
N ASN A 225 -5.44 11.71 -28.43
CA ASN A 225 -4.25 10.88 -28.66
C ASN A 225 -3.17 11.56 -29.53
N ASP A 226 -3.45 12.79 -29.95
CA ASP A 226 -2.45 13.65 -30.58
C ASP A 226 -2.52 15.06 -29.95
N ILE A 227 -2.05 15.17 -28.72
CA ILE A 227 -2.18 16.40 -27.94
C ILE A 227 -1.22 17.49 -28.42
N LYS A 228 -1.80 18.64 -28.78
CA LYS A 228 -1.01 19.76 -29.26
C LYS A 228 -0.87 20.81 -28.15
N THR A 229 0.22 21.55 -28.17
CA THR A 229 0.44 22.60 -27.18
C THR A 229 0.61 23.95 -27.88
N ARG A 230 -0.10 24.95 -27.40
CA ARG A 230 0.13 26.29 -27.93
CA ARG A 230 0.01 26.32 -27.91
C ARG A 230 0.55 27.25 -26.82
N SER A 231 1.64 27.96 -27.08
CA SER A 231 2.14 28.88 -26.08
C SER A 231 1.22 30.09 -26.01
N TRP A 232 1.20 30.77 -24.87
CA TRP A 232 0.35 31.93 -24.73
C TRP A 232 0.99 32.92 -23.77
N SER A 233 1.04 34.17 -24.21
CA SER A 233 1.57 35.24 -23.39
C SER A 233 0.44 35.94 -22.64
N TYR A 234 0.32 35.73 -21.35
CA TYR A 234 -0.78 36.37 -20.63
C TYR A 234 -0.52 37.88 -20.46
N GLY A 235 0.74 38.22 -20.24
CA GLY A 235 1.17 39.60 -20.19
C GLY A 235 0.49 40.44 -19.13
N GLN A 236 0.13 39.86 -17.98
CA GLN A 236 -0.64 40.61 -16.99
C GLN A 236 0.15 41.79 -16.43
N PHE A 237 1.46 41.79 -16.60
CA PHE A 237 2.28 42.86 -16.02
C PHE A 237 2.64 43.97 -17.00
N GLU A 238 2.26 43.81 -18.27
CA GLU A 238 2.60 44.81 -19.29
C GLU A 238 1.91 46.14 -19.09
N ASP A 239 2.59 47.20 -19.53
CA ASP A 239 2.07 48.56 -19.44
C ASP A 239 0.64 48.63 -20.00
N GLY A 240 -0.28 49.19 -19.24
CA GLY A 240 -1.65 49.35 -19.69
C GLY A 240 -2.60 48.22 -19.28
N ILE A 241 -2.09 47.02 -18.98
CA ILE A 241 -2.99 45.89 -18.77
C ILE A 241 -3.84 45.96 -17.49
N LEU A 242 -3.21 46.25 -16.36
CA LEU A 242 -3.93 46.46 -15.11
C LEU A 242 -5.03 47.52 -15.29
N ASP A 243 -4.68 48.64 -15.90
CA ASP A 243 -5.68 49.68 -16.19
C ASP A 243 -6.83 49.15 -17.07
N THR A 244 -6.50 48.31 -18.06
CA THR A 244 -7.52 47.76 -18.92
C THR A 244 -8.44 46.83 -18.14
N CYS A 245 -7.89 46.07 -17.19
CA CYS A 245 -8.74 45.19 -16.39
C CYS A 245 -9.74 45.99 -15.57
N LEU A 246 -9.32 47.13 -15.03
CA LEU A 246 -10.25 47.99 -14.30
C LEU A 246 -11.31 48.56 -15.24
N TYR A 247 -10.85 49.01 -16.41
CA TYR A 247 -11.73 49.44 -17.52
C TYR A 247 -12.79 48.38 -17.88
N VAL A 248 -12.37 47.12 -17.94
CA VAL A 248 -13.32 46.03 -18.19
C VAL A 248 -14.47 46.01 -17.17
N MET A 249 -14.13 46.15 -15.89
CA MET A 249 -15.17 46.20 -14.88
C MET A 249 -16.03 47.45 -15.00
N ASP A 250 -15.42 48.59 -15.33
CA ASP A 250 -16.22 49.79 -15.56
C ASP A 250 -17.17 49.58 -16.75
N ARG A 251 -16.65 48.94 -17.80
CA ARG A 251 -17.44 48.73 -19.01
C ARG A 251 -18.62 47.81 -18.69
N ALA A 252 -18.47 46.99 -17.66
CA ALA A 252 -19.54 46.11 -17.22
C ALA A 252 -20.54 46.83 -16.35
N GLN A 253 -20.26 48.10 -16.02
CA GLN A 253 -21.01 48.81 -14.97
C GLN A 253 -21.09 48.02 -13.64
N MET A 254 -19.98 47.41 -13.29
CA MET A 254 -19.91 46.61 -12.07
C MET A 254 -19.77 47.51 -10.85
N ASP A 255 -20.75 47.46 -9.95
CA ASP A 255 -20.70 48.27 -8.72
C ASP A 255 -19.36 48.10 -8.00
N LEU A 256 -18.74 49.23 -7.66
CA LEU A 256 -17.45 49.17 -6.99
C LEU A 256 -17.48 48.34 -5.71
N SER A 257 -18.57 48.43 -4.95
N SER A 257 -18.57 48.43 -4.95
CA SER A 257 -18.67 47.77 -3.65
CA SER A 257 -18.65 47.76 -3.65
C SER A 257 -18.49 46.25 -3.74
C SER A 257 -18.53 46.24 -3.74
N GLY A 258 -18.69 45.69 -4.94
CA GLY A 258 -18.56 44.26 -5.14
C GLY A 258 -17.21 43.78 -5.67
N ARG A 259 -16.33 44.70 -6.01
CA ARG A 259 -15.06 44.33 -6.64
C ARG A 259 -13.99 43.79 -5.67
N GLY A 260 -14.33 43.66 -4.39
CA GLY A 260 -13.46 42.94 -3.47
C GLY A 260 -13.88 41.48 -3.32
N ASN A 261 -14.91 41.09 -4.06
CA ASN A 261 -15.45 39.76 -3.96
C ASN A 261 -15.05 38.97 -5.21
N PRO A 262 -14.16 37.98 -5.04
CA PRO A 262 -13.68 37.31 -6.27
C PRO A 262 -14.74 36.42 -6.95
N ILE A 263 -15.83 36.10 -6.25
CA ILE A 263 -16.96 35.42 -6.87
C ILE A 263 -17.58 36.37 -7.91
N LYS A 264 -17.86 37.59 -7.49
CA LYS A 264 -18.42 38.61 -8.36
C LYS A 264 -17.46 39.02 -9.48
N VAL A 265 -16.20 39.22 -9.13
CA VAL A 265 -15.24 39.66 -10.12
C VAL A 265 -15.08 38.59 -11.20
N SER A 266 -15.00 37.33 -10.77
CA SER A 266 -14.84 36.28 -11.78
C SER A 266 -16.12 36.10 -12.61
N ARG A 267 -17.29 36.20 -11.99
CA ARG A 267 -18.53 36.08 -12.76
C ARG A 267 -18.69 37.23 -13.75
N VAL A 268 -18.33 38.45 -13.35
CA VAL A 268 -18.31 39.58 -14.28
C VAL A 268 -17.33 39.31 -15.42
N GLY A 269 -16.15 38.81 -15.09
CA GLY A 269 -15.13 38.52 -16.10
C GLY A 269 -15.60 37.48 -17.11
N SER A 270 -16.39 36.52 -16.65
CA SER A 270 -16.89 35.50 -17.57
CA SER A 270 -16.93 35.49 -17.53
C SER A 270 -17.89 36.08 -18.57
N ALA A 271 -18.64 37.11 -18.17
CA ALA A 271 -19.51 37.77 -19.14
C ALA A 271 -18.67 38.67 -20.04
N MET A 272 -17.82 39.51 -19.44
CA MET A 272 -17.21 40.64 -20.13
C MET A 272 -16.12 40.31 -21.12
N VAL A 273 -15.52 39.14 -20.99
CA VAL A 273 -14.44 38.75 -21.89
C VAL A 273 -15.04 38.40 -23.28
N ASN A 274 -16.33 38.04 -23.32
CA ASN A 274 -17.03 37.91 -24.62
C ASN A 274 -17.86 39.14 -24.96
N ALA A 275 -18.02 39.38 -26.27
CA ALA A 275 -18.69 40.58 -26.76
C ALA A 275 -20.20 40.58 -26.55
N LYS A 276 -20.82 39.39 -26.51
CA LYS A 276 -22.28 39.30 -26.42
C LYS A 276 -22.84 40.08 -25.23
N ASP A 277 -24.01 40.72 -25.40
CA ASP A 277 -24.79 41.32 -24.30
C ASP A 277 -24.29 42.67 -23.77
N ASP A 278 -22.98 42.85 -23.74
CA ASP A 278 -22.35 43.88 -22.92
C ASP A 278 -21.16 44.57 -23.59
N GLU A 279 -20.97 44.35 -24.89
CA GLU A 279 -19.88 45.00 -25.62
C GLU A 279 -18.50 44.64 -25.03
N GLY A 280 -18.37 43.38 -24.61
CA GLY A 280 -17.15 42.91 -23.99
C GLY A 280 -16.03 42.69 -24.97
N VAL A 281 -14.99 42.01 -24.52
CA VAL A 281 -13.68 42.14 -25.17
C VAL A 281 -13.59 41.49 -26.56
N LEU A 282 -14.04 40.24 -26.68
CA LEU A 282 -13.76 39.42 -27.87
C LEU A 282 -15.02 38.89 -28.53
N VAL A 283 -15.03 39.01 -29.85
CA VAL A 283 -16.13 38.51 -30.66
C VAL A 283 -15.80 37.09 -31.12
N GLY A 284 -16.65 36.13 -30.79
CA GLY A 284 -16.42 34.75 -31.18
C GLY A 284 -16.75 34.55 -32.66
N SER A 285 -15.94 33.75 -33.36
CA SER A 285 -16.26 33.26 -34.70
C SER A 285 -15.62 31.90 -34.98
N TRP A 286 -16.35 31.07 -35.71
CA TRP A 286 -15.89 29.75 -36.10
C TRP A 286 -16.07 29.54 -37.61
N ASP A 287 -16.15 30.64 -38.38
CA ASP A 287 -16.62 30.50 -39.76
C ASP A 287 -15.55 30.26 -40.82
N ASN A 288 -14.30 30.08 -40.40
CA ASN A 288 -13.20 29.77 -41.32
C ASN A 288 -12.89 30.92 -42.30
N ILE A 289 -13.50 32.08 -42.08
CA ILE A 289 -13.27 33.24 -42.94
C ILE A 289 -12.77 34.47 -42.17
N TYR A 290 -13.48 34.85 -41.12
CA TYR A 290 -13.01 35.88 -40.17
C TYR A 290 -12.85 37.25 -40.88
N ALA A 291 -13.93 37.66 -41.55
CA ALA A 291 -13.94 38.93 -42.30
C ALA A 291 -13.61 40.11 -41.36
N TYR A 292 -12.72 40.97 -41.81
CA TYR A 292 -12.45 42.24 -41.13
C TYR A 292 -12.01 42.02 -39.69
N GLY A 293 -11.13 41.07 -39.49
CA GLY A 293 -10.53 40.90 -38.17
C GLY A 293 -9.33 39.97 -38.23
N VAL A 294 -8.89 39.57 -37.04
CA VAL A 294 -7.77 38.66 -36.89
C VAL A 294 -8.36 37.27 -36.72
N PRO A 295 -7.86 36.29 -37.49
CA PRO A 295 -8.34 34.93 -37.26
C PRO A 295 -7.94 34.46 -35.85
N PRO A 296 -8.83 33.73 -35.14
CA PRO A 296 -8.57 33.28 -33.76
C PRO A 296 -7.22 32.61 -33.59
N SER A 297 -6.80 31.82 -34.57
CA SER A 297 -5.53 31.10 -34.48
C SER A 297 -4.28 31.96 -34.68
N ALA A 298 -4.44 33.20 -35.11
CA ALA A 298 -3.28 34.09 -35.29
C ALA A 298 -2.77 34.70 -33.97
N TRP A 299 -3.63 34.85 -32.97
CA TRP A 299 -3.17 35.46 -31.70
C TRP A 299 -2.19 34.54 -30.98
N THR A 300 -1.22 35.13 -30.27
CA THR A 300 -0.27 34.35 -29.45
C THR A 300 -0.24 34.79 -27.96
N GLY A 301 -1.19 35.63 -27.57
CA GLY A 301 -1.20 36.17 -26.22
C GLY A 301 -2.38 37.12 -26.06
N SER A 302 -2.51 37.72 -24.87
CA SER A 302 -3.67 38.52 -24.54
C SER A 302 -3.46 40.01 -24.72
N VAL A 303 -2.21 40.45 -24.80
CA VAL A 303 -1.93 41.87 -24.59
C VAL A 303 -2.49 42.70 -25.75
N ASP A 304 -2.21 42.28 -26.98
CA ASP A 304 -2.70 43.04 -28.13
C ASP A 304 -4.22 43.17 -28.11
N ILE A 305 -4.90 42.08 -27.77
CA ILE A 305 -6.35 42.09 -27.71
C ILE A 305 -6.86 43.09 -26.67
N LEU A 306 -6.32 43.00 -25.45
CA LEU A 306 -6.81 43.87 -24.37
C LEU A 306 -6.48 45.33 -24.64
N LEU A 307 -5.27 45.62 -25.10
CA LEU A 307 -4.91 47.01 -25.37
C LEU A 307 -5.77 47.61 -26.51
N GLU A 308 -6.11 46.78 -27.49
CA GLU A 308 -6.96 47.25 -28.58
C GLU A 308 -8.37 47.52 -28.09
N TYR A 309 -8.88 46.66 -27.21
CA TYR A 309 -10.17 46.89 -26.59
C TYR A 309 -10.21 48.24 -25.89
N ARG A 310 -9.20 48.50 -25.06
CA ARG A 310 -9.16 49.76 -24.32
C ARG A 310 -9.09 50.96 -25.28
N SER A 311 -8.24 50.88 -26.28
CA SER A 311 -8.01 52.01 -27.17
CA SER A 311 -8.01 52.02 -27.16
C SER A 311 -9.18 52.28 -28.12
N SER A 312 -9.79 51.22 -28.67
CA SER A 312 -10.89 51.39 -29.63
C SER A 312 -12.20 51.52 -28.86
N GLU A 313 -12.21 51.07 -27.62
CA GLU A 313 -13.44 51.04 -26.81
C GLU A 313 -14.57 50.24 -27.49
N ASN A 314 -14.18 49.19 -28.22
CA ASN A 314 -15.13 48.31 -28.91
C ASN A 314 -14.60 46.86 -28.96
N PRO A 315 -15.50 45.87 -29.08
CA PRO A 315 -15.05 44.48 -29.16
C PRO A 315 -14.02 44.19 -30.23
N VAL A 316 -13.19 43.19 -29.96
CA VAL A 316 -12.08 42.80 -30.84
C VAL A 316 -12.47 41.52 -31.61
N ARG A 317 -12.30 41.53 -32.92
CA ARG A 317 -12.60 40.37 -33.77
C ARG A 317 -11.27 39.66 -34.12
N TYR A 318 -11.08 38.36 -33.87
CA TYR A 318 -12.05 37.40 -33.36
C TYR A 318 -11.35 36.40 -32.43
N GLY A 319 -12.15 35.65 -31.69
CA GLY A 319 -11.59 34.58 -30.88
C GLY A 319 -12.40 33.30 -30.86
N GLN A 320 -11.80 32.25 -30.30
CA GLN A 320 -12.48 30.99 -30.02
C GLN A 320 -12.07 30.61 -28.62
N CYS A 321 -12.57 29.47 -28.13
CA CYS A 321 -12.40 29.09 -26.72
C CYS A 321 -11.01 29.41 -26.08
N TRP A 322 -9.90 28.99 -26.69
CA TRP A 322 -8.60 29.21 -26.05
C TRP A 322 -8.21 30.68 -25.96
N VAL A 323 -8.72 31.50 -26.89
CA VAL A 323 -8.43 32.92 -26.89
C VAL A 323 -9.22 33.60 -25.78
N PHE A 324 -10.51 33.26 -25.68
CA PHE A 324 -11.30 33.71 -24.55
C PHE A 324 -10.62 33.31 -23.24
N ALA A 325 -10.20 32.06 -23.13
CA ALA A 325 -9.53 31.55 -21.92
C ALA A 325 -8.20 32.26 -21.65
N GLY A 326 -7.44 32.56 -22.69
CA GLY A 326 -6.18 33.28 -22.53
C GLY A 326 -6.40 34.69 -21.97
N VAL A 327 -7.34 35.40 -22.55
CA VAL A 327 -7.65 36.77 -22.10
C VAL A 327 -8.23 36.79 -20.67
N PHE A 328 -9.20 35.92 -20.41
CA PHE A 328 -9.78 35.74 -19.08
C PHE A 328 -8.67 35.38 -18.05
N ASN A 329 -7.73 34.52 -18.42
CA ASN A 329 -6.63 34.19 -17.51
C ASN A 329 -5.81 35.45 -17.18
N THR A 330 -5.56 36.28 -18.20
CA THR A 330 -4.83 37.53 -17.97
C THR A 330 -5.58 38.38 -16.96
N PHE A 331 -6.86 38.60 -17.23
CA PHE A 331 -7.72 39.39 -16.35
C PHE A 331 -7.66 38.92 -14.88
N LEU A 332 -7.73 37.60 -14.68
CA LEU A 332 -7.74 37.04 -13.33
C LEU A 332 -6.40 37.23 -12.63
N ARG A 333 -5.32 36.80 -13.26
CA ARG A 333 -4.01 36.90 -12.66
C ARG A 333 -3.60 38.35 -12.41
N CYS A 334 -3.93 39.22 -13.36
CA CYS A 334 -3.62 40.65 -13.24
C CYS A 334 -4.20 41.25 -11.97
N LEU A 335 -5.44 40.89 -11.66
CA LEU A 335 -6.12 41.40 -10.49
C LEU A 335 -5.69 40.67 -9.22
N GLY A 336 -5.05 39.51 -9.42
CA GLY A 336 -4.48 38.78 -8.29
C GLY A 336 -5.30 37.58 -7.85
N ILE A 337 -6.26 37.19 -8.67
CA ILE A 337 -6.99 35.94 -8.44
C ILE A 337 -6.28 34.80 -9.13
N PRO A 338 -5.78 33.82 -8.35
CA PRO A 338 -4.98 32.75 -8.95
C PRO A 338 -5.85 32.04 -9.97
N ALA A 339 -5.28 31.70 -11.12
CA ALA A 339 -6.07 31.16 -12.22
C ALA A 339 -5.26 30.25 -13.12
N ARG A 340 -5.95 29.31 -13.76
CA ARG A 340 -5.28 28.50 -14.76
C ARG A 340 -6.26 28.13 -15.87
N ILE A 341 -5.72 27.64 -16.98
CA ILE A 341 -6.54 27.22 -18.11
C ILE A 341 -6.56 25.70 -18.21
N VAL A 342 -7.77 25.16 -18.28
CA VAL A 342 -7.97 23.73 -18.44
C VAL A 342 -8.57 23.45 -19.83
N THR A 343 -8.22 22.29 -20.37
CA THR A 343 -8.74 21.83 -21.67
C THR A 343 -9.46 20.50 -21.46
N ASN A 344 -10.69 20.43 -21.93
CA ASN A 344 -11.54 19.23 -21.88
C ASN A 344 -11.67 18.66 -23.31
N TYR A 345 -11.26 17.41 -23.51
CA TYR A 345 -11.39 16.72 -24.80
C TYR A 345 -12.73 16.01 -24.92
N PHE A 346 -13.36 16.15 -26.10
CA PHE A 346 -14.75 15.75 -26.35
C PHE A 346 -15.70 16.46 -25.38
N SER A 347 -15.83 17.77 -25.58
CA SER A 347 -16.55 18.60 -24.62
C SER A 347 -18.00 18.76 -25.06
N ALA A 348 -18.92 18.33 -24.19
CA ALA A 348 -20.34 18.37 -24.53
C ALA A 348 -20.92 19.76 -24.41
N HIS A 349 -21.80 20.09 -25.35
CA HIS A 349 -22.56 21.33 -25.29
C HIS A 349 -24.05 21.01 -25.21
N ASP A 350 -24.59 21.14 -24.02
CA ASP A 350 -25.99 20.86 -23.75
C ASP A 350 -26.82 22.11 -24.06
N ASN A 351 -27.79 21.97 -24.97
CA ASN A 351 -28.60 23.10 -25.40
C ASN A 351 -29.94 23.20 -24.69
N ASP A 352 -30.41 22.12 -24.11
CA ASP A 352 -31.71 22.17 -23.46
C ASP A 352 -31.68 21.83 -21.96
N ALA A 353 -30.51 22.02 -21.34
CA ALA A 353 -30.34 21.94 -19.89
C ALA A 353 -30.94 20.70 -19.21
N ASN A 354 -30.73 19.54 -19.81
CA ASN A 354 -31.15 18.30 -19.15
C ASN A 354 -29.97 17.39 -18.85
N LEU A 355 -28.77 17.92 -19.09
CA LEU A 355 -27.51 17.28 -18.64
C LEU A 355 -27.21 15.98 -19.38
N GLN A 356 -27.73 15.85 -20.59
CA GLN A 356 -27.41 14.70 -21.45
C GLN A 356 -27.37 15.18 -22.90
N MET A 357 -26.65 14.45 -23.74
CA MET A 357 -26.62 14.75 -25.16
C MET A 357 -27.77 14.04 -25.85
N ASP A 358 -28.77 14.81 -26.27
CA ASP A 358 -29.92 14.24 -26.95
C ASP A 358 -29.66 14.17 -28.45
N ILE A 359 -29.38 12.95 -28.93
CA ILE A 359 -29.11 12.72 -30.34
C ILE A 359 -30.32 12.06 -31.02
N PHE A 360 -31.08 12.87 -31.76
CA PHE A 360 -32.26 12.35 -32.45
C PHE A 360 -31.90 11.69 -33.76
N LEU A 361 -32.30 10.43 -33.91
CA LEU A 361 -31.93 9.64 -35.06
C LEU A 361 -33.16 9.33 -35.91
N GLU A 362 -33.07 9.66 -37.20
CA GLU A 362 -34.13 9.33 -38.16
C GLU A 362 -34.39 7.83 -38.23
N GLU A 363 -35.47 7.43 -38.91
CA GLU A 363 -35.80 6.01 -38.99
C GLU A 363 -34.72 5.26 -39.77
N ASP A 364 -34.12 5.94 -40.75
CA ASP A 364 -33.06 5.36 -41.55
C ASP A 364 -31.86 4.99 -40.70
N GLY A 365 -31.79 5.57 -39.50
CA GLY A 365 -30.68 5.32 -38.59
C GLY A 365 -29.69 6.46 -38.59
N ASN A 366 -29.72 7.27 -39.66
CA ASN A 366 -28.85 8.43 -39.76
C ASN A 366 -29.26 9.48 -38.73
N VAL A 367 -28.35 10.39 -38.38
CA VAL A 367 -28.73 11.39 -37.39
C VAL A 367 -29.54 12.52 -38.02
N ASN A 368 -30.69 12.79 -37.42
CA ASN A 368 -31.53 13.92 -37.76
C ASN A 368 -30.83 15.22 -37.40
N SER A 369 -30.25 15.89 -38.39
CA SER A 369 -29.49 17.11 -38.16
C SER A 369 -30.40 18.28 -37.80
N LYS A 370 -31.68 18.14 -38.13
CA LYS A 370 -32.65 19.20 -37.89
C LYS A 370 -33.10 19.23 -36.44
N LEU A 371 -33.43 18.05 -35.90
CA LEU A 371 -33.91 17.94 -34.52
C LEU A 371 -32.78 17.96 -33.49
N THR A 372 -31.62 17.44 -33.87
CA THR A 372 -30.50 17.38 -32.94
C THR A 372 -29.88 18.76 -32.77
N LYS A 373 -29.90 19.28 -31.54
CA LYS A 373 -29.40 20.62 -31.28
C LYS A 373 -28.11 20.58 -30.48
N ASP A 374 -28.01 19.59 -29.58
CA ASP A 374 -26.81 19.45 -28.74
C ASP A 374 -25.61 19.12 -29.63
N SER A 375 -24.42 19.30 -29.09
CA SER A 375 -23.23 19.05 -29.88
C SER A 375 -22.04 18.67 -29.02
N VAL A 376 -21.00 18.18 -29.67
CA VAL A 376 -19.78 17.82 -28.96
C VAL A 376 -18.56 18.42 -29.69
N TRP A 377 -17.65 19.03 -28.94
CA TRP A 377 -16.47 19.69 -29.52
C TRP A 377 -15.24 18.82 -29.41
N ASN A 378 -14.36 18.88 -30.40
CA ASN A 378 -13.08 18.21 -30.29
C ASN A 378 -12.37 18.54 -28.97
N TYR A 379 -12.31 19.81 -28.63
CA TYR A 379 -11.87 20.19 -27.30
C TYR A 379 -12.50 21.52 -26.95
N HIS A 380 -12.49 21.85 -25.66
CA HIS A 380 -12.93 23.17 -25.24
C HIS A 380 -12.02 23.56 -24.08
N CYS A 381 -11.82 24.87 -23.92
CA CYS A 381 -10.92 25.42 -22.93
C CYS A 381 -11.69 26.43 -22.09
N TRP A 382 -11.54 26.36 -20.77
CA TRP A 382 -12.06 27.39 -19.88
C TRP A 382 -11.08 27.64 -18.73
N ASN A 383 -11.49 28.43 -17.77
CA ASN A 383 -10.60 28.84 -16.70
C ASN A 383 -11.04 28.28 -15.36
N GLU A 384 -10.07 28.11 -14.48
CA GLU A 384 -10.38 27.89 -13.08
C GLU A 384 -9.80 29.05 -12.31
N ALA A 385 -10.58 29.54 -11.36
CA ALA A 385 -10.16 30.62 -10.47
C ALA A 385 -10.23 30.11 -9.04
N TRP A 386 -9.22 30.46 -8.24
CA TRP A 386 -9.07 29.96 -6.87
C TRP A 386 -9.67 30.91 -5.84
N MET A 387 -10.65 30.42 -5.07
CA MET A 387 -11.31 31.22 -4.05
C MET A 387 -12.13 30.40 -3.07
N THR A 388 -12.32 30.94 -1.87
CA THR A 388 -13.30 30.40 -0.95
C THR A 388 -14.68 30.64 -1.53
N ARG A 389 -15.67 29.91 -1.02
CA ARG A 389 -17.04 30.09 -1.45
C ARG A 389 -17.93 30.27 -0.22
N PRO A 390 -17.86 31.45 0.44
CA PRO A 390 -18.66 31.70 1.64
C PRO A 390 -20.13 31.57 1.35
N ASP A 391 -20.54 31.62 0.07
CA ASP A 391 -21.95 31.46 -0.29
C ASP A 391 -22.36 29.98 -0.41
N LEU A 392 -21.41 29.05 -0.32
CA LEU A 392 -21.72 27.61 -0.40
C LEU A 392 -21.36 26.94 0.95
N PRO A 393 -21.85 25.71 1.20
CA PRO A 393 -21.41 25.04 2.45
C PRO A 393 -19.90 24.82 2.44
N VAL A 394 -19.29 24.64 3.61
CA VAL A 394 -17.85 24.36 3.61
C VAL A 394 -17.51 23.10 2.78
N GLY A 395 -16.35 23.11 2.14
CA GLY A 395 -15.96 22.00 1.29
C GLY A 395 -15.96 22.31 -0.20
N PHE A 396 -16.63 23.40 -0.60
CA PHE A 396 -16.78 23.70 -2.02
C PHE A 396 -15.96 24.89 -2.54
N GLY A 397 -15.07 25.43 -1.69
CA GLY A 397 -14.09 26.42 -2.13
C GLY A 397 -13.05 25.80 -3.05
N GLY A 398 -11.92 26.46 -3.23
CA GLY A 398 -10.86 25.94 -4.10
C GLY A 398 -11.04 26.37 -5.55
N TRP A 399 -10.75 25.46 -6.49
CA TRP A 399 -10.85 25.80 -7.92
C TRP A 399 -12.31 25.92 -8.31
N GLN A 400 -12.63 27.01 -9.00
CA GLN A 400 -13.97 27.29 -9.47
C GLN A 400 -13.88 27.41 -10.99
N ALA A 401 -14.69 26.65 -11.70
CA ALA A 401 -14.75 26.74 -13.18
C ALA A 401 -15.43 28.02 -13.58
N VAL A 402 -14.72 28.81 -14.40
CA VAL A 402 -15.31 29.98 -15.04
C VAL A 402 -14.97 29.98 -16.54
N ASP A 403 -15.93 30.41 -17.35
CA ASP A 403 -15.86 30.21 -18.79
C ASP A 403 -16.45 31.42 -19.48
N SER A 404 -15.62 32.13 -20.23
CA SER A 404 -16.09 33.32 -20.97
C SER A 404 -16.46 33.01 -22.43
N THR A 405 -16.27 31.77 -22.87
CA THR A 405 -16.72 31.40 -24.24
C THR A 405 -18.24 31.35 -24.24
N PRO A 406 -18.90 32.09 -25.13
CA PRO A 406 -20.37 32.04 -25.13
C PRO A 406 -20.86 30.69 -25.61
N GLN A 407 -21.75 30.08 -24.84
CA GLN A 407 -22.36 28.85 -25.28
C GLN A 407 -23.83 28.92 -24.92
N GLU A 408 -24.12 28.96 -23.62
CA GLU A 408 -25.49 29.09 -23.15
C GLU A 408 -25.67 30.31 -22.23
N ASN A 409 -26.85 30.91 -22.28
CA ASN A 409 -27.20 31.98 -21.35
C ASN A 409 -27.25 31.47 -19.91
N SER A 410 -26.83 32.31 -18.99
CA SER A 410 -27.01 32.07 -17.57
C SER A 410 -27.66 33.31 -17.00
N ASP A 411 -28.93 33.20 -16.59
CA ASP A 411 -29.64 34.34 -16.03
C ASP A 411 -29.58 35.55 -16.98
N GLY A 412 -29.82 35.31 -18.26
CA GLY A 412 -29.98 36.39 -19.22
C GLY A 412 -28.76 36.84 -20.02
N MET A 413 -27.60 36.29 -19.72
CA MET A 413 -26.37 36.69 -20.39
C MET A 413 -25.46 35.50 -20.68
N TYR A 414 -24.62 35.64 -21.70
CA TYR A 414 -23.58 34.64 -21.94
C TYR A 414 -22.42 34.76 -20.93
N ARG A 415 -22.44 33.87 -19.94
CA ARG A 415 -21.43 33.83 -18.87
C ARG A 415 -21.54 32.44 -18.25
N CYS A 416 -20.59 32.08 -17.40
CA CYS A 416 -20.58 30.73 -16.85
C CYS A 416 -19.66 30.67 -15.64
N GLY A 417 -20.24 30.34 -14.50
CA GLY A 417 -19.48 30.23 -13.26
C GLY A 417 -19.51 31.46 -12.35
N PRO A 418 -18.83 31.39 -11.20
CA PRO A 418 -18.01 30.25 -10.78
C PRO A 418 -18.83 29.06 -10.34
N ALA A 419 -18.46 27.90 -10.86
CA ALA A 419 -19.00 26.59 -10.47
C ALA A 419 -17.91 25.87 -9.69
N SER A 420 -18.21 25.43 -8.46
CA SER A 420 -17.24 24.67 -7.67
C SER A 420 -16.92 23.34 -8.35
N VAL A 421 -15.67 23.11 -8.69
CA VAL A 421 -15.27 21.85 -9.29
C VAL A 421 -15.58 20.66 -8.36
N GLN A 422 -15.48 20.88 -7.04
CA GLN A 422 -15.75 19.83 -6.07
C GLN A 422 -17.25 19.50 -6.07
N ALA A 423 -18.10 20.51 -6.26
CA ALA A 423 -19.53 20.28 -6.31
C ALA A 423 -19.84 19.46 -7.56
N ILE A 424 -19.18 19.82 -8.66
CA ILE A 424 -19.37 19.13 -9.93
C ILE A 424 -19.00 17.65 -9.82
N LYS A 425 -17.90 17.35 -9.14
CA LYS A 425 -17.39 15.98 -9.01
C LYS A 425 -18.39 15.02 -8.38
N HIS A 426 -19.16 15.51 -7.42
CA HIS A 426 -20.06 14.65 -6.64
C HIS A 426 -21.49 14.86 -7.09
N GLY A 427 -21.67 15.62 -8.16
CA GLY A 427 -22.98 15.84 -8.74
C GLY A 427 -23.86 16.81 -7.97
N HIS A 428 -23.29 17.55 -7.03
CA HIS A 428 -24.08 18.52 -6.28
C HIS A 428 -24.22 19.82 -7.06
N VAL A 429 -24.86 19.73 -8.22
CA VAL A 429 -24.91 20.82 -9.19
C VAL A 429 -25.96 21.89 -8.85
N CYS A 430 -26.68 21.67 -7.76
CA CYS A 430 -27.57 22.65 -7.20
C CYS A 430 -26.85 23.90 -6.70
N PHE A 431 -25.55 23.81 -6.45
CA PHE A 431 -24.79 24.94 -5.91
C PHE A 431 -24.33 25.89 -7.02
N GLN A 432 -24.66 27.18 -6.89
CA GLN A 432 -24.41 28.21 -7.92
C GLN A 432 -22.90 28.34 -8.14
N PHE A 433 -22.46 28.74 -9.34
CA PHE A 433 -23.29 29.11 -10.51
C PHE A 433 -23.00 28.19 -11.71
N ASP A 434 -24.06 27.80 -12.42
CA ASP A 434 -23.93 27.10 -13.69
C ASP A 434 -23.28 25.73 -13.58
N ALA A 435 -23.30 25.13 -12.39
CA ALA A 435 -22.72 23.80 -12.24
C ALA A 435 -23.34 22.70 -13.13
N PRO A 436 -24.68 22.71 -13.35
CA PRO A 436 -25.23 21.70 -14.26
C PRO A 436 -24.65 21.74 -15.68
N PHE A 437 -24.48 22.94 -16.25
CA PHE A 437 -23.89 23.03 -17.58
C PHE A 437 -22.44 22.50 -17.61
N VAL A 438 -21.65 22.90 -16.63
CA VAL A 438 -20.26 22.46 -16.58
C VAL A 438 -20.20 20.94 -16.36
N PHE A 439 -21.10 20.43 -15.55
CA PHE A 439 -21.18 18.98 -15.37
C PHE A 439 -21.45 18.27 -16.72
N ALA A 440 -22.39 18.80 -17.49
CA ALA A 440 -22.70 18.17 -18.80
C ALA A 440 -21.50 18.27 -19.72
N GLU A 441 -20.75 19.36 -19.63
CA GLU A 441 -19.57 19.50 -20.48
C GLU A 441 -18.59 18.35 -20.25
N VAL A 442 -18.40 17.96 -18.98
CA VAL A 442 -17.37 16.98 -18.67
C VAL A 442 -17.89 15.54 -18.54
N ASN A 443 -19.20 15.35 -18.37
CA ASN A 443 -19.67 13.99 -18.08
C ASN A 443 -21.11 13.62 -18.46
N SER A 444 -21.71 14.31 -19.42
CA SER A 444 -23.04 13.94 -19.85
C SER A 444 -22.97 12.63 -20.65
N ASP A 445 -24.01 11.81 -20.54
CA ASP A 445 -24.13 10.62 -21.37
C ASP A 445 -24.63 11.03 -22.76
N LEU A 446 -24.39 10.18 -23.75
CA LEU A 446 -25.03 10.35 -25.06
C LEU A 446 -26.29 9.49 -25.12
N ILE A 447 -27.43 10.10 -25.41
CA ILE A 447 -28.69 9.37 -25.48
C ILE A 447 -29.22 9.37 -26.93
N TYR A 448 -29.10 8.24 -27.61
CA TYR A 448 -29.55 8.16 -28.99
C TYR A 448 -31.05 7.86 -29.05
N ILE A 449 -31.81 8.78 -29.63
CA ILE A 449 -33.26 8.74 -29.59
C ILE A 449 -33.87 8.70 -30.98
N THR A 450 -34.88 7.87 -31.17
CA THR A 450 -35.60 7.86 -32.43
C THR A 450 -36.92 8.59 -32.28
N ALA A 451 -37.05 9.73 -32.94
CA ALA A 451 -38.31 10.47 -32.94
C ALA A 451 -39.23 9.91 -34.03
N LYS A 452 -40.39 9.38 -33.60
CA LYS A 452 -41.33 8.69 -34.49
C LYS A 452 -42.63 9.46 -34.65
N LYS A 453 -43.37 9.19 -35.72
CA LYS A 453 -44.68 9.79 -35.93
C LYS A 453 -45.78 8.83 -35.49
N THR A 456 -44.12 10.18 -30.32
CA THR A 456 -43.50 9.07 -29.61
C THR A 456 -41.98 9.00 -29.80
N HIS A 457 -41.25 8.84 -28.71
CA HIS A 457 -39.78 8.87 -28.73
C HIS A 457 -39.14 7.60 -28.16
N VAL A 458 -38.36 6.88 -28.98
CA VAL A 458 -37.73 5.64 -28.53
C VAL A 458 -36.22 5.76 -28.29
N VAL A 459 -35.77 5.42 -27.07
CA VAL A 459 -34.34 5.39 -26.78
C VAL A 459 -33.71 4.15 -27.40
N GLU A 460 -32.59 4.35 -28.11
CA GLU A 460 -31.99 3.28 -28.89
C GLU A 460 -30.67 2.82 -28.29
N ASN A 461 -29.88 3.79 -27.81
CA ASN A 461 -28.60 3.47 -27.17
C ASN A 461 -28.15 4.56 -26.23
N VAL A 462 -27.25 4.20 -25.32
CA VAL A 462 -26.68 5.11 -24.36
C VAL A 462 -25.16 4.94 -24.36
N ASP A 463 -24.43 6.05 -24.57
CA ASP A 463 -22.98 6.04 -24.49
C ASP A 463 -22.53 6.82 -23.24
N ALA A 464 -21.97 6.08 -22.29
CA ALA A 464 -21.65 6.63 -20.97
C ALA A 464 -20.22 7.16 -20.84
N THR A 465 -19.38 6.97 -21.86
CA THR A 465 -17.95 7.21 -21.71
C THR A 465 -17.35 8.16 -22.75
N HIS A 466 -18.15 8.56 -23.73
CA HIS A 466 -17.66 9.40 -24.83
C HIS A 466 -17.16 10.78 -24.36
N ILE A 467 -18.00 11.46 -23.58
CA ILE A 467 -17.75 12.85 -23.18
C ILE A 467 -16.67 12.96 -22.12
N GLY A 468 -15.82 13.98 -22.24
CA GLY A 468 -14.86 14.33 -21.22
C GLY A 468 -13.81 13.26 -21.06
N LYS A 469 -13.13 12.93 -22.15
CA LYS A 469 -12.20 11.82 -22.15
C LYS A 469 -10.95 12.12 -21.32
N LEU A 470 -10.58 13.40 -21.26
CA LEU A 470 -9.35 13.84 -20.59
C LEU A 470 -9.46 15.35 -20.33
N ILE A 471 -9.09 15.77 -19.13
CA ILE A 471 -9.02 17.19 -18.76
C ILE A 471 -7.61 17.53 -18.24
N VAL A 472 -6.97 18.54 -18.84
CA VAL A 472 -5.58 18.83 -18.51
C VAL A 472 -5.30 20.31 -18.27
N THR A 473 -4.20 20.60 -17.57
CA THR A 473 -3.76 21.98 -17.40
C THR A 473 -2.22 21.99 -17.38
N LYS A 474 -1.61 23.15 -17.55
CA LYS A 474 -0.14 23.23 -17.57
C LYS A 474 0.43 22.83 -16.21
N GLN A 475 1.50 22.05 -16.20
CA GLN A 475 2.10 21.65 -14.93
C GLN A 475 2.77 22.85 -14.25
N ILE A 476 2.98 22.73 -12.94
CA ILE A 476 3.78 23.72 -12.25
C ILE A 476 5.23 23.48 -12.63
N GLY A 477 5.97 24.53 -12.94
CA GLY A 477 7.41 24.39 -13.14
C GLY A 477 7.91 23.90 -14.49
N GLY A 478 7.00 23.60 -15.41
CA GLY A 478 7.40 23.15 -16.73
C GLY A 478 6.27 23.27 -17.74
N ASP A 479 6.55 22.93 -18.99
CA ASP A 479 5.53 23.06 -20.03
C ASP A 479 4.73 21.77 -20.21
N GLY A 480 4.92 20.84 -19.28
CA GLY A 480 4.23 19.56 -19.36
C GLY A 480 2.76 19.63 -19.00
N MET A 481 2.05 18.56 -19.31
CA MET A 481 0.62 18.46 -19.14
C MET A 481 0.33 17.85 -17.78
N MET A 482 -0.64 18.40 -17.06
CA MET A 482 -1.07 17.74 -15.84
C MET A 482 -2.51 17.24 -16.02
N ASP A 483 -2.72 15.95 -15.82
CA ASP A 483 -4.05 15.35 -15.92
C ASP A 483 -4.89 15.71 -14.70
N ILE A 484 -5.98 16.46 -14.88
CA ILE A 484 -6.85 16.80 -13.76
C ILE A 484 -8.29 16.28 -13.90
N THR A 485 -8.46 15.25 -14.72
CA THR A 485 -9.79 14.70 -15.01
C THR A 485 -10.51 14.30 -13.71
N ASP A 486 -9.72 13.71 -12.80
CA ASP A 486 -10.22 13.18 -11.52
C ASP A 486 -10.78 14.25 -10.61
N THR A 487 -10.43 15.51 -10.84
CA THR A 487 -10.96 16.60 -10.02
C THR A 487 -12.39 16.91 -10.43
N TYR A 488 -12.70 16.69 -11.72
CA TYR A 488 -14.03 16.95 -12.27
C TYR A 488 -15.00 15.76 -12.19
N LYS A 489 -14.46 14.55 -12.20
CA LYS A 489 -15.34 13.40 -12.30
C LYS A 489 -14.66 12.15 -11.78
N PHE A 490 -15.46 11.24 -11.22
CA PHE A 490 -14.93 9.92 -10.91
C PHE A 490 -14.57 9.20 -12.20
N GLN A 491 -13.73 8.18 -12.10
CA GLN A 491 -13.32 7.40 -13.28
C GLN A 491 -14.44 6.63 -13.96
N GLU A 492 -14.43 6.67 -15.29
CA GLU A 492 -15.38 5.91 -16.10
C GLU A 492 -15.35 4.44 -15.70
N GLY A 493 -16.52 3.82 -15.57
CA GLY A 493 -16.61 2.42 -15.25
C GLY A 493 -16.69 2.16 -13.76
N GLN A 494 -16.40 3.18 -12.95
CA GLN A 494 -16.56 3.06 -11.50
C GLN A 494 -18.00 3.35 -11.14
N GLU A 495 -18.52 2.65 -10.14
CA GLU A 495 -19.89 2.87 -9.67
C GLU A 495 -20.13 4.32 -9.21
N GLU A 496 -19.12 4.98 -8.66
CA GLU A 496 -19.28 6.35 -8.16
C GLU A 496 -19.55 7.32 -9.31
N GLU A 497 -19.00 7.01 -10.49
CA GLU A 497 -19.23 7.85 -11.66
C GLU A 497 -20.71 7.84 -12.04
N ARG A 498 -21.34 6.67 -11.94
CA ARG A 498 -22.77 6.58 -12.21
CA ARG A 498 -22.78 6.55 -12.19
C ARG A 498 -23.59 7.24 -11.10
N LEU A 499 -23.21 7.00 -9.84
CA LEU A 499 -23.96 7.55 -8.73
C LEU A 499 -23.90 9.09 -8.71
N ALA A 500 -22.74 9.64 -9.04
CA ALA A 500 -22.61 11.08 -9.07
C ALA A 500 -23.39 11.66 -10.26
N LEU A 501 -23.41 10.94 -11.38
CA LEU A 501 -24.18 11.43 -12.53
C LEU A 501 -25.66 11.45 -12.20
N GLU A 502 -26.13 10.38 -11.54
CA GLU A 502 -27.53 10.27 -11.19
C GLU A 502 -27.92 11.32 -10.16
N THR A 503 -26.98 11.64 -9.27
CA THR A 503 -27.15 12.77 -8.38
C THR A 503 -27.29 14.10 -9.16
N ALA A 504 -26.39 14.34 -10.11
CA ALA A 504 -26.45 15.54 -10.95
C ALA A 504 -27.78 15.64 -11.69
N LEU A 505 -28.22 14.53 -12.28
CA LEU A 505 -29.49 14.54 -13.01
C LEU A 505 -30.63 14.90 -12.07
N MET A 506 -30.55 14.38 -10.85
CA MET A 506 -31.53 14.62 -9.81
C MET A 506 -31.65 16.11 -9.50
N TYR A 507 -30.53 16.74 -9.18
CA TYR A 507 -30.54 18.16 -8.88
C TYR A 507 -30.88 18.98 -10.12
N GLY A 508 -30.58 18.41 -11.29
CA GLY A 508 -31.02 18.97 -12.56
C GLY A 508 -30.52 20.38 -12.79
N SER A 523 -40.04 6.47 -3.19
CA SER A 523 -39.63 5.16 -2.68
C SER A 523 -39.92 5.01 -1.18
N ASN A 524 -40.11 6.14 -0.50
CA ASN A 524 -40.42 6.14 0.92
C ASN A 524 -39.25 5.59 1.74
N VAL A 525 -38.03 5.85 1.25
CA VAL A 525 -36.80 5.60 1.98
C VAL A 525 -36.15 6.91 2.39
N ASP A 526 -35.81 7.04 3.67
CA ASP A 526 -35.07 8.20 4.19
C ASP A 526 -33.64 7.77 4.48
N MET A 527 -32.67 8.63 4.17
CA MET A 527 -31.27 8.39 4.49
CA MET A 527 -31.28 8.39 4.52
C MET A 527 -30.69 9.57 5.26
N ASP A 528 -29.95 9.29 6.32
CA ASP A 528 -29.25 10.36 7.00
C ASP A 528 -27.96 9.76 7.44
N PHE A 529 -27.04 10.58 7.89
CA PHE A 529 -25.84 10.07 8.53
C PHE A 529 -25.35 11.00 9.62
N GLU A 530 -24.64 10.43 10.58
CA GLU A 530 -24.09 11.18 11.67
C GLU A 530 -22.68 10.66 11.87
N VAL A 531 -21.77 11.55 12.25
CA VAL A 531 -20.47 11.09 12.65
C VAL A 531 -20.48 11.08 14.18
N GLU A 532 -20.24 9.91 14.75
CA GLU A 532 -20.43 9.70 16.18
C GLU A 532 -19.17 9.92 17.01
N ASN A 533 -19.22 10.91 17.91
CA ASN A 533 -18.16 11.17 18.90
C ASN A 533 -16.76 11.18 18.29
N ALA A 534 -16.54 12.10 17.36
CA ALA A 534 -15.32 12.08 16.58
C ALA A 534 -14.25 12.90 17.27
N VAL A 535 -13.25 12.20 17.78
CA VAL A 535 -12.16 12.86 18.47
C VAL A 535 -10.90 12.77 17.62
N LEU A 536 -10.25 13.92 17.45
CA LEU A 536 -8.95 14.01 16.81
C LEU A 536 -7.93 13.08 17.46
N GLY A 537 -7.33 12.19 16.67
CA GLY A 537 -6.31 11.30 17.19
C GLY A 537 -6.81 9.89 17.44
N LYS A 538 -8.06 9.63 17.10
CA LYS A 538 -8.70 8.34 17.35
C LYS A 538 -9.52 7.83 16.15
N ASP A 539 -9.75 6.51 16.08
CA ASP A 539 -10.69 5.97 15.10
C ASP A 539 -12.05 6.56 15.43
N PHE A 540 -12.93 6.65 14.45
CA PHE A 540 -14.33 6.97 14.75
C PHE A 540 -15.31 6.35 13.76
N LYS A 541 -16.59 6.38 14.09
CA LYS A 541 -17.58 5.75 13.23
C LYS A 541 -18.39 6.80 12.48
N LEU A 542 -18.57 6.55 11.18
CA LEU A 542 -19.56 7.25 10.39
C LEU A 542 -20.78 6.35 10.29
N SER A 543 -21.90 6.82 10.82
CA SER A 543 -23.11 6.04 10.91
C SER A 543 -24.15 6.50 9.88
N ILE A 544 -24.42 5.64 8.90
CA ILE A 544 -25.38 5.94 7.85
C ILE A 544 -26.68 5.19 8.13
N THR A 545 -27.80 5.91 8.22
CA THR A 545 -29.07 5.27 8.56
CA THR A 545 -29.08 5.28 8.56
C THR A 545 -30.06 5.30 7.40
N PHE A 546 -30.70 4.16 7.14
CA PHE A 546 -31.77 4.08 6.16
C PHE A 546 -33.07 3.73 6.85
N ARG A 547 -34.12 4.53 6.61
CA ARG A 547 -35.45 4.20 7.10
C ARG A 547 -36.39 3.87 5.95
N ASN A 548 -36.88 2.64 5.95
CA ASN A 548 -37.78 2.16 4.94
C ASN A 548 -39.19 2.13 5.50
N ASN A 549 -39.98 3.14 5.14
CA ASN A 549 -41.37 3.24 5.58
C ASN A 549 -42.36 2.50 4.69
N SER A 550 -41.86 1.93 3.59
CA SER A 550 -42.70 1.17 2.66
C SER A 550 -42.79 -0.30 3.02
N HIS A 551 -43.70 -1.00 2.34
CA HIS A 551 -43.85 -2.44 2.49
C HIS A 551 -43.00 -3.24 1.51
N ASN A 552 -42.08 -2.56 0.81
CA ASN A 552 -41.21 -3.22 -0.18
C ASN A 552 -39.82 -3.55 0.36
N ARG A 553 -39.18 -4.58 -0.19
CA ARG A 553 -37.75 -4.78 0.06
C ARG A 553 -37.01 -4.02 -1.02
N TYR A 554 -36.00 -3.24 -0.63
CA TYR A 554 -35.19 -2.53 -1.62
C TYR A 554 -33.75 -2.97 -1.53
N THR A 555 -33.01 -2.76 -2.62
CA THR A 555 -31.56 -2.92 -2.54
C THR A 555 -30.91 -1.55 -2.79
N ILE A 556 -29.84 -1.27 -2.07
CA ILE A 556 -29.15 0.01 -2.15
C ILE A 556 -27.74 -0.17 -2.69
N THR A 557 -27.33 0.73 -3.58
CA THR A 557 -25.94 0.79 -4.01
C THR A 557 -25.49 2.21 -3.71
N ALA A 558 -24.38 2.35 -2.99
CA ALA A 558 -24.07 3.66 -2.46
C ALA A 558 -22.59 3.88 -2.48
N TYR A 559 -22.17 5.14 -2.35
CA TYR A 559 -20.76 5.42 -2.00
C TYR A 559 -20.61 6.46 -0.90
N LEU A 560 -19.47 6.40 -0.23
CA LEU A 560 -19.09 7.37 0.78
C LEU A 560 -17.78 8.03 0.35
N SER A 561 -17.68 9.35 0.48
CA SER A 561 -16.43 10.08 0.26
C SER A 561 -16.13 10.96 1.48
N ALA A 562 -15.00 10.71 2.14
CA ALA A 562 -14.57 11.46 3.30
C ALA A 562 -13.36 12.30 2.95
N ASN A 563 -13.40 13.57 3.33
CA ASN A 563 -12.46 14.57 2.87
C ASN A 563 -11.97 15.47 4.03
N ILE A 564 -10.74 15.96 3.92
CA ILE A 564 -10.22 16.99 4.81
C ILE A 564 -10.43 18.31 4.07
N THR A 565 -10.86 19.34 4.81
CA THR A 565 -11.20 20.64 4.28
C THR A 565 -10.51 21.65 5.19
N PHE A 566 -9.95 22.71 4.62
CA PHE A 566 -9.42 23.81 5.42
C PHE A 566 -10.58 24.52 6.16
N TYR A 567 -10.28 25.26 7.24
CA TYR A 567 -11.35 25.90 8.00
C TYR A 567 -12.18 26.88 7.16
N THR A 568 -11.54 27.52 6.18
CA THR A 568 -12.24 28.44 5.26
C THR A 568 -13.14 27.73 4.24
N GLY A 569 -13.19 26.41 4.31
CA GLY A 569 -14.07 25.66 3.41
C GLY A 569 -13.47 25.21 2.09
N VAL A 570 -12.19 25.50 1.89
CA VAL A 570 -11.42 25.00 0.74
C VAL A 570 -11.11 23.51 0.93
N PRO A 571 -11.39 22.68 -0.07
CA PRO A 571 -11.12 21.25 0.07
C PRO A 571 -9.62 20.97 0.00
N LYS A 572 -9.16 19.96 0.73
CA LYS A 572 -7.74 19.60 0.70
C LYS A 572 -7.50 18.24 0.04
N ALA A 573 -8.14 17.20 0.57
CA ALA A 573 -7.97 15.88 -0.03
C ALA A 573 -9.05 14.93 0.39
N GLU A 574 -9.31 13.94 -0.46
CA GLU A 574 -10.19 12.84 -0.11
C GLU A 574 -9.29 11.83 0.59
N PHE A 575 -9.66 11.41 1.79
CA PHE A 575 -8.82 10.46 2.54
C PHE A 575 -9.44 9.07 2.64
N LYS A 576 -10.71 8.96 2.29
CA LYS A 576 -11.40 7.67 2.27
C LYS A 576 -12.55 7.68 1.25
N LYS A 577 -12.69 6.60 0.50
CA LYS A 577 -13.78 6.46 -0.44
C LYS A 577 -14.21 5.00 -0.48
N GLU A 578 -15.47 4.71 -0.19
CA GLU A 578 -15.95 3.33 -0.26
C GLU A 578 -17.29 3.28 -0.98
N THR A 579 -17.52 2.18 -1.69
CA THR A 579 -18.83 1.88 -2.24
C THR A 579 -19.39 0.73 -1.42
N PHE A 580 -20.71 0.64 -1.31
CA PHE A 580 -21.29 -0.50 -0.61
C PHE A 580 -22.71 -0.81 -1.08
N ASP A 581 -23.12 -2.04 -0.81
CA ASP A 581 -24.46 -2.49 -1.10
C ASP A 581 -25.13 -2.87 0.19
N VAL A 582 -26.39 -2.54 0.32
CA VAL A 582 -27.15 -2.96 1.49
C VAL A 582 -28.56 -3.32 1.06
N THR A 583 -29.17 -4.27 1.74
CA THR A 583 -30.55 -4.62 1.46
C THR A 583 -31.41 -4.01 2.55
N LEU A 584 -32.52 -3.42 2.14
CA LEU A 584 -33.40 -2.73 3.08
C LEU A 584 -34.72 -3.48 3.20
N GLU A 585 -34.90 -4.18 4.32
CA GLU A 585 -36.17 -4.85 4.60
C GLU A 585 -37.31 -3.85 4.74
N PRO A 586 -38.54 -4.29 4.47
CA PRO A 586 -39.69 -3.38 4.62
C PRO A 586 -39.86 -2.93 6.08
N LEU A 587 -40.48 -1.77 6.27
CA LEU A 587 -40.93 -1.34 7.60
C LEU A 587 -39.83 -1.45 8.64
N SER A 588 -38.67 -0.88 8.31
CA SER A 588 -37.49 -1.07 9.14
C SER A 588 -36.51 0.10 9.07
N PHE A 589 -35.64 0.19 10.07
CA PHE A 589 -34.55 1.14 10.10
C PHE A 589 -33.25 0.35 10.11
N LYS A 590 -32.31 0.73 9.27
CA LYS A 590 -31.03 0.03 9.21
C LYS A 590 -29.86 0.99 9.32
N LYS A 591 -28.94 0.72 10.26
CA LYS A 591 -27.71 1.48 10.37
C LYS A 591 -26.54 0.72 9.74
N GLU A 592 -25.71 1.45 8.99
CA GLU A 592 -24.47 0.91 8.42
C GLU A 592 -23.29 1.69 9.01
N ALA A 593 -22.53 1.03 9.86
CA ALA A 593 -21.40 1.66 10.53
C ALA A 593 -20.15 1.57 9.66
N VAL A 594 -19.58 2.71 9.34
CA VAL A 594 -18.32 2.72 8.60
C VAL A 594 -17.21 3.19 9.53
N LEU A 595 -16.22 2.32 9.75
CA LEU A 595 -15.09 2.67 10.60
C LEU A 595 -14.12 3.55 9.82
N ILE A 596 -13.73 4.67 10.43
CA ILE A 596 -12.70 5.54 9.89
C ILE A 596 -11.53 5.52 10.85
N GLN A 597 -10.43 4.89 10.42
CA GLN A 597 -9.30 4.72 11.33
C GLN A 597 -8.44 5.95 11.34
N ALA A 598 -7.79 6.20 12.48
CA ALA A 598 -6.97 7.39 12.68
C ALA A 598 -5.89 7.49 11.61
N GLY A 599 -5.32 6.37 11.22
CA GLY A 599 -4.29 6.36 10.19
C GLY A 599 -4.77 6.84 8.83
N GLU A 600 -6.09 6.85 8.62
CA GLU A 600 -6.61 7.24 7.32
C GLU A 600 -6.65 8.76 7.16
N TYR A 601 -6.77 9.51 8.25
CA TYR A 601 -6.89 10.95 8.17
C TYR A 601 -5.74 11.72 8.88
N MET A 602 -5.15 11.13 9.92
CA MET A 602 -4.17 11.85 10.76
C MET A 602 -2.94 12.38 10.01
N GLY A 603 -2.60 11.76 8.89
CA GLY A 603 -1.45 12.17 8.12
C GLY A 603 -1.73 13.41 7.28
N GLN A 604 -3.00 13.80 7.20
CA GLN A 604 -3.38 14.89 6.29
C GLN A 604 -4.10 16.05 6.97
N LEU A 605 -4.11 16.07 8.29
CA LEU A 605 -4.76 17.16 9.01
C LEU A 605 -3.94 18.44 9.04
N LEU A 606 -4.62 19.55 9.31
CA LEU A 606 -3.97 20.84 9.60
C LEU A 606 -4.88 21.66 10.51
N GLU A 607 -4.33 22.75 11.03
CA GLU A 607 -5.01 23.57 12.05
C GLU A 607 -6.41 23.97 11.64
N GLN A 608 -7.40 23.53 12.42
CA GLN A 608 -8.79 23.99 12.29
C GLN A 608 -9.40 23.45 11.01
N ALA A 609 -8.76 22.46 10.42
CA ALA A 609 -9.38 21.72 9.33
C ALA A 609 -10.66 21.03 9.83
N SER A 610 -11.63 20.88 8.95
CA SER A 610 -12.82 20.13 9.28
C SER A 610 -12.86 18.85 8.42
N LEU A 611 -13.87 18.03 8.60
CA LEU A 611 -14.03 16.83 7.76
C LEU A 611 -15.30 16.99 6.91
N HIS A 612 -15.25 16.62 5.62
CA HIS A 612 -16.41 16.78 4.72
C HIS A 612 -16.81 15.42 4.17
N PHE A 613 -18.04 15.02 4.42
CA PHE A 613 -18.54 13.73 3.98
C PHE A 613 -19.64 13.82 2.90
N PHE A 614 -19.52 13.01 1.86
CA PHE A 614 -20.56 12.86 0.87
C PHE A 614 -21.08 11.42 0.95
N VAL A 615 -22.39 11.25 1.14
CA VAL A 615 -22.99 9.92 0.99
C VAL A 615 -24.07 10.00 -0.09
N THR A 616 -23.93 9.18 -1.10
CA THR A 616 -24.92 9.08 -2.15
C THR A 616 -25.38 7.63 -2.32
N ALA A 617 -26.69 7.40 -2.16
CA ALA A 617 -27.25 6.07 -2.28
C ALA A 617 -28.33 6.00 -3.36
N ARG A 618 -28.29 4.95 -4.17
CA ARG A 618 -29.36 4.71 -5.13
C ARG A 618 -30.22 3.56 -4.66
N ILE A 619 -31.52 3.76 -4.64
CA ILE A 619 -32.43 2.64 -4.47
C ILE A 619 -32.59 1.97 -5.84
N ASN A 620 -32.03 0.77 -5.96
CA ASN A 620 -31.87 0.10 -7.23
C ASN A 620 -33.17 -0.17 -8.00
N GLU A 621 -34.20 -0.63 -7.31
CA GLU A 621 -35.45 -1.01 -7.97
C GLU A 621 -36.15 0.21 -8.53
N THR A 622 -35.99 1.35 -7.88
CA THR A 622 -36.71 2.55 -8.28
C THR A 622 -35.84 3.60 -8.94
N ARG A 623 -34.52 3.36 -8.94
CA ARG A 623 -33.55 4.31 -9.44
C ARG A 623 -33.51 5.64 -8.65
N ASP A 624 -34.29 5.71 -7.58
CA ASP A 624 -34.27 6.86 -6.68
C ASP A 624 -32.88 7.12 -6.12
N VAL A 625 -32.51 8.39 -6.03
CA VAL A 625 -31.22 8.77 -5.49
C VAL A 625 -31.35 9.60 -4.21
N LEU A 626 -30.58 9.23 -3.19
CA LEU A 626 -30.54 9.96 -1.93
C LEU A 626 -29.12 10.44 -1.76
N ALA A 627 -28.95 11.75 -1.69
CA ALA A 627 -27.61 12.33 -1.65
C ALA A 627 -27.52 13.37 -0.54
N LYS A 628 -26.57 13.21 0.37
CA LYS A 628 -26.35 14.20 1.41
C LYS A 628 -24.88 14.57 1.51
N GLN A 629 -24.62 15.79 1.95
CA GLN A 629 -23.26 16.18 2.29
C GLN A 629 -23.28 16.94 3.61
N LYS A 630 -22.29 16.67 4.45
CA LYS A 630 -22.24 17.25 5.78
C LYS A 630 -20.80 17.43 6.13
N SER A 631 -20.51 18.45 6.94
CA SER A 631 -19.16 18.60 7.46
CA SER A 631 -19.16 18.60 7.46
C SER A 631 -19.16 18.55 8.98
N THR A 632 -18.05 18.12 9.55
CA THR A 632 -17.94 18.06 10.98
C THR A 632 -16.56 18.51 11.46
N VAL A 633 -16.52 19.06 12.65
CA VAL A 633 -15.27 19.42 13.29
C VAL A 633 -14.91 18.34 14.31
N LEU A 634 -13.69 17.82 14.25
CA LEU A 634 -13.25 16.85 15.25
C LEU A 634 -13.16 17.50 16.61
N THR A 635 -13.54 16.78 17.65
CA THR A 635 -13.32 17.24 19.01
C THR A 635 -11.82 17.23 19.25
N ILE A 636 -11.29 18.31 19.82
CA ILE A 636 -9.84 18.44 20.01
CA ILE A 636 -9.85 18.43 20.02
C ILE A 636 -9.45 18.31 21.48
N PRO A 637 -8.75 17.21 21.84
CA PRO A 637 -8.36 17.06 23.25
C PRO A 637 -7.31 18.10 23.63
N GLU A 638 -7.44 18.70 24.80
CA GLU A 638 -6.49 19.74 25.22
C GLU A 638 -5.30 19.16 25.99
N ILE A 639 -4.11 19.67 25.69
CA ILE A 639 -2.98 19.53 26.60
C ILE A 639 -2.63 20.93 27.07
N ILE A 640 -2.51 21.12 28.38
CA ILE A 640 -2.26 22.46 28.92
C ILE A 640 -0.84 22.56 29.47
N ILE A 641 -0.11 23.57 29.03
CA ILE A 641 1.24 23.81 29.50
C ILE A 641 1.27 25.08 30.30
N LYS A 642 1.87 25.02 31.49
CA LYS A 642 2.05 26.18 32.34
C LYS A 642 3.49 26.19 32.83
N VAL A 643 3.97 27.36 33.23
CA VAL A 643 5.33 27.46 33.76
C VAL A 643 5.28 28.06 35.17
N ARG A 644 6.14 27.57 36.04
CA ARG A 644 6.23 28.04 37.40
C ARG A 644 7.69 28.34 37.68
N GLY A 645 7.98 29.56 38.12
CA GLY A 645 9.36 29.98 38.35
C GLY A 645 9.79 31.00 37.31
N THR A 646 10.72 31.88 37.69
CA THR A 646 11.18 32.91 36.77
C THR A 646 11.93 32.33 35.56
N GLN A 647 11.51 32.78 34.38
CA GLN A 647 11.99 32.23 33.11
C GLN A 647 13.21 33.01 32.61
N VAL A 648 14.37 32.74 33.20
CA VAL A 648 15.61 33.43 32.85
C VAL A 648 16.69 32.44 32.46
N VAL A 649 17.20 32.56 31.24
CA VAL A 649 18.25 31.69 30.72
C VAL A 649 19.39 31.53 31.72
N GLY A 650 19.62 30.29 32.15
CA GLY A 650 20.67 30.01 33.12
C GLY A 650 20.16 29.55 34.47
N SER A 651 18.88 29.73 34.73
CA SER A 651 18.27 29.30 35.99
C SER A 651 17.12 28.33 35.76
N ASP A 652 16.73 27.60 36.80
CA ASP A 652 15.71 26.56 36.68
C ASP A 652 14.27 27.08 36.64
N MET A 653 13.48 26.53 35.72
CA MET A 653 12.04 26.76 35.69
C MET A 653 11.28 25.45 35.62
N THR A 654 10.12 25.40 36.25
CA THR A 654 9.31 24.18 36.24
C THR A 654 8.18 24.27 35.23
N VAL A 655 8.18 23.34 34.27
CA VAL A 655 7.12 23.26 33.28
C VAL A 655 6.10 22.24 33.77
N ILE A 656 4.84 22.63 33.78
CA ILE A 656 3.77 21.71 34.17
C ILE A 656 2.88 21.39 32.98
N VAL A 657 2.91 20.12 32.57
CA VAL A 657 2.12 19.65 31.45
C VAL A 657 0.92 18.90 32.01
N GLU A 658 -0.27 19.35 31.63
CA GLU A 658 -1.48 18.75 32.15
C GLU A 658 -2.27 18.13 31.00
N PHE A 659 -2.76 16.91 31.22
CA PHE A 659 -3.56 16.25 30.20
C PHE A 659 -4.76 15.55 30.83
N THR A 660 -5.93 15.78 30.26
CA THR A 660 -7.16 15.15 30.72
C THR A 660 -7.64 14.16 29.66
N ASN A 661 -7.93 12.94 30.09
CA ASN A 661 -8.46 11.93 29.17
C ASN A 661 -9.85 12.35 28.68
N PRO A 662 -9.98 12.63 27.37
CA PRO A 662 -11.27 13.06 26.84
C PRO A 662 -12.25 11.92 26.58
N LEU A 663 -11.82 10.66 26.70
CA LEU A 663 -12.67 9.53 26.32
C LEU A 663 -13.41 8.87 27.49
N LYS A 664 -14.40 8.05 27.17
CA LYS A 664 -15.09 7.24 28.16
C LYS A 664 -14.37 5.90 28.26
N GLU A 665 -13.16 5.85 27.73
CA GLU A 665 -12.37 4.63 27.71
C GLU A 665 -11.02 4.86 28.36
N THR A 666 -10.48 3.82 28.97
CA THR A 666 -9.16 3.91 29.61
C THR A 666 -8.04 4.02 28.57
N LEU A 667 -7.21 5.05 28.70
CA LEU A 667 -6.02 5.17 27.85
C LEU A 667 -4.90 4.29 28.44
N ARG A 668 -4.14 3.62 27.58
CA ARG A 668 -3.10 2.73 28.06
C ARG A 668 -1.77 3.07 27.41
N ASN A 669 -0.69 2.93 28.19
CA ASN A 669 0.67 3.21 27.70
C ASN A 669 0.79 4.60 27.09
N VAL A 670 0.34 5.60 27.85
CA VAL A 670 0.39 7.00 27.43
C VAL A 670 1.80 7.55 27.52
N TRP A 671 2.33 8.04 26.41
CA TRP A 671 3.61 8.75 26.42
C TRP A 671 3.37 10.22 26.24
N VAL A 672 3.84 11.02 27.19
CA VAL A 672 3.79 12.48 27.02
C VAL A 672 5.19 13.00 26.70
N HIS A 673 5.31 13.89 25.70
CA HIS A 673 6.61 14.41 25.34
CA HIS A 673 6.60 14.40 25.28
C HIS A 673 6.64 15.92 25.54
N LEU A 674 7.83 16.43 25.86
CA LEU A 674 7.99 17.87 26.03
C LEU A 674 9.18 18.28 25.22
N ASP A 675 8.98 19.31 24.42
CA ASP A 675 9.98 19.75 23.49
C ASP A 675 10.04 21.26 23.61
N GLY A 676 11.21 21.84 23.44
CA GLY A 676 11.36 23.27 23.57
C GLY A 676 12.77 23.68 23.21
N PRO A 677 13.04 23.84 21.91
CA PRO A 677 14.35 24.04 21.27
C PRO A 677 15.32 24.96 22.01
N GLY A 678 14.82 25.99 22.68
CA GLY A 678 15.69 26.82 23.49
C GLY A 678 15.60 26.51 24.98
N VAL A 679 14.45 25.98 25.40
CA VAL A 679 14.14 25.86 26.83
C VAL A 679 14.56 24.53 27.44
N THR A 680 14.22 23.44 26.77
CA THR A 680 14.50 22.14 27.34
C THR A 680 15.09 21.14 26.38
N ARG A 681 16.08 20.40 26.88
CA ARG A 681 16.41 19.13 26.29
C ARG A 681 15.07 18.39 26.27
N PRO A 682 14.78 17.68 25.19
CA PRO A 682 13.51 16.96 24.97
C PRO A 682 13.31 15.83 25.99
N MET A 683 12.09 15.70 26.51
CA MET A 683 11.87 14.80 27.63
C MET A 683 10.56 14.06 27.46
N LYS A 684 10.44 12.94 28.18
CA LYS A 684 9.27 12.08 28.11
C LYS A 684 8.81 11.57 29.47
N LYS A 685 7.50 11.48 29.63
CA LYS A 685 6.95 10.81 30.80
C LYS A 685 5.90 9.82 30.33
N MET A 686 5.92 8.65 30.94
CA MET A 686 5.01 7.59 30.57
C MET A 686 3.98 7.32 31.68
N PHE A 687 2.72 7.21 31.29
CA PHE A 687 1.66 6.84 32.22
C PHE A 687 1.08 5.53 31.76
N ARG A 688 1.23 4.47 32.56
CA ARG A 688 0.76 3.14 32.22
C ARG A 688 -0.74 3.16 31.89
N GLU A 689 -1.48 3.97 32.62
CA GLU A 689 -2.92 3.99 32.48
C GLU A 689 -3.49 5.33 32.92
N ILE A 690 -4.38 5.89 32.11
CA ILE A 690 -5.17 7.05 32.54
C ILE A 690 -6.66 6.68 32.47
N ARG A 691 -7.33 6.70 33.61
CA ARG A 691 -8.76 6.37 33.68
C ARG A 691 -9.62 7.38 32.89
N PRO A 692 -10.87 6.98 32.56
CA PRO A 692 -11.77 7.89 31.83
C PRO A 692 -11.98 9.25 32.51
N ASN A 693 -11.96 10.31 31.71
CA ASN A 693 -12.18 11.68 32.20
C ASN A 693 -11.22 12.13 33.30
N SER A 694 -10.11 11.41 33.47
CA SER A 694 -9.14 11.71 34.52
C SER A 694 -8.00 12.61 34.04
N THR A 695 -7.42 13.36 34.97
CA THR A 695 -6.36 14.31 34.64
C THR A 695 -5.00 13.89 35.18
N VAL A 696 -3.96 14.04 34.36
CA VAL A 696 -2.59 13.83 34.81
C VAL A 696 -1.77 15.11 34.70
N GLN A 697 -0.80 15.24 35.61
CA GLN A 697 0.16 16.31 35.54
C GLN A 697 1.59 15.82 35.59
N TRP A 698 2.42 16.48 34.80
CA TRP A 698 3.83 16.15 34.74
C TRP A 698 4.62 17.43 35.01
N GLU A 699 5.48 17.40 36.01
CA GLU A 699 6.35 18.53 36.27
C GLU A 699 7.76 18.24 35.79
N GLU A 700 8.25 19.08 34.91
CA GLU A 700 9.59 18.90 34.40
C GLU A 700 10.42 20.15 34.63
N VAL A 701 11.55 19.97 35.30
CA VAL A 701 12.45 21.08 35.55
C VAL A 701 13.35 21.29 34.34
N CYS A 702 13.39 22.53 33.86
CA CYS A 702 14.13 22.90 32.67
C CYS A 702 15.08 24.06 32.97
N ARG A 703 16.12 24.21 32.15
CA ARG A 703 16.99 25.39 32.23
C ARG A 703 17.27 25.92 30.82
N PRO A 704 16.72 27.10 30.49
CA PRO A 704 16.82 27.62 29.13
C PRO A 704 18.26 27.99 28.75
N TRP A 705 18.63 27.78 27.49
CA TRP A 705 19.96 28.20 27.01
C TRP A 705 19.90 29.22 25.85
N VAL A 706 18.69 29.61 25.46
CA VAL A 706 18.49 30.63 24.44
C VAL A 706 17.38 31.62 24.82
N SER A 707 17.77 32.87 25.11
CA SER A 707 16.83 33.90 25.57
C SER A 707 15.80 34.30 24.53
N GLY A 708 14.84 35.12 24.93
CA GLY A 708 13.89 35.71 23.99
C GLY A 708 12.60 34.93 23.79
N HIS A 709 12.04 35.03 22.59
CA HIS A 709 10.80 34.36 22.24
C HIS A 709 11.05 32.88 21.95
N ARG A 710 10.89 32.05 22.98
CA ARG A 710 10.98 30.61 22.82
C ARG A 710 9.61 29.95 22.89
N LYS A 711 9.56 28.63 22.81
CA LYS A 711 8.29 27.92 22.73
C LYS A 711 8.39 26.50 23.28
N LEU A 712 7.33 26.08 23.96
CA LEU A 712 7.21 24.72 24.51
C LEU A 712 6.11 23.96 23.79
N ILE A 713 6.41 22.74 23.36
CA ILE A 713 5.45 21.92 22.66
C ILE A 713 5.29 20.58 23.35
N ALA A 714 4.05 20.23 23.69
CA ALA A 714 3.77 18.97 24.32
C ALA A 714 3.03 18.06 23.36
N SER A 715 3.28 16.75 23.48
CA SER A 715 2.64 15.73 22.65
C SER A 715 2.18 14.58 23.54
N MET A 716 1.09 13.93 23.15
CA MET A 716 0.58 12.77 23.87
C MET A 716 0.28 11.71 22.82
N SER A 717 0.79 10.50 23.03
CA SER A 717 0.36 9.34 22.25
C SER A 717 0.14 8.16 23.19
N SER A 718 -0.95 7.43 22.98
CA SER A 718 -1.22 6.19 23.72
C SER A 718 -1.53 5.07 22.74
N ASP A 719 -2.02 3.95 23.24
CA ASP A 719 -2.37 2.84 22.35
C ASP A 719 -3.55 3.15 21.43
N SER A 720 -4.49 3.97 21.89
CA SER A 720 -5.70 4.26 21.15
C SER A 720 -5.75 5.69 20.61
N LEU A 721 -5.47 6.65 21.49
CA LEU A 721 -5.50 8.06 21.15
C LEU A 721 -4.07 8.56 20.93
N ARG A 722 -3.80 9.18 19.79
CA ARG A 722 -2.42 9.49 19.41
C ARG A 722 -2.23 10.87 18.77
N HIS A 723 -1.07 11.46 19.02
CA HIS A 723 -0.64 12.65 18.30
C HIS A 723 -1.59 13.83 18.48
N VAL A 724 -1.87 14.08 19.75
CA VAL A 724 -2.56 15.24 20.26
C VAL A 724 -1.48 16.19 20.85
N TYR A 725 -1.59 17.50 20.61
CA TYR A 725 -0.52 18.40 21.03
C TYR A 725 -1.01 19.60 21.83
N GLY A 726 -0.09 20.19 22.57
CA GLY A 726 -0.31 21.46 23.26
C GLY A 726 0.91 22.33 23.02
N GLU A 727 0.76 23.63 23.23
CA GLU A 727 1.87 24.54 23.02
C GLU A 727 1.75 25.81 23.85
N LEU A 728 2.88 26.45 24.12
CA LEU A 728 2.90 27.67 24.91
C LEU A 728 4.10 28.50 24.54
N ASP A 729 3.88 29.70 24.05
CA ASP A 729 4.98 30.61 23.82
C ASP A 729 5.50 31.11 25.16
N VAL A 730 6.81 31.05 25.36
CA VAL A 730 7.41 31.57 26.58
C VAL A 730 8.48 32.61 26.27
N GLN A 731 8.60 33.61 27.13
CA GLN A 731 9.65 34.60 26.99
C GLN A 731 10.77 34.33 27.99
N ILE A 732 11.94 33.94 27.48
CA ILE A 732 13.09 33.74 28.36
C ILE A 732 13.79 35.06 28.63
N PRO B 22 -7.11 -4.45 -2.14
CA PRO B 22 -6.96 -5.21 -3.39
C PRO B 22 -5.83 -6.21 -3.21
N PRO B 23 -5.76 -7.24 -4.09
CA PRO B 23 -4.79 -8.32 -3.89
C PRO B 23 -3.31 -7.91 -3.98
N ASN B 24 -2.55 -8.26 -2.95
CA ASN B 24 -1.13 -7.98 -2.90
C ASN B 24 -0.40 -9.18 -3.50
N ASN B 25 -0.44 -9.27 -4.83
CA ASN B 25 0.06 -10.44 -5.52
C ASN B 25 1.22 -10.14 -6.46
N SER B 26 1.88 -9.02 -6.24
CA SER B 26 3.04 -8.66 -7.05
C SER B 26 4.19 -8.13 -6.20
N ASN B 27 5.33 -8.83 -6.26
CA ASN B 27 6.57 -8.41 -5.59
C ASN B 27 7.13 -7.18 -6.29
N ALA B 28 6.94 -7.11 -7.60
CA ALA B 28 7.45 -6.00 -8.39
C ALA B 28 6.77 -4.67 -8.06
N ALA B 29 5.51 -4.71 -7.67
CA ALA B 29 4.78 -3.46 -7.43
C ALA B 29 5.18 -2.93 -6.06
N GLU B 30 5.15 -1.62 -5.87
CA GLU B 30 5.50 -1.11 -4.55
C GLU B 30 4.62 0.05 -4.17
N ASP B 31 4.49 0.24 -2.86
CA ASP B 31 3.87 1.45 -2.38
C ASP B 31 4.97 2.46 -2.09
N ASP B 32 4.59 3.69 -1.79
CA ASP B 32 5.53 4.77 -1.57
C ASP B 32 5.40 5.11 -0.10
N LEU B 33 6.43 4.82 0.72
CA LEU B 33 6.31 5.15 2.14
C LEU B 33 6.81 6.58 2.40
N PRO B 34 6.03 7.37 3.13
CA PRO B 34 6.38 8.74 3.48
C PRO B 34 7.71 8.83 4.24
N THR B 35 8.50 9.86 3.96
CA THR B 35 9.76 10.03 4.66
C THR B 35 9.55 10.93 5.89
N VAL B 36 8.56 11.82 5.79
CA VAL B 36 8.25 12.72 6.87
C VAL B 36 6.77 12.55 7.17
N GLU B 37 6.47 11.59 8.03
CA GLU B 37 5.10 11.09 8.16
C GLU B 37 4.45 11.70 9.40
N LEU B 38 4.26 13.01 9.34
CA LEU B 38 3.76 13.80 10.46
C LEU B 38 2.30 13.46 10.73
N GLN B 39 1.89 13.57 11.98
CA GLN B 39 0.56 13.15 12.39
C GLN B 39 -0.16 14.23 13.17
N GLY B 40 -1.41 14.47 12.78
CA GLY B 40 -2.25 15.45 13.45
C GLY B 40 -1.85 16.86 13.12
N VAL B 41 -2.18 17.80 14.00
CA VAL B 41 -1.90 19.20 13.75
C VAL B 41 -0.63 19.55 14.48
N VAL B 42 0.51 19.25 13.85
CA VAL B 42 1.81 19.52 14.44
C VAL B 42 2.00 21.02 14.65
N PRO B 43 2.33 21.44 15.89
CA PRO B 43 2.51 22.88 16.13
C PRO B 43 3.68 23.46 15.33
N ARG B 44 3.57 24.74 14.96
CA ARG B 44 4.70 25.41 14.34
C ARG B 44 5.86 25.53 15.33
N GLY B 45 7.09 25.42 14.84
CA GLY B 45 8.24 25.60 15.73
C GLY B 45 8.90 24.31 16.20
N VAL B 46 8.47 23.16 15.68
CA VAL B 46 9.21 21.93 15.97
C VAL B 46 10.60 22.06 15.37
N ASN B 47 11.55 21.27 15.87
CA ASN B 47 12.83 21.13 15.18
C ASN B 47 13.13 19.63 14.95
N LEU B 48 12.94 19.16 13.74
CA LEU B 48 13.13 17.74 13.48
C LEU B 48 14.62 17.31 13.52
N GLN B 49 15.54 18.26 13.53
CA GLN B 49 16.95 17.93 13.63
C GLN B 49 17.30 17.36 15.03
N GLU B 50 16.37 17.52 15.96
CA GLU B 50 16.57 16.96 17.30
CA GLU B 50 16.51 16.96 17.31
C GLU B 50 16.50 15.44 17.23
N PHE B 51 15.90 14.90 16.17
CA PHE B 51 15.72 13.45 16.06
C PHE B 51 16.76 12.84 15.14
N LEU B 52 17.02 11.55 15.34
CA LEU B 52 18.03 10.88 14.54
C LEU B 52 17.62 10.92 13.08
N ASN B 53 18.57 11.18 12.20
CA ASN B 53 18.36 10.82 10.81
C ASN B 53 19.50 9.93 10.32
N VAL B 54 19.21 9.11 9.32
CA VAL B 54 20.16 8.10 8.88
C VAL B 54 21.05 8.69 7.79
N THR B 55 22.36 8.60 7.96
CA THR B 55 23.25 9.13 6.93
C THR B 55 23.72 8.01 5.99
N SER B 56 23.66 6.78 6.46
CA SER B 56 24.09 5.68 5.61
C SER B 56 23.63 4.33 6.17
N VAL B 57 23.42 3.36 5.28
CA VAL B 57 23.09 2.01 5.72
C VAL B 57 24.05 1.04 5.05
N HIS B 58 24.66 0.16 5.84
CA HIS B 58 25.64 -0.77 5.30
C HIS B 58 25.12 -2.18 5.50
N LEU B 59 24.99 -2.94 4.42
CA LEU B 59 24.48 -4.31 4.53
C LEU B 59 25.56 -5.38 4.47
N PHE B 60 26.81 -4.98 4.31
CA PHE B 60 27.93 -5.94 4.30
C PHE B 60 27.64 -7.06 3.33
N LYS B 61 27.28 -6.67 2.11
CA LYS B 61 26.65 -7.60 1.18
C LYS B 61 27.58 -8.16 0.10
N GLU B 62 28.88 -7.92 0.24
CA GLU B 62 29.81 -8.46 -0.74
C GLU B 62 29.82 -9.99 -0.66
N ARG B 63 30.11 -10.63 -1.78
CA ARG B 63 30.00 -12.08 -1.88
C ARG B 63 31.07 -12.84 -1.09
N TRP B 64 32.14 -12.16 -0.69
CA TRP B 64 33.18 -12.76 0.16
C TRP B 64 32.94 -12.55 1.66
N ASP B 65 31.91 -11.80 2.03
CA ASP B 65 31.71 -11.40 3.43
C ASP B 65 30.76 -12.37 4.14
N THR B 66 30.60 -12.20 5.45
CA THR B 66 30.01 -13.26 6.27
C THR B 66 28.52 -13.50 6.06
N ASN B 67 27.77 -12.45 5.70
CA ASN B 67 26.34 -12.59 5.47
C ASN B 67 26.08 -13.59 4.32
N LYS B 68 26.55 -13.28 3.12
CA LYS B 68 26.30 -14.17 1.99
C LYS B 68 26.99 -15.52 2.12
N VAL B 69 28.20 -15.53 2.68
CA VAL B 69 28.91 -16.79 2.88
C VAL B 69 28.15 -17.71 3.85
N ASP B 70 27.75 -17.16 4.98
CA ASP B 70 27.09 -17.97 6.00
C ASP B 70 25.66 -18.29 5.66
N HIS B 71 25.06 -17.48 4.80
CA HIS B 71 23.70 -17.75 4.36
C HIS B 71 23.68 -18.59 3.10
N HIS B 72 24.83 -19.01 2.60
CA HIS B 72 24.89 -19.82 1.38
C HIS B 72 24.25 -19.12 0.18
N THR B 73 24.52 -17.83 0.03
CA THR B 73 23.97 -17.08 -1.07
C THR B 73 25.05 -16.32 -1.85
N ASP B 74 26.30 -16.67 -1.61
CA ASP B 74 27.45 -16.01 -2.24
C ASP B 74 27.60 -16.32 -3.73
N LYS B 75 26.96 -17.39 -4.19
CA LYS B 75 27.05 -17.76 -5.61
C LYS B 75 26.17 -16.91 -6.53
N TYR B 76 25.10 -16.32 -6.00
CA TYR B 76 24.23 -15.52 -6.84
C TYR B 76 24.98 -14.36 -7.49
N GLU B 77 24.76 -14.19 -8.80
CA GLU B 77 25.25 -13.03 -9.53
C GLU B 77 24.20 -11.95 -9.39
N ASN B 78 24.28 -11.19 -8.32
CA ASN B 78 23.26 -10.24 -7.97
C ASN B 78 23.92 -9.49 -6.85
N ASN B 79 24.05 -8.18 -7.00
CA ASN B 79 24.82 -7.42 -6.02
C ASN B 79 24.01 -6.96 -4.81
N LYS B 80 22.73 -7.33 -4.73
CA LYS B 80 21.93 -6.96 -3.57
C LYS B 80 22.20 -7.97 -2.44
N LEU B 81 21.82 -7.59 -1.24
CA LEU B 81 21.91 -8.52 -0.14
C LEU B 81 20.92 -9.65 -0.37
N ILE B 82 21.39 -10.88 -0.20
CA ILE B 82 20.52 -12.03 -0.24
C ILE B 82 20.79 -12.87 1.00
N VAL B 83 19.73 -13.16 1.74
CA VAL B 83 19.83 -13.91 2.98
C VAL B 83 18.77 -14.97 2.96
N ARG B 84 18.89 -15.94 3.86
CA ARG B 84 17.88 -16.98 4.00
C ARG B 84 17.13 -16.81 5.30
N ARG B 85 15.84 -17.11 5.27
CA ARG B 85 14.98 -16.87 6.43
C ARG B 85 15.37 -17.67 7.70
N GLY B 86 15.00 -17.15 8.87
CA GLY B 86 15.30 -17.81 10.13
C GLY B 86 16.74 -17.77 10.65
N GLN B 87 17.57 -16.92 10.05
CA GLN B 87 19.00 -16.91 10.37
C GLN B 87 19.41 -15.47 10.46
N SER B 88 20.34 -15.16 11.36
CA SER B 88 20.73 -13.77 11.58
CA SER B 88 20.74 -13.77 11.59
C SER B 88 21.73 -13.26 10.54
N PHE B 89 21.70 -11.95 10.28
CA PHE B 89 22.69 -11.30 9.43
C PHE B 89 23.03 -9.92 9.99
N TYR B 90 24.17 -9.37 9.61
CA TYR B 90 24.62 -8.10 10.15
C TYR B 90 24.39 -6.93 9.21
N VAL B 91 24.02 -5.80 9.79
CA VAL B 91 23.92 -4.54 9.06
C VAL B 91 24.41 -3.45 9.98
N GLN B 92 24.80 -2.32 9.40
CA GLN B 92 25.26 -1.19 10.18
C GLN B 92 24.52 0.06 9.76
N ILE B 93 24.04 0.80 10.74
CA ILE B 93 23.33 2.04 10.45
C ILE B 93 24.16 3.18 11.00
N ASP B 94 24.37 4.21 10.18
CA ASP B 94 25.05 5.42 10.66
C ASP B 94 24.02 6.52 10.85
N PHE B 95 24.04 7.16 12.01
CA PHE B 95 23.09 8.21 12.29
C PHE B 95 23.79 9.56 12.36
N SER B 96 22.98 10.62 12.34
CA SER B 96 23.49 11.99 12.42
C SER B 96 24.27 12.26 13.72
N ARG B 97 23.89 11.58 14.81
CA ARG B 97 24.66 11.63 16.07
C ARG B 97 24.54 10.24 16.69
N PRO B 98 25.32 9.93 17.75
CA PRO B 98 25.19 8.56 18.26
C PRO B 98 23.78 8.24 18.80
N TYR B 99 23.28 7.07 18.43
CA TYR B 99 22.06 6.53 19.02
C TYR B 99 22.14 6.53 20.55
N ASP B 100 21.10 7.05 21.19
CA ASP B 100 21.01 7.06 22.64
C ASP B 100 19.68 6.44 23.04
N PRO B 101 19.72 5.23 23.60
CA PRO B 101 18.45 4.54 23.90
C PRO B 101 17.60 5.30 24.91
N ARG B 102 18.19 6.23 25.67
CA ARG B 102 17.38 6.99 26.60
C ARG B 102 16.51 8.00 25.87
N ARG B 103 16.94 8.41 24.68
CA ARG B 103 16.23 9.50 24.03
C ARG B 103 15.69 9.14 22.67
N ASP B 104 16.28 8.13 22.04
CA ASP B 104 15.93 7.76 20.65
C ASP B 104 15.18 6.43 20.56
N LEU B 105 14.32 6.32 19.55
CA LEU B 105 13.60 5.07 19.27
C LEU B 105 13.46 4.90 17.76
N PHE B 106 13.84 3.72 17.29
CA PHE B 106 13.74 3.43 15.87
C PHE B 106 13.50 1.96 15.65
N ARG B 107 13.11 1.60 14.42
CA ARG B 107 12.97 0.20 14.06
C ARG B 107 13.39 0.06 12.60
N VAL B 108 13.75 -1.14 12.18
CA VAL B 108 13.91 -1.42 10.75
C VAL B 108 12.58 -1.91 10.23
N GLU B 109 12.31 -1.69 8.93
CA GLU B 109 11.09 -2.15 8.28
C GLU B 109 11.43 -2.93 6.99
N TYR B 110 10.77 -4.07 6.78
CA TYR B 110 10.87 -4.75 5.49
C TYR B 110 9.49 -4.78 4.91
N VAL B 111 9.42 -4.42 3.63
CA VAL B 111 8.15 -4.16 3.00
C VAL B 111 8.12 -4.82 1.61
N ILE B 112 7.00 -5.44 1.27
CA ILE B 112 6.88 -6.11 -0.01
C ILE B 112 5.49 -5.96 -0.62
N GLY B 113 5.44 -5.59 -1.91
CA GLY B 113 4.18 -5.42 -2.62
C GLY B 113 3.64 -4.00 -2.58
N ARG B 114 2.54 -3.78 -3.29
CA ARG B 114 1.95 -2.45 -3.34
C ARG B 114 0.97 -2.25 -2.20
N TYR B 115 0.43 -3.35 -1.67
CA TYR B 115 -0.53 -3.27 -0.58
C TYR B 115 -0.07 -4.00 0.68
N PRO B 116 1.10 -3.62 1.24
CA PRO B 116 1.56 -4.42 2.39
C PRO B 116 0.69 -4.21 3.61
N GLN B 117 0.60 -5.26 4.43
CA GLN B 117 -0.13 -5.20 5.68
C GLN B 117 0.60 -6.00 6.73
N GLU B 118 0.63 -5.47 7.94
CA GLU B 118 1.33 -6.16 9.01
C GLU B 118 0.73 -7.54 9.30
N ASN B 119 -0.60 -7.63 9.40
CA ASN B 119 -1.25 -8.92 9.67
C ASN B 119 -1.20 -9.96 8.52
N LYS B 120 -0.55 -9.62 7.41
CA LYS B 120 -0.35 -10.55 6.32
C LYS B 120 1.12 -10.89 6.12
N GLY B 121 1.99 -10.39 6.99
CA GLY B 121 3.43 -10.65 6.85
C GLY B 121 4.15 -9.84 5.76
N THR B 122 3.45 -8.89 5.14
CA THR B 122 4.03 -8.09 4.05
C THR B 122 4.52 -6.67 4.44
N TYR B 123 4.14 -6.21 5.63
CA TYR B 123 4.83 -5.10 6.29
C TYR B 123 5.43 -5.69 7.56
N ILE B 124 6.76 -5.68 7.65
CA ILE B 124 7.44 -6.38 8.74
C ILE B 124 8.22 -5.37 9.59
N PRO B 125 7.65 -4.99 10.74
CA PRO B 125 8.43 -4.14 11.65
C PRO B 125 9.48 -4.95 12.40
N VAL B 126 10.69 -4.42 12.51
CA VAL B 126 11.78 -5.12 13.17
C VAL B 126 12.27 -4.24 14.34
N PRO B 127 11.75 -4.53 15.53
CA PRO B 127 12.10 -3.74 16.72
C PRO B 127 13.55 -3.95 17.14
N ILE B 128 14.15 -2.91 17.70
CA ILE B 128 15.46 -3.06 18.31
C ILE B 128 15.28 -3.58 19.74
N VAL B 129 15.71 -4.81 19.96
CA VAL B 129 15.43 -5.52 21.21
C VAL B 129 16.68 -5.79 22.03
N SER B 130 16.48 -6.08 23.33
CA SER B 130 17.58 -6.45 24.23
C SER B 130 18.17 -7.81 23.85
N GLU B 131 17.30 -8.78 23.65
CA GLU B 131 17.75 -10.11 23.22
C GLU B 131 16.84 -10.65 22.13
N LEU B 132 17.45 -11.23 21.10
CA LEU B 132 16.67 -11.88 20.05
C LEU B 132 15.84 -13.02 20.62
N GLN B 133 14.63 -13.20 20.12
CA GLN B 133 13.71 -14.22 20.58
C GLN B 133 13.58 -15.32 19.51
N SER B 134 13.63 -16.57 19.95
CA SER B 134 13.60 -17.68 18.99
C SER B 134 12.40 -17.59 18.03
N GLY B 135 12.67 -17.65 16.74
CA GLY B 135 11.63 -17.63 15.72
C GLY B 135 11.02 -16.26 15.37
N LYS B 136 11.44 -15.19 16.05
CA LYS B 136 10.80 -13.88 15.88
C LYS B 136 11.72 -12.84 15.23
N TRP B 137 11.13 -11.97 14.41
CA TRP B 137 11.86 -10.87 13.85
C TRP B 137 12.31 -9.97 14.99
N GLY B 138 13.58 -9.57 14.96
CA GLY B 138 14.11 -8.59 15.89
C GLY B 138 15.51 -8.23 15.45
N ALA B 139 16.02 -7.13 15.98
CA ALA B 139 17.37 -6.67 15.70
C ALA B 139 18.03 -6.31 17.02
N LYS B 140 19.24 -6.85 17.22
CA LYS B 140 19.98 -6.54 18.44
C LYS B 140 21.22 -5.70 18.13
N ILE B 141 21.44 -4.64 18.89
CA ILE B 141 22.67 -3.86 18.73
C ILE B 141 23.84 -4.63 19.30
N VAL B 142 24.77 -5.04 18.45
CA VAL B 142 25.91 -5.82 18.93
C VAL B 142 27.17 -4.98 18.95
N MET B 143 27.09 -3.78 18.36
CA MET B 143 28.19 -2.83 18.43
CA MET B 143 28.21 -2.84 18.37
C MET B 143 27.71 -1.40 18.27
N ARG B 144 28.28 -0.51 19.08
CA ARG B 144 28.07 0.94 18.98
C ARG B 144 29.46 1.56 18.87
N GLU B 145 29.69 2.36 17.83
CA GLU B 145 30.98 3.05 17.66
C GLU B 145 30.79 4.37 16.92
N ASP B 146 31.29 5.47 17.49
CA ASP B 146 31.00 6.81 16.98
C ASP B 146 29.51 6.98 16.73
N ARG B 147 29.13 7.32 15.50
CA ARG B 147 27.71 7.51 15.16
C ARG B 147 27.06 6.26 14.58
N SER B 148 27.77 5.13 14.63
CA SER B 148 27.27 3.89 14.04
C SER B 148 26.74 2.90 15.07
N VAL B 149 25.73 2.12 14.67
CA VAL B 149 25.34 0.95 15.44
C VAL B 149 25.34 -0.25 14.50
N ARG B 150 25.94 -1.36 14.93
CA ARG B 150 25.85 -2.60 14.19
C ARG B 150 24.71 -3.45 14.78
N LEU B 151 23.86 -3.96 13.90
CA LEU B 151 22.72 -4.75 14.33
C LEU B 151 22.90 -6.20 13.89
N SER B 152 22.48 -7.11 14.75
CA SER B 152 22.22 -8.48 14.31
C SER B 152 20.73 -8.61 14.10
N ILE B 153 20.33 -8.80 12.86
CA ILE B 153 18.93 -8.91 12.51
C ILE B 153 18.54 -10.38 12.33
N GLN B 154 17.47 -10.78 13.01
CA GLN B 154 16.94 -12.12 12.86
C GLN B 154 15.55 -12.10 12.20
N SER B 155 15.36 -12.93 11.19
CA SER B 155 14.08 -13.04 10.50
C SER B 155 13.33 -14.28 10.96
N SER B 156 12.02 -14.29 10.73
CA SER B 156 11.22 -15.46 11.09
C SER B 156 11.43 -16.60 10.08
N PRO B 157 11.51 -17.86 10.57
CA PRO B 157 11.69 -18.98 9.64
C PRO B 157 10.45 -19.30 8.81
N LYS B 158 9.36 -18.55 9.04
CA LYS B 158 8.15 -18.67 8.24
C LYS B 158 7.98 -17.47 7.30
N CYS B 159 8.99 -16.62 7.21
CA CYS B 159 8.96 -15.39 6.41
C CYS B 159 8.62 -15.63 4.95
N ILE B 160 7.84 -14.72 4.40
CA ILE B 160 7.58 -14.67 2.97
C ILE B 160 8.89 -14.65 2.21
N VAL B 161 8.97 -15.43 1.15
CA VAL B 161 10.13 -15.44 0.28
C VAL B 161 9.94 -14.41 -0.86
N GLY B 162 10.90 -13.52 -1.03
CA GLY B 162 10.82 -12.50 -2.09
C GLY B 162 11.87 -11.41 -1.89
N LYS B 163 11.73 -10.33 -2.64
CA LYS B 163 12.63 -9.19 -2.58
C LYS B 163 11.97 -8.05 -1.79
N PHE B 164 12.51 -7.74 -0.61
CA PHE B 164 11.91 -6.74 0.25
C PHE B 164 12.58 -5.37 0.12
N ARG B 165 11.79 -4.31 0.32
CA ARG B 165 12.37 -2.99 0.41
C ARG B 165 12.70 -2.76 1.89
N MET B 166 13.85 -2.15 2.16
CA MET B 166 14.30 -1.90 3.55
C MET B 166 14.14 -0.44 3.91
N TYR B 167 13.72 -0.15 5.13
CA TYR B 167 13.68 1.24 5.57
C TYR B 167 14.13 1.29 7.02
N VAL B 168 14.58 2.47 7.43
CA VAL B 168 14.80 2.72 8.84
C VAL B 168 13.82 3.80 9.24
N ALA B 169 13.00 3.49 10.22
CA ALA B 169 11.96 4.40 10.69
C ALA B 169 12.32 4.90 12.09
N VAL B 170 12.53 6.19 12.23
CA VAL B 170 12.81 6.79 13.55
C VAL B 170 11.53 7.39 14.11
N TRP B 171 11.20 7.02 15.34
CA TRP B 171 9.96 7.43 15.98
C TRP B 171 10.11 8.76 16.74
N THR B 172 9.24 9.75 16.44
CA THR B 172 9.29 11.05 17.12
C THR B 172 7.93 11.34 17.73
N PRO B 173 7.83 12.36 18.60
CA PRO B 173 6.49 12.72 19.09
C PRO B 173 5.51 13.14 17.97
N TYR B 174 6.04 13.50 16.79
CA TYR B 174 5.21 14.09 15.74
C TYR B 174 4.89 13.13 14.60
N GLY B 175 5.38 11.89 14.71
CA GLY B 175 5.22 10.91 13.64
C GLY B 175 6.56 10.26 13.34
N VAL B 176 6.59 9.45 12.30
CA VAL B 176 7.80 8.74 11.92
C VAL B 176 8.61 9.56 10.90
N LEU B 177 9.93 9.54 11.06
CA LEU B 177 10.84 10.06 10.06
C LEU B 177 11.54 8.84 9.46
N ARG B 178 11.35 8.67 8.15
CA ARG B 178 11.73 7.40 7.51
C ARG B 178 12.71 7.64 6.39
N THR B 179 13.64 6.71 6.19
CA THR B 179 14.56 6.80 5.05
C THR B 179 13.81 6.78 3.71
N SER B 180 14.44 7.40 2.70
CA SER B 180 13.94 7.42 1.33
C SER B 180 14.05 6.04 0.68
N ARG B 181 13.25 5.83 -0.36
CA ARG B 181 13.36 4.62 -1.19
C ARG B 181 14.81 4.48 -1.58
N ASN B 182 15.38 3.31 -1.36
CA ASN B 182 16.76 3.08 -1.74
C ASN B 182 16.95 1.68 -2.31
N PRO B 183 16.92 1.56 -3.65
CA PRO B 183 16.98 0.21 -4.27
C PRO B 183 18.24 -0.56 -3.89
N GLU B 184 19.29 0.15 -3.48
CA GLU B 184 20.54 -0.50 -3.13
C GLU B 184 20.46 -1.31 -1.84
N THR B 185 19.42 -1.10 -1.05
CA THR B 185 19.30 -1.85 0.19
C THR B 185 18.19 -2.90 0.08
N ASP B 186 17.63 -3.07 -1.11
CA ASP B 186 16.60 -4.10 -1.30
C ASP B 186 17.22 -5.43 -0.92
N THR B 187 16.43 -6.26 -0.27
CA THR B 187 16.98 -7.45 0.36
C THR B 187 16.15 -8.68 0.01
N TYR B 188 16.80 -9.67 -0.59
CA TYR B 188 16.10 -10.91 -0.92
C TYR B 188 16.14 -11.83 0.29
N ILE B 189 14.98 -12.37 0.65
CA ILE B 189 14.92 -13.37 1.70
C ILE B 189 14.46 -14.69 1.09
N LEU B 190 15.26 -15.74 1.27
CA LEU B 190 14.99 -17.01 0.59
C LEU B 190 14.63 -18.11 1.58
N PHE B 191 14.13 -19.23 1.06
CA PHE B 191 13.98 -20.43 1.88
C PHE B 191 15.33 -20.90 2.47
N ASN B 192 15.31 -21.58 3.62
CA ASN B 192 16.55 -21.91 4.34
C ASN B 192 16.66 -23.38 4.75
N PRO B 193 17.17 -24.24 3.84
CA PRO B 193 17.39 -25.66 4.15
C PRO B 193 18.36 -25.91 5.30
N TRP B 194 19.08 -24.90 5.76
CA TRP B 194 20.06 -25.03 6.84
C TRP B 194 19.45 -24.71 8.21
N CYS B 195 18.25 -24.17 8.21
CA CYS B 195 17.60 -23.71 9.44
C CYS B 195 16.63 -24.77 9.95
N GLU B 196 16.87 -25.28 11.16
CA GLU B 196 16.16 -26.47 11.66
C GLU B 196 14.68 -26.19 11.86
N ASP B 197 14.32 -24.91 11.98
CA ASP B 197 12.94 -24.48 12.13
C ASP B 197 12.24 -24.16 10.79
N ASP B 198 12.97 -24.23 9.67
CA ASP B 198 12.36 -23.96 8.36
C ASP B 198 11.64 -25.20 7.86
N ALA B 199 10.47 -25.00 7.28
CA ALA B 199 9.73 -26.07 6.59
C ALA B 199 10.58 -26.87 5.59
N VAL B 200 11.61 -26.26 4.99
CA VAL B 200 12.47 -26.99 4.03
C VAL B 200 13.79 -27.50 4.60
N TYR B 201 13.93 -27.46 5.93
CA TYR B 201 15.13 -27.96 6.60
C TYR B 201 15.52 -29.36 6.08
N LEU B 202 16.77 -29.48 5.66
CA LEU B 202 17.34 -30.74 5.24
C LEU B 202 18.61 -30.93 6.05
N ASP B 203 18.67 -32.00 6.85
CA ASP B 203 19.66 -32.05 7.94
C ASP B 203 21.06 -32.55 7.55
N ASN B 204 21.29 -32.68 6.24
CA ASN B 204 22.48 -33.35 5.72
C ASN B 204 23.23 -32.40 4.78
N GLU B 205 24.47 -32.07 5.11
CA GLU B 205 25.19 -31.06 4.34
C GLU B 205 25.40 -31.48 2.88
N LYS B 206 25.77 -32.74 2.69
CA LYS B 206 25.98 -33.27 1.34
C LYS B 206 24.70 -33.16 0.50
N GLU B 207 23.56 -33.42 1.13
CA GLU B 207 22.31 -33.31 0.40
C GLU B 207 21.96 -31.85 0.10
N ARG B 208 22.22 -30.97 1.06
CA ARG B 208 22.01 -29.54 0.83
C ARG B 208 22.85 -29.03 -0.33
N GLU B 209 24.10 -29.49 -0.41
CA GLU B 209 24.98 -29.07 -1.49
C GLU B 209 24.44 -29.52 -2.85
N GLU B 210 23.98 -30.76 -2.92
CA GLU B 210 23.48 -31.30 -4.18
C GLU B 210 22.15 -30.70 -4.59
N TYR B 211 21.20 -30.70 -3.66
CA TYR B 211 19.81 -30.38 -3.97
C TYR B 211 19.46 -28.88 -3.89
N VAL B 212 20.41 -28.06 -3.45
CA VAL B 212 20.19 -26.62 -3.37
C VAL B 212 21.29 -25.88 -4.13
N LEU B 213 22.53 -26.24 -3.86
CA LEU B 213 23.68 -25.48 -4.33
C LEU B 213 24.30 -25.92 -5.65
N ASN B 214 24.02 -27.14 -6.09
CA ASN B 214 24.53 -27.59 -7.37
C ASN B 214 23.77 -26.95 -8.55
N ASP B 215 24.46 -26.22 -9.42
CA ASP B 215 23.75 -25.55 -10.52
C ASP B 215 23.86 -26.29 -11.85
N ILE B 216 24.44 -27.50 -11.80
CA ILE B 216 24.44 -28.39 -12.96
C ILE B 216 23.95 -29.76 -12.54
N GLY B 217 23.45 -30.53 -13.49
CA GLY B 217 22.91 -31.82 -13.15
C GLY B 217 22.88 -32.75 -14.34
N VAL B 218 22.24 -33.89 -14.13
CA VAL B 218 22.12 -34.91 -15.14
C VAL B 218 20.68 -35.33 -15.14
N ILE B 219 20.10 -35.48 -16.33
CA ILE B 219 18.76 -36.02 -16.46
C ILE B 219 18.87 -37.32 -17.25
N PHE B 220 18.30 -38.38 -16.70
CA PHE B 220 18.41 -39.70 -17.29
C PHE B 220 17.22 -39.96 -18.22
N TYR B 221 17.48 -40.69 -19.31
CA TYR B 221 16.42 -41.03 -20.25
C TYR B 221 16.80 -42.33 -21.00
N GLY B 222 16.11 -42.64 -22.10
CA GLY B 222 16.42 -43.86 -22.84
C GLY B 222 15.64 -45.10 -22.39
N GLU B 223 16.34 -46.20 -22.10
CA GLU B 223 15.71 -47.47 -21.68
C GLU B 223 16.43 -48.03 -20.45
N VAL B 224 15.80 -48.96 -19.73
CA VAL B 224 16.37 -49.47 -18.47
C VAL B 224 17.73 -50.15 -18.64
N ASN B 225 17.93 -50.86 -19.74
CA ASN B 225 19.25 -51.42 -20.02
C ASN B 225 19.94 -50.70 -21.19
N ASP B 226 19.57 -49.44 -21.40
CA ASP B 226 20.23 -48.58 -22.37
C ASP B 226 20.04 -47.14 -21.91
N ILE B 227 20.57 -46.86 -20.73
CA ILE B 227 20.38 -45.57 -20.07
C ILE B 227 21.19 -44.47 -20.75
N LYS B 228 20.52 -43.39 -21.08
CA LYS B 228 21.19 -42.24 -21.66
C LYS B 228 21.15 -41.09 -20.67
N THR B 229 22.15 -40.22 -20.73
CA THR B 229 22.24 -39.06 -19.85
C THR B 229 22.29 -37.76 -20.67
N ARG B 230 21.62 -36.74 -20.15
CA ARG B 230 21.60 -35.43 -20.75
C ARG B 230 22.13 -34.51 -19.66
N SER B 231 23.18 -33.75 -19.93
CA SER B 231 23.61 -32.77 -18.92
C SER B 231 22.62 -31.61 -18.93
N TRP B 232 22.51 -30.90 -17.81
CA TRP B 232 21.61 -29.76 -17.74
C TRP B 232 22.20 -28.68 -16.85
N SER B 233 22.21 -27.47 -17.37
CA SER B 233 22.63 -26.33 -16.59
CA SER B 233 22.64 -26.31 -16.59
C SER B 233 21.41 -25.70 -15.94
N TYR B 234 21.28 -25.85 -14.63
CA TYR B 234 20.13 -25.26 -13.95
C TYR B 234 20.32 -23.76 -13.86
N GLY B 235 21.54 -23.35 -13.55
CA GLY B 235 21.90 -21.94 -13.59
C GLY B 235 21.11 -21.08 -12.61
N GLN B 236 20.78 -21.60 -11.43
CA GLN B 236 19.94 -20.83 -10.49
C GLN B 236 20.61 -19.55 -9.97
N PHE B 237 21.93 -19.49 -10.09
CA PHE B 237 22.69 -18.35 -9.57
C PHE B 237 23.05 -17.31 -10.63
N GLU B 238 22.71 -17.59 -11.90
CA GLU B 238 23.05 -16.66 -12.97
C GLU B 238 22.28 -15.37 -12.85
N ASP B 239 22.91 -14.26 -13.27
CA ASP B 239 22.31 -12.93 -13.30
C ASP B 239 20.92 -12.95 -13.94
N GLY B 240 19.93 -12.41 -13.24
CA GLY B 240 18.58 -12.38 -13.78
C GLY B 240 17.64 -13.52 -13.36
N ILE B 241 18.18 -14.66 -12.95
CA ILE B 241 17.34 -15.84 -12.70
C ILE B 241 16.45 -15.73 -11.47
N LEU B 242 17.02 -15.30 -10.36
CA LEU B 242 16.26 -15.12 -9.14
C LEU B 242 15.13 -14.13 -9.38
N ASP B 243 15.45 -13.00 -10.02
CA ASP B 243 14.40 -12.02 -10.38
C ASP B 243 13.36 -12.66 -11.29
N THR B 244 13.80 -13.56 -12.17
CA THR B 244 12.84 -14.20 -13.06
C THR B 244 11.90 -15.09 -12.26
N CYS B 245 12.42 -15.76 -11.23
CA CYS B 245 11.57 -16.63 -10.44
C CYS B 245 10.51 -15.80 -9.70
N LEU B 246 10.87 -14.62 -9.22
CA LEU B 246 9.88 -13.74 -8.56
C LEU B 246 8.83 -13.28 -9.61
N TYR B 247 9.31 -12.95 -10.80
CA TYR B 247 8.43 -12.53 -11.91
C TYR B 247 7.42 -13.65 -12.25
N VAL B 248 7.88 -14.90 -12.25
CA VAL B 248 6.99 -16.03 -12.50
C VAL B 248 5.84 -16.06 -11.48
N MET B 249 6.14 -15.89 -10.18
CA MET B 249 5.08 -15.86 -9.19
C MET B 249 4.14 -14.66 -9.33
N ASP B 250 4.73 -13.51 -9.65
CA ASP B 250 3.96 -12.31 -9.95
C ASP B 250 2.97 -12.55 -11.10
N ARG B 251 3.45 -13.17 -12.17
CA ARG B 251 2.60 -13.36 -13.33
C ARG B 251 1.46 -14.34 -13.03
N ALA B 252 1.75 -15.29 -12.13
CA ALA B 252 0.77 -16.25 -11.64
C ALA B 252 -0.27 -15.58 -10.80
N GLN B 253 -0.04 -14.32 -10.46
CA GLN B 253 -0.88 -13.61 -9.48
C GLN B 253 -0.95 -14.37 -8.15
N MET B 254 0.21 -14.86 -7.74
CA MET B 254 0.31 -15.56 -6.46
C MET B 254 0.37 -14.56 -5.31
N ASP B 255 -0.62 -14.63 -4.41
CA ASP B 255 -0.68 -13.73 -3.24
C ASP B 255 0.65 -13.78 -2.47
N LEU B 256 1.23 -12.62 -2.18
CA LEU B 256 2.51 -12.56 -1.47
C LEU B 256 2.49 -13.34 -0.16
N SER B 257 1.34 -13.33 0.52
CA SER B 257 1.28 -13.84 1.88
C SER B 257 1.45 -15.36 1.93
N GLY B 258 1.37 -16.03 0.77
CA GLY B 258 1.55 -17.46 0.74
C GLY B 258 2.92 -17.87 0.23
N ARG B 259 3.75 -16.91 -0.16
CA ARG B 259 5.08 -17.23 -0.70
C ARG B 259 6.14 -17.70 0.30
N GLY B 260 5.79 -17.76 1.57
CA GLY B 260 6.66 -18.41 2.56
C GLY B 260 6.31 -19.87 2.77
N ASN B 261 5.33 -20.36 2.00
CA ASN B 261 4.85 -21.74 2.15
C ASN B 261 5.28 -22.58 0.95
N PRO B 262 6.20 -23.52 1.18
CA PRO B 262 6.77 -24.23 0.03
C PRO B 262 5.78 -25.17 -0.65
N ILE B 263 4.74 -25.55 0.08
CA ILE B 263 3.62 -26.26 -0.53
C ILE B 263 3.02 -25.40 -1.63
N LYS B 264 2.69 -24.15 -1.28
CA LYS B 264 2.05 -23.25 -2.24
C LYS B 264 3.03 -22.84 -3.34
N VAL B 265 4.29 -22.56 -2.97
CA VAL B 265 5.23 -22.14 -4.00
C VAL B 265 5.45 -23.26 -5.01
N SER B 266 5.58 -24.50 -4.52
CA SER B 266 5.81 -25.60 -5.43
C SER B 266 4.58 -25.90 -6.30
N ARG B 267 3.37 -25.76 -5.76
CA ARG B 267 2.19 -26.01 -6.58
C ARG B 267 1.96 -24.91 -7.63
N VAL B 268 2.22 -23.65 -7.26
CA VAL B 268 2.15 -22.59 -8.23
C VAL B 268 3.21 -22.80 -9.31
N GLY B 269 4.42 -23.17 -8.90
CA GLY B 269 5.48 -23.46 -9.87
C GLY B 269 5.09 -24.58 -10.84
N SER B 270 4.47 -25.63 -10.33
CA SER B 270 4.03 -26.68 -11.25
C SER B 270 3.00 -26.19 -12.29
N ALA B 271 2.17 -25.20 -11.95
CA ALA B 271 1.29 -24.59 -12.95
C ALA B 271 2.06 -23.67 -13.88
N MET B 272 2.84 -22.77 -13.29
CA MET B 272 3.42 -21.65 -14.03
C MET B 272 4.60 -21.97 -14.94
N VAL B 273 5.27 -23.09 -14.70
CA VAL B 273 6.37 -23.47 -15.55
C VAL B 273 5.81 -23.88 -16.94
N ASN B 274 4.55 -24.32 -17.00
CA ASN B 274 3.96 -24.58 -18.32
C ASN B 274 3.04 -23.44 -18.74
N ALA B 275 2.94 -23.26 -20.05
CA ALA B 275 2.23 -22.13 -20.66
C ALA B 275 0.71 -22.23 -20.58
N LYS B 276 0.19 -23.45 -20.50
CA LYS B 276 -1.26 -23.65 -20.52
C LYS B 276 -1.92 -22.89 -19.39
N ASP B 277 -3.11 -22.35 -19.64
CA ASP B 277 -3.96 -21.76 -18.58
C ASP B 277 -3.61 -20.33 -18.18
N ASP B 278 -2.32 -20.03 -18.17
CA ASP B 278 -1.82 -18.88 -17.41
C ASP B 278 -0.68 -18.15 -18.13
N GLU B 279 -0.41 -18.50 -19.39
CA GLU B 279 0.69 -17.87 -20.14
C GLU B 279 2.05 -18.04 -19.43
N GLY B 280 2.20 -19.18 -18.76
CA GLY B 280 3.44 -19.53 -18.08
C GLY B 280 4.63 -19.80 -19.01
N VAL B 281 5.71 -20.34 -18.45
CA VAL B 281 7.04 -20.32 -19.05
C VAL B 281 7.23 -21.07 -20.39
N LEU B 282 6.72 -22.29 -20.48
CA LEU B 282 7.17 -23.14 -21.57
C LEU B 282 6.02 -23.90 -22.23
N VAL B 283 6.02 -23.89 -23.57
CA VAL B 283 5.01 -24.53 -24.39
C VAL B 283 5.48 -25.90 -24.83
N GLY B 284 4.68 -26.93 -24.59
CA GLY B 284 5.07 -28.28 -25.00
C GLY B 284 4.76 -28.53 -26.46
N SER B 285 5.57 -29.34 -27.15
CA SER B 285 5.22 -29.79 -28.49
C SER B 285 5.89 -31.10 -28.90
N TRP B 286 5.18 -31.87 -29.72
CA TRP B 286 5.72 -33.09 -30.33
C TRP B 286 5.53 -33.06 -31.83
N ASP B 287 5.29 -31.87 -32.38
CA ASP B 287 4.76 -31.81 -33.74
C ASP B 287 5.78 -31.98 -34.84
N ASN B 288 7.06 -32.13 -34.49
CA ASN B 288 8.12 -32.40 -35.47
C ASN B 288 8.42 -31.22 -36.39
N ILE B 289 7.77 -30.07 -36.13
CA ILE B 289 7.93 -28.84 -36.90
CA ILE B 289 7.97 -28.86 -36.91
C ILE B 289 8.51 -27.71 -36.05
N TYR B 290 7.85 -27.46 -34.92
CA TYR B 290 8.34 -26.46 -33.95
C TYR B 290 8.48 -25.07 -34.61
N ALA B 291 7.38 -24.60 -35.16
CA ALA B 291 7.35 -23.31 -35.86
C ALA B 291 7.66 -22.17 -34.88
N TYR B 292 8.55 -21.28 -35.29
CA TYR B 292 8.85 -20.07 -34.55
C TYR B 292 9.36 -20.38 -33.15
N GLY B 293 10.34 -21.28 -33.05
CA GLY B 293 10.91 -21.61 -31.75
C GLY B 293 12.10 -22.53 -31.90
N VAL B 294 12.34 -23.29 -30.84
CA VAL B 294 13.49 -24.15 -30.69
C VAL B 294 12.96 -25.56 -30.42
N PRO B 295 13.41 -26.56 -31.18
CA PRO B 295 13.00 -27.94 -30.87
C PRO B 295 13.37 -28.32 -29.43
N PRO B 296 12.50 -29.06 -28.74
CA PRO B 296 12.76 -29.38 -27.32
C PRO B 296 14.16 -29.95 -27.06
N SER B 297 14.65 -30.78 -27.96
CA SER B 297 15.98 -31.40 -27.86
C SER B 297 17.18 -30.45 -27.97
N ALA B 298 16.96 -29.21 -28.43
CA ALA B 298 18.05 -28.27 -28.59
C ALA B 298 18.53 -27.65 -27.26
N TRP B 299 17.63 -27.52 -26.28
CA TRP B 299 17.99 -26.85 -25.02
C TRP B 299 18.99 -27.71 -24.25
N THR B 300 19.86 -27.05 -23.45
CA THR B 300 20.87 -27.76 -22.67
C THR B 300 20.90 -27.24 -21.24
N GLY B 301 19.95 -26.37 -20.90
CA GLY B 301 19.86 -25.81 -19.56
C GLY B 301 18.64 -24.93 -19.46
N SER B 302 18.47 -24.27 -18.32
CA SER B 302 17.24 -23.55 -18.06
C SER B 302 17.40 -22.07 -18.29
N VAL B 303 18.64 -21.60 -18.38
CA VAL B 303 18.90 -20.15 -18.27
C VAL B 303 18.35 -19.38 -19.47
N ASP B 304 18.64 -19.84 -20.67
CA ASP B 304 18.15 -19.16 -21.87
C ASP B 304 16.62 -19.09 -21.86
N ILE B 305 16.00 -20.20 -21.49
CA ILE B 305 14.55 -20.26 -21.43
C ILE B 305 14.00 -19.23 -20.46
N LEU B 306 14.51 -19.25 -19.23
CA LEU B 306 13.98 -18.35 -18.23
C LEU B 306 14.25 -16.89 -18.54
N LEU B 307 15.47 -16.59 -18.99
CA LEU B 307 15.81 -15.20 -19.34
C LEU B 307 15.03 -14.72 -20.56
N GLU B 308 14.76 -15.60 -21.53
CA GLU B 308 13.91 -15.19 -22.64
C GLU B 308 12.49 -14.91 -22.17
N TYR B 309 11.96 -15.75 -21.28
CA TYR B 309 10.62 -15.49 -20.73
C TYR B 309 10.53 -14.11 -20.07
N ARG B 310 11.49 -13.82 -19.19
CA ARG B 310 11.54 -12.52 -18.52
C ARG B 310 11.60 -11.36 -19.52
N SER B 311 12.45 -11.50 -20.52
CA SER B 311 12.69 -10.46 -21.51
C SER B 311 11.51 -10.23 -22.47
N SER B 312 10.99 -11.32 -23.03
CA SER B 312 9.95 -11.23 -24.05
C SER B 312 8.59 -11.07 -23.39
N GLU B 313 8.51 -11.52 -22.15
CA GLU B 313 7.25 -11.69 -21.42
C GLU B 313 6.25 -12.58 -22.18
N ASN B 314 6.75 -13.45 -23.05
CA ASN B 314 5.89 -14.46 -23.67
C ASN B 314 6.37 -15.88 -23.39
N PRO B 315 5.45 -16.85 -23.35
CA PRO B 315 5.84 -18.26 -23.25
C PRO B 315 6.91 -18.61 -24.27
N VAL B 316 7.79 -19.51 -23.88
CA VAL B 316 8.93 -19.89 -24.68
C VAL B 316 8.59 -21.20 -25.38
N ARG B 317 9.05 -21.37 -26.62
CA ARG B 317 8.75 -22.53 -27.46
C ARG B 317 10.06 -23.22 -27.88
N TYR B 318 10.23 -24.51 -27.66
CA TYR B 318 9.26 -25.47 -27.14
C TYR B 318 9.95 -26.45 -26.18
N GLY B 319 9.17 -27.19 -25.39
CA GLY B 319 9.73 -28.19 -24.50
C GLY B 319 8.99 -29.52 -24.49
N GLN B 320 9.61 -30.52 -23.86
CA GLN B 320 8.95 -31.76 -23.46
C GLN B 320 9.37 -32.02 -22.00
N CYS B 321 8.90 -33.13 -21.44
CA CYS B 321 9.09 -33.44 -20.01
C CYS B 321 10.43 -33.02 -19.34
N TRP B 322 11.58 -33.46 -19.87
CA TRP B 322 12.85 -33.13 -19.22
C TRP B 322 13.15 -31.63 -19.22
N VAL B 323 12.59 -30.92 -20.21
CA VAL B 323 12.78 -29.48 -20.30
C VAL B 323 11.93 -28.79 -19.24
N PHE B 324 10.69 -29.25 -19.06
CA PHE B 324 9.85 -28.69 -17.99
C PHE B 324 10.54 -28.98 -16.65
N ALA B 325 11.02 -30.20 -16.49
CA ALA B 325 11.64 -30.60 -15.22
C ALA B 325 12.88 -29.77 -14.95
N GLY B 326 13.72 -29.55 -15.96
CA GLY B 326 14.90 -28.72 -15.82
C GLY B 326 14.59 -27.30 -15.38
N VAL B 327 13.67 -26.65 -16.08
CA VAL B 327 13.25 -25.30 -15.70
C VAL B 327 12.63 -25.23 -14.28
N PHE B 328 11.74 -26.17 -13.97
CA PHE B 328 11.13 -26.27 -12.64
C PHE B 328 12.21 -26.49 -11.56
N ASN B 329 13.19 -27.32 -11.85
CA ASN B 329 14.29 -27.55 -10.92
C ASN B 329 15.07 -26.27 -10.63
N THR B 330 15.32 -25.48 -11.67
CA THR B 330 15.98 -24.20 -11.48
C THR B 330 15.13 -23.33 -10.55
N PHE B 331 13.84 -23.24 -10.86
CA PHE B 331 12.89 -22.44 -10.04
C PHE B 331 12.94 -22.80 -8.53
N LEU B 332 12.89 -24.09 -8.23
CA LEU B 332 12.92 -24.53 -6.84
C LEU B 332 14.25 -24.24 -6.13
N ARG B 333 15.36 -24.68 -6.73
CA ARG B 333 16.67 -24.48 -6.10
C ARG B 333 16.96 -23.00 -5.94
N CYS B 334 16.53 -22.21 -6.92
CA CYS B 334 16.82 -20.79 -6.90
C CYS B 334 16.18 -20.13 -5.70
N LEU B 335 14.96 -20.56 -5.38
CA LEU B 335 14.23 -20.01 -4.23
C LEU B 335 14.70 -20.57 -2.89
N GLY B 336 15.44 -21.67 -2.95
CA GLY B 336 15.93 -22.31 -1.74
C GLY B 336 15.18 -23.58 -1.36
N ILE B 337 14.33 -24.07 -2.24
CA ILE B 337 13.60 -25.31 -1.91
C ILE B 337 14.38 -26.48 -2.47
N PRO B 338 14.91 -27.37 -1.60
CA PRO B 338 15.74 -28.45 -2.14
C PRO B 338 14.96 -29.27 -3.16
N ALA B 339 15.57 -29.59 -4.30
CA ALA B 339 14.84 -30.23 -5.39
C ALA B 339 15.71 -31.11 -6.24
N ARG B 340 15.10 -32.08 -6.90
CA ARG B 340 15.85 -32.93 -7.80
C ARG B 340 14.92 -33.43 -8.89
N ILE B 341 15.52 -33.95 -9.95
CA ILE B 341 14.75 -34.46 -11.09
C ILE B 341 14.74 -35.98 -11.11
N VAL B 342 13.55 -36.55 -11.21
CA VAL B 342 13.44 -38.01 -11.26
C VAL B 342 12.99 -38.44 -12.67
N THR B 343 13.42 -39.63 -13.06
CA THR B 343 13.01 -40.20 -14.34
C THR B 343 12.32 -41.54 -14.13
N ASN B 344 11.10 -41.66 -14.65
CA ASN B 344 10.31 -42.87 -14.56
C ASN B 344 10.26 -43.58 -15.93
N TYR B 345 10.74 -44.83 -15.99
CA TYR B 345 10.70 -45.60 -17.25
C TYR B 345 9.43 -46.42 -17.35
N PHE B 346 8.78 -46.33 -18.52
CA PHE B 346 7.45 -46.87 -18.75
C PHE B 346 6.50 -46.16 -17.82
N SER B 347 6.29 -44.88 -18.11
CA SER B 347 5.50 -44.01 -17.25
C SER B 347 4.08 -43.94 -17.76
N ALA B 348 3.13 -44.40 -16.94
CA ALA B 348 1.73 -44.42 -17.32
C ALA B 348 1.09 -43.05 -17.30
N HIS B 349 0.19 -42.84 -18.26
CA HIS B 349 -0.64 -41.63 -18.33
C HIS B 349 -2.09 -42.05 -18.30
N ASP B 350 -2.68 -41.91 -17.12
CA ASP B 350 -4.06 -42.23 -16.88
C ASP B 350 -4.97 -41.08 -17.33
N ASN B 351 -5.88 -41.35 -18.25
CA ASN B 351 -6.78 -40.32 -18.79
C ASN B 351 -8.14 -40.21 -18.09
N ASP B 352 -8.57 -41.27 -17.44
CA ASP B 352 -9.91 -41.27 -16.85
C ASP B 352 -9.91 -41.49 -15.34
N ALA B 353 -8.78 -41.19 -14.70
CA ALA B 353 -8.67 -41.15 -13.23
C ALA B 353 -9.19 -42.39 -12.51
N ASN B 354 -8.89 -43.57 -13.02
CA ASN B 354 -9.25 -44.79 -12.31
C ASN B 354 -8.02 -45.62 -11.91
N LEU B 355 -6.85 -45.01 -12.09
CA LEU B 355 -5.57 -45.52 -11.59
C LEU B 355 -5.10 -46.83 -12.22
N GLN B 356 -5.61 -47.13 -13.42
CA GLN B 356 -5.23 -48.32 -14.17
C GLN B 356 -5.16 -47.96 -15.65
N MET B 357 -4.37 -48.67 -16.43
CA MET B 357 -4.37 -48.48 -17.88
C MET B 357 -5.43 -49.35 -18.52
N ASP B 358 -6.40 -48.72 -19.20
CA ASP B 358 -7.48 -49.46 -19.81
C ASP B 358 -7.18 -49.63 -21.27
N ILE B 359 -6.81 -50.84 -21.65
CA ILE B 359 -6.47 -51.12 -23.05
C ILE B 359 -7.59 -51.94 -23.68
N PHE B 360 -8.36 -51.29 -24.56
CA PHE B 360 -9.47 -51.95 -25.21
C PHE B 360 -9.02 -52.70 -26.46
N LEU B 361 -9.42 -53.95 -26.58
CA LEU B 361 -9.09 -54.79 -27.73
C LEU B 361 -10.30 -55.03 -28.65
N GLU B 362 -10.07 -54.99 -29.96
CA GLU B 362 -11.06 -55.41 -30.94
C GLU B 362 -11.23 -56.91 -30.87
N GLU B 363 -12.25 -57.44 -31.55
CA GLU B 363 -12.54 -58.88 -31.54
C GLU B 363 -11.32 -59.71 -31.93
N ASP B 364 -10.56 -59.21 -32.90
CA ASP B 364 -9.37 -59.89 -33.41
C ASP B 364 -8.20 -59.91 -32.42
N GLY B 365 -8.35 -59.20 -31.30
CA GLY B 365 -7.31 -59.17 -30.28
C GLY B 365 -6.30 -58.05 -30.47
N ASN B 366 -6.47 -57.27 -31.55
CA ASN B 366 -5.64 -56.08 -31.77
C ASN B 366 -6.13 -54.92 -30.90
N VAL B 367 -5.31 -53.89 -30.73
CA VAL B 367 -5.71 -52.75 -29.91
C VAL B 367 -6.64 -51.79 -30.65
N ASN B 368 -7.84 -51.61 -30.09
CA ASN B 368 -8.77 -50.59 -30.56
C ASN B 368 -8.24 -49.21 -30.18
N SER B 369 -7.72 -48.48 -31.17
CA SER B 369 -7.11 -47.17 -30.94
C SER B 369 -8.14 -46.05 -30.78
N LYS B 370 -9.39 -46.33 -31.13
CA LYS B 370 -10.45 -45.34 -30.96
C LYS B 370 -10.89 -45.32 -29.50
N LEU B 371 -11.18 -46.50 -28.95
CA LEU B 371 -11.61 -46.61 -27.57
C LEU B 371 -10.50 -46.30 -26.56
N THR B 372 -9.29 -46.81 -26.82
CA THR B 372 -8.14 -46.67 -25.91
C THR B 372 -7.58 -45.26 -25.83
N LYS B 373 -7.72 -44.62 -24.68
CA LYS B 373 -7.23 -43.25 -24.45
C LYS B 373 -5.95 -43.20 -23.60
N ASP B 374 -5.83 -44.10 -22.63
CA ASP B 374 -4.67 -44.13 -21.75
C ASP B 374 -3.43 -44.40 -22.59
N SER B 375 -2.28 -44.07 -22.05
CA SER B 375 -1.04 -44.37 -22.77
C SER B 375 0.14 -44.63 -21.85
N VAL B 376 1.25 -45.04 -22.45
CA VAL B 376 2.49 -45.23 -21.70
C VAL B 376 3.67 -44.60 -22.44
N TRP B 377 4.52 -43.89 -21.70
CA TRP B 377 5.67 -43.19 -22.25
C TRP B 377 6.94 -44.04 -22.11
N ASN B 378 7.83 -43.99 -23.10
CA ASN B 378 9.14 -44.60 -22.92
C ASN B 378 9.81 -44.11 -21.62
N TYR B 379 9.68 -42.83 -21.34
CA TYR B 379 10.09 -42.30 -20.02
C TYR B 379 9.38 -41.00 -19.77
N HIS B 380 9.30 -40.59 -18.50
CA HIS B 380 8.80 -39.28 -18.15
C HIS B 380 9.68 -38.75 -17.01
N CYS B 381 9.81 -37.44 -16.90
CA CYS B 381 10.63 -36.82 -15.88
C CYS B 381 9.79 -35.82 -15.13
N TRP B 382 9.89 -35.83 -13.80
CA TRP B 382 9.28 -34.77 -13.02
C TRP B 382 10.23 -34.37 -11.90
N ASN B 383 9.76 -33.54 -10.98
CA ASN B 383 10.63 -33.09 -9.91
C ASN B 383 10.18 -33.60 -8.57
N GLU B 384 11.12 -33.64 -7.64
CA GLU B 384 10.77 -33.78 -6.25
C GLU B 384 11.24 -32.56 -5.47
N ALA B 385 10.38 -32.06 -4.58
CA ALA B 385 10.75 -30.94 -3.73
C ALA B 385 10.67 -31.32 -2.24
N TRP B 386 11.66 -30.88 -1.48
CA TRP B 386 11.81 -31.30 -0.06
C TRP B 386 11.13 -30.33 0.87
N MET B 387 10.17 -30.83 1.66
CA MET B 387 9.44 -29.99 2.62
C MET B 387 8.61 -30.78 3.63
N THR B 388 8.35 -30.19 4.80
CA THR B 388 7.38 -30.75 5.72
C THR B 388 5.99 -30.68 5.11
N ARG B 389 5.07 -31.48 5.62
CA ARG B 389 3.67 -31.40 5.18
C ARG B 389 2.73 -31.28 6.38
N PRO B 390 2.66 -30.07 6.94
CA PRO B 390 1.83 -29.78 8.12
C PRO B 390 0.37 -29.92 7.79
N ASP B 391 0.04 -29.97 6.50
CA ASP B 391 -1.33 -30.18 6.06
C ASP B 391 -1.71 -31.66 6.01
N LEU B 392 -0.72 -32.55 6.16
CA LEU B 392 -0.94 -34.00 6.17
C LEU B 392 -0.59 -34.52 7.56
N PRO B 393 -1.03 -35.74 7.89
CA PRO B 393 -0.62 -36.34 9.18
C PRO B 393 0.89 -36.55 9.20
N VAL B 394 1.48 -36.71 10.39
CA VAL B 394 2.92 -36.86 10.44
C VAL B 394 3.38 -38.14 9.72
N GLY B 395 4.55 -38.04 9.11
CA GLY B 395 5.11 -39.15 8.37
C GLY B 395 5.15 -38.90 6.88
N PHE B 396 4.44 -37.86 6.41
CA PHE B 396 4.27 -37.69 4.96
C PHE B 396 5.08 -36.55 4.34
N GLY B 397 6.01 -35.98 5.12
CA GLY B 397 6.85 -34.90 4.61
C GLY B 397 8.01 -35.51 3.84
N GLY B 398 9.09 -34.76 3.72
CA GLY B 398 10.23 -35.19 2.91
C GLY B 398 9.96 -34.88 1.45
N TRP B 399 10.31 -35.83 0.57
CA TRP B 399 10.18 -35.61 -0.87
C TRP B 399 8.72 -35.61 -1.29
N GLN B 400 8.37 -34.58 -2.07
CA GLN B 400 7.05 -34.39 -2.64
C GLN B 400 7.20 -34.37 -4.16
N ALA B 401 6.44 -35.21 -4.85
CA ALA B 401 6.46 -35.18 -6.31
C ALA B 401 5.74 -33.95 -6.81
N VAL B 402 6.43 -33.14 -7.62
CA VAL B 402 5.79 -32.05 -8.33
C VAL B 402 6.13 -32.12 -9.83
N ASP B 403 5.17 -31.80 -10.67
CA ASP B 403 5.29 -32.02 -12.13
C ASP B 403 4.65 -30.88 -12.91
N SER B 404 5.48 -30.16 -13.67
CA SER B 404 5.00 -29.05 -14.48
C SER B 404 4.70 -29.43 -15.92
N THR B 405 4.93 -30.68 -16.32
CA THR B 405 4.55 -31.08 -17.71
C THR B 405 3.04 -31.29 -17.76
N PRO B 406 2.34 -30.59 -18.66
CA PRO B 406 0.90 -30.80 -18.74
C PRO B 406 0.53 -32.23 -19.14
N GLN B 407 -0.32 -32.87 -18.34
CA GLN B 407 -0.93 -34.12 -18.75
C GLN B 407 -2.39 -34.07 -18.37
N GLU B 408 -2.67 -33.98 -17.08
CA GLU B 408 -4.05 -33.92 -16.63
C GLU B 408 -4.32 -32.65 -15.84
N ASN B 409 -5.56 -32.16 -15.93
CA ASN B 409 -5.98 -31.05 -15.12
C ASN B 409 -6.07 -31.47 -13.67
N SER B 410 -5.68 -30.56 -12.79
CA SER B 410 -5.85 -30.74 -11.38
C SER B 410 -6.61 -29.51 -10.92
N ASP B 411 -7.86 -29.70 -10.50
CA ASP B 411 -8.66 -28.56 -10.08
C ASP B 411 -8.67 -27.45 -11.16
N GLY B 412 -8.90 -27.87 -12.41
CA GLY B 412 -9.08 -26.94 -13.52
C GLY B 412 -7.84 -26.32 -14.15
N MET B 413 -6.64 -26.75 -13.76
CA MET B 413 -5.41 -26.28 -14.40
C MET B 413 -4.43 -27.42 -14.62
N TYR B 414 -3.61 -27.32 -15.66
CA TYR B 414 -2.48 -28.25 -15.81
C TYR B 414 -1.35 -28.00 -14.77
N ARG B 415 -1.34 -28.86 -13.76
CA ARG B 415 -0.37 -28.79 -12.68
C ARG B 415 -0.48 -30.10 -11.94
N CYS B 416 0.45 -30.35 -11.03
CA CYS B 416 0.51 -31.65 -10.38
C CYS B 416 1.39 -31.55 -9.17
N GLY B 417 0.82 -31.84 -8.00
CA GLY B 417 1.57 -31.89 -6.74
C GLY B 417 1.47 -30.61 -5.89
N PRO B 418 2.14 -30.60 -4.72
CA PRO B 418 3.02 -31.66 -4.21
C PRO B 418 2.24 -32.89 -3.71
N ALA B 419 2.67 -34.07 -4.15
CA ALA B 419 2.15 -35.35 -3.70
C ALA B 419 3.24 -36.03 -2.87
N SER B 420 2.92 -36.40 -1.63
CA SER B 420 3.91 -37.07 -0.78
C SER B 420 4.32 -38.42 -1.36
N VAL B 421 5.61 -38.58 -1.65
CA VAL B 421 6.12 -39.85 -2.17
C VAL B 421 5.85 -40.99 -1.20
N GLN B 422 5.96 -40.68 0.11
CA GLN B 422 5.72 -41.69 1.12
C GLN B 422 4.25 -42.10 1.12
N ALA B 423 3.35 -41.14 0.91
CA ALA B 423 1.93 -41.49 0.81
C ALA B 423 1.66 -42.37 -0.42
N ILE B 424 2.29 -42.03 -1.54
CA ILE B 424 2.12 -42.82 -2.78
C ILE B 424 2.60 -44.29 -2.57
N LYS B 425 3.69 -44.41 -1.83
CA LYS B 425 4.32 -45.71 -1.65
C LYS B 425 3.40 -46.73 -0.98
N HIS B 426 2.65 -46.25 0.01
CA HIS B 426 1.74 -47.11 0.77
C HIS B 426 0.34 -46.97 0.26
N GLY B 427 0.19 -46.26 -0.85
CA GLY B 427 -1.10 -46.18 -1.52
C GLY B 427 -2.12 -45.29 -0.82
N HIS B 428 -1.68 -44.45 0.11
CA HIS B 428 -2.59 -43.50 0.74
C HIS B 428 -2.78 -42.26 -0.13
N VAL B 429 -3.44 -42.42 -1.28
CA VAL B 429 -3.45 -41.37 -2.28
C VAL B 429 -4.56 -40.37 -2.04
N CYS B 430 -5.26 -40.54 -0.92
CA CYS B 430 -6.29 -39.63 -0.47
C CYS B 430 -5.68 -38.28 -0.01
N PHE B 431 -4.39 -38.28 0.26
CA PHE B 431 -3.75 -37.04 0.73
C PHE B 431 -3.34 -36.14 -0.43
N GLN B 432 -3.74 -34.86 -0.37
CA GLN B 432 -3.48 -33.90 -1.46
C GLN B 432 -1.96 -33.74 -1.64
N PHE B 433 -1.47 -33.42 -2.84
CA PHE B 433 -2.26 -33.10 -4.04
C PHE B 433 -1.89 -34.03 -5.18
N ASP B 434 -2.90 -34.53 -5.89
CA ASP B 434 -2.69 -35.33 -7.10
C ASP B 434 -1.94 -36.65 -6.90
N ALA B 435 -1.91 -37.15 -5.67
CA ALA B 435 -1.28 -38.45 -5.43
C ALA B 435 -1.82 -39.60 -6.32
N PRO B 436 -3.14 -39.66 -6.57
CA PRO B 436 -3.64 -40.76 -7.42
C PRO B 436 -3.06 -40.77 -8.84
N PHE B 437 -2.96 -39.59 -9.47
CA PHE B 437 -2.29 -39.51 -10.76
C PHE B 437 -0.84 -39.98 -10.71
N VAL B 438 -0.08 -39.51 -9.72
CA VAL B 438 1.33 -39.89 -9.62
C VAL B 438 1.49 -41.39 -9.33
N PHE B 439 0.66 -41.90 -8.43
CA PHE B 439 0.63 -43.35 -8.24
C PHE B 439 0.43 -44.07 -9.57
N ALA B 440 -0.57 -43.63 -10.32
CA ALA B 440 -0.87 -44.26 -11.60
C ALA B 440 0.36 -44.25 -12.51
N GLU B 441 1.06 -43.11 -12.54
CA GLU B 441 2.26 -43.02 -13.36
C GLU B 441 3.31 -44.10 -13.05
N VAL B 442 3.53 -44.37 -11.76
CA VAL B 442 4.58 -45.32 -11.37
C VAL B 442 4.11 -46.77 -11.16
N ASN B 443 2.81 -46.98 -10.96
CA ASN B 443 2.41 -48.35 -10.63
C ASN B 443 1.02 -48.83 -11.02
N SER B 444 0.40 -48.21 -12.02
CA SER B 444 -0.89 -48.71 -12.47
C SER B 444 -0.71 -50.09 -13.12
N ASP B 445 -1.68 -50.98 -12.93
CA ASP B 445 -1.72 -52.25 -13.70
C ASP B 445 -2.18 -51.98 -15.14
N LEU B 446 -1.77 -52.81 -16.10
CA LEU B 446 -2.37 -52.74 -17.44
C LEU B 446 -3.54 -53.69 -17.48
N ILE B 447 -4.71 -53.18 -17.84
CA ILE B 447 -5.89 -54.01 -17.91
C ILE B 447 -6.30 -54.17 -19.39
N TYR B 448 -6.18 -55.38 -19.92
CA TYR B 448 -6.60 -55.65 -21.29
C TYR B 448 -8.07 -56.05 -21.29
N ILE B 449 -8.89 -55.19 -21.89
CA ILE B 449 -10.32 -55.38 -21.92
C ILE B 449 -10.80 -55.58 -23.35
N THR B 450 -11.40 -56.73 -23.63
CA THR B 450 -11.98 -56.92 -24.96
C THR B 450 -13.37 -56.28 -24.99
N ALA B 451 -13.59 -55.43 -25.99
CA ALA B 451 -14.88 -54.79 -26.17
C ALA B 451 -15.63 -55.42 -27.34
N HIS B 457 -17.73 -56.12 -22.95
CA HIS B 457 -16.74 -55.69 -21.96
C HIS B 457 -16.22 -56.85 -21.10
N VAL B 458 -15.19 -57.53 -21.59
CA VAL B 458 -14.61 -58.63 -20.82
C VAL B 458 -13.12 -58.41 -20.54
N VAL B 459 -12.73 -58.51 -19.27
CA VAL B 459 -11.32 -58.43 -18.89
C VAL B 459 -10.57 -59.65 -19.40
N GLU B 460 -9.58 -59.43 -20.25
CA GLU B 460 -8.87 -60.51 -20.93
C GLU B 460 -7.62 -60.91 -20.17
N ASN B 461 -6.92 -59.93 -19.61
CA ASN B 461 -5.61 -60.14 -19.02
C ASN B 461 -5.20 -58.92 -18.19
N VAL B 462 -4.29 -59.13 -17.25
CA VAL B 462 -3.77 -58.05 -16.41
C VAL B 462 -2.25 -58.13 -16.36
N ASP B 463 -1.58 -57.04 -16.70
CA ASP B 463 -0.12 -56.96 -16.58
C ASP B 463 0.22 -56.10 -15.36
N ALA B 464 0.76 -56.73 -14.32
CA ALA B 464 1.00 -56.05 -13.07
C ALA B 464 2.40 -55.45 -12.96
N THR B 465 3.23 -55.67 -13.98
CA THR B 465 4.65 -55.34 -13.85
C THR B 465 5.20 -54.42 -14.93
N HIS B 466 4.38 -54.07 -15.91
CA HIS B 466 4.87 -53.27 -17.03
C HIS B 466 5.26 -51.85 -16.61
N ILE B 467 4.40 -51.20 -15.84
CA ILE B 467 4.57 -49.77 -15.53
C ILE B 467 5.66 -49.52 -14.47
N GLY B 468 6.46 -48.48 -14.70
CA GLY B 468 7.40 -47.99 -13.71
C GLY B 468 8.48 -49.01 -13.39
N LYS B 469 9.20 -49.43 -14.43
CA LYS B 469 10.19 -50.50 -14.26
C LYS B 469 11.39 -50.02 -13.45
N LEU B 470 11.61 -48.71 -13.45
CA LEU B 470 12.78 -48.14 -12.82
C LEU B 470 12.58 -46.63 -12.67
N ILE B 471 12.90 -46.12 -11.48
CA ILE B 471 12.90 -44.69 -11.23
C ILE B 471 14.26 -44.28 -10.68
N VAL B 472 14.84 -43.23 -11.24
CA VAL B 472 16.21 -42.85 -10.97
C VAL B 472 16.39 -41.34 -10.91
N THR B 473 17.43 -40.94 -10.19
CA THR B 473 17.80 -39.53 -10.07
C THR B 473 19.31 -39.48 -9.95
N LYS B 474 19.91 -38.31 -10.16
CA LYS B 474 21.36 -38.16 -10.14
C LYS B 474 21.94 -38.41 -8.74
N GLN B 475 23.02 -39.19 -8.66
CA GLN B 475 23.61 -39.48 -7.34
C GLN B 475 24.24 -38.23 -6.71
N ILE B 476 24.41 -38.26 -5.41
CA ILE B 476 25.11 -37.18 -4.73
C ILE B 476 26.61 -37.28 -5.05
N GLY B 477 27.22 -36.16 -5.43
CA GLY B 477 28.65 -36.11 -5.68
C GLY B 477 29.17 -36.91 -6.85
N GLY B 478 28.36 -37.10 -7.89
CA GLY B 478 28.77 -37.80 -9.09
C GLY B 478 27.68 -37.75 -10.15
N ASP B 479 28.02 -38.15 -11.37
CA ASP B 479 27.06 -38.13 -12.46
C ASP B 479 26.36 -39.48 -12.63
N GLY B 480 26.58 -40.36 -11.65
CA GLY B 480 25.99 -41.68 -11.70
C GLY B 480 24.51 -41.70 -11.38
N MET B 481 23.87 -42.80 -11.75
CA MET B 481 22.45 -42.99 -11.54
C MET B 481 22.21 -43.47 -10.12
N MET B 482 21.18 -42.97 -9.45
CA MET B 482 20.76 -43.53 -8.18
C MET B 482 19.35 -44.10 -8.33
N ASP B 483 19.18 -45.39 -8.02
CA ASP B 483 17.90 -46.07 -8.16
C ASP B 483 17.01 -45.74 -6.98
N ILE B 484 15.91 -45.00 -7.23
CA ILE B 484 14.98 -44.65 -6.16
C ILE B 484 13.60 -45.29 -6.30
N THR B 485 13.53 -46.38 -7.08
CA THR B 485 12.25 -47.02 -7.37
C THR B 485 11.50 -47.40 -6.09
N ASP B 486 12.25 -47.90 -5.10
CA ASP B 486 11.68 -48.39 -3.85
C ASP B 486 11.02 -47.28 -3.01
N THR B 487 11.33 -46.01 -3.29
CA THR B 487 10.71 -44.92 -2.52
C THR B 487 9.26 -44.70 -2.95
N TYR B 488 8.97 -45.04 -4.21
CA TYR B 488 7.64 -44.85 -4.79
C TYR B 488 6.74 -46.08 -4.63
N LYS B 489 7.33 -47.26 -4.59
CA LYS B 489 6.50 -48.45 -4.54
C LYS B 489 7.25 -49.64 -4.01
N PHE B 490 6.51 -50.60 -3.48
CA PHE B 490 7.13 -51.84 -3.05
C PHE B 490 7.57 -52.64 -4.27
N GLN B 491 8.42 -53.63 -4.03
CA GLN B 491 9.05 -54.38 -5.10
C GLN B 491 8.03 -55.23 -5.87
N GLU B 492 8.16 -55.24 -7.20
CA GLU B 492 7.30 -56.07 -8.02
C GLU B 492 7.49 -57.53 -7.58
N GLY B 493 6.39 -58.24 -7.37
CA GLY B 493 6.42 -59.64 -6.96
C GLY B 493 6.19 -59.79 -5.47
N GLN B 494 6.32 -58.70 -4.72
CA GLN B 494 6.07 -58.74 -3.29
C GLN B 494 4.61 -58.46 -3.00
N GLU B 495 4.08 -59.15 -2.00
CA GLU B 495 2.67 -58.99 -1.60
C GLU B 495 2.29 -57.55 -1.21
N GLU B 496 3.24 -56.81 -0.66
CA GLU B 496 3.00 -55.43 -0.23
C GLU B 496 2.69 -54.56 -1.45
N GLU B 497 3.29 -54.92 -2.58
CA GLU B 497 3.10 -54.18 -3.83
C GLU B 497 1.65 -54.31 -4.28
N ARG B 498 1.09 -55.51 -4.17
CA ARG B 498 -0.33 -55.71 -4.42
C ARG B 498 -1.19 -54.95 -3.40
N LEU B 499 -0.85 -55.04 -2.12
CA LEU B 499 -1.68 -54.47 -1.09
C LEU B 499 -1.72 -52.92 -1.15
N ALA B 500 -0.59 -52.31 -1.47
CA ALA B 500 -0.54 -50.85 -1.57
C ALA B 500 -1.29 -50.39 -2.81
N LEU B 501 -1.20 -51.13 -3.91
CA LEU B 501 -1.96 -50.78 -5.10
C LEU B 501 -3.46 -50.86 -4.79
N GLU B 502 -3.86 -51.95 -4.14
CA GLU B 502 -5.26 -52.18 -3.81
C GLU B 502 -5.76 -51.09 -2.87
N THR B 503 -4.90 -50.65 -1.96
CA THR B 503 -5.21 -49.48 -1.15
C THR B 503 -5.42 -48.23 -2.03
N ALA B 504 -4.55 -48.02 -3.01
CA ALA B 504 -4.65 -46.84 -3.86
C ALA B 504 -5.95 -46.84 -4.63
N LEU B 505 -6.35 -47.99 -5.16
CA LEU B 505 -7.60 -48.06 -5.92
C LEU B 505 -8.79 -47.81 -5.00
N MET B 506 -8.73 -48.36 -3.80
CA MET B 506 -9.76 -48.14 -2.81
C MET B 506 -9.93 -46.64 -2.50
N TYR B 507 -8.82 -45.92 -2.31
CA TYR B 507 -8.92 -44.48 -2.10
C TYR B 507 -9.38 -43.75 -3.38
N GLY B 508 -9.01 -44.26 -4.54
CA GLY B 508 -9.51 -43.75 -5.81
C GLY B 508 -8.86 -42.46 -6.27
N ARG B 522 -17.79 -53.97 3.18
CA ARG B 522 -18.60 -54.78 2.27
C ARG B 522 -18.58 -56.28 2.63
N SER B 523 -17.48 -56.73 3.22
CA SER B 523 -17.42 -58.08 3.77
C SER B 523 -17.80 -58.03 5.25
N ASN B 524 -18.05 -56.82 5.72
CA ASN B 524 -18.45 -56.54 7.09
C ASN B 524 -17.34 -56.88 8.12
N VAL B 525 -16.11 -56.55 7.75
CA VAL B 525 -14.96 -56.71 8.63
C VAL B 525 -14.38 -55.32 8.89
N ASP B 526 -14.13 -55.03 10.16
CA ASP B 526 -13.44 -53.81 10.61
C ASP B 526 -12.02 -54.15 11.03
N MET B 527 -11.12 -53.18 10.94
CA MET B 527 -9.75 -53.37 11.39
C MET B 527 -9.29 -52.11 12.07
N ASP B 528 -8.61 -52.26 13.19
CA ASP B 528 -7.93 -51.13 13.82
C ASP B 528 -6.64 -51.69 14.43
N PHE B 529 -5.78 -50.81 14.92
CA PHE B 529 -4.61 -51.25 15.67
C PHE B 529 -4.22 -50.24 16.73
N GLU B 530 -3.71 -50.74 17.83
CA GLU B 530 -3.24 -49.90 18.92
C GLU B 530 -1.79 -50.25 19.14
N VAL B 531 -1.00 -49.27 19.58
CA VAL B 531 0.38 -49.49 19.92
C VAL B 531 0.57 -49.35 21.43
N GLU B 532 1.16 -50.35 22.09
CA GLU B 532 1.45 -50.23 23.52
C GLU B 532 2.38 -49.03 23.75
N ASN B 533 2.35 -48.46 24.96
CA ASN B 533 3.25 -47.35 25.27
C ASN B 533 4.68 -47.75 24.93
N ALA B 534 5.28 -47.04 23.99
CA ALA B 534 6.61 -47.39 23.52
C ALA B 534 7.67 -46.59 24.26
N VAL B 535 8.54 -47.31 24.95
CA VAL B 535 9.66 -46.71 25.68
C VAL B 535 10.97 -47.16 25.04
N LEU B 536 11.82 -46.21 24.68
CA LEU B 536 13.11 -46.51 24.10
C LEU B 536 13.89 -47.53 24.95
N GLY B 537 14.38 -48.57 24.29
CA GLY B 537 15.14 -49.62 24.94
C GLY B 537 14.34 -50.87 25.25
N LYS B 538 13.02 -50.79 25.13
CA LYS B 538 12.16 -51.94 25.42
C LYS B 538 11.42 -52.45 24.18
N ASP B 539 11.16 -53.75 24.14
CA ASP B 539 10.19 -54.29 23.18
C ASP B 539 8.84 -53.57 23.37
N PHE B 540 8.01 -53.58 22.33
CA PHE B 540 6.63 -53.16 22.52
C PHE B 540 5.71 -53.88 21.55
N LYS B 541 4.44 -53.96 21.89
CA LYS B 541 3.47 -54.69 21.10
C LYS B 541 2.64 -53.75 20.27
N LEU B 542 2.43 -54.15 19.03
CA LEU B 542 1.44 -53.52 18.18
C LEU B 542 0.34 -54.55 18.05
N SER B 543 -0.87 -54.18 18.49
CA SER B 543 -1.99 -55.09 18.44
C SER B 543 -2.96 -54.74 17.34
N ILE B 544 -3.10 -55.64 16.37
CA ILE B 544 -4.04 -55.44 15.28
C ILE B 544 -5.29 -56.25 15.56
N THR B 545 -6.42 -55.56 15.64
N THR B 545 -6.43 -55.57 15.65
CA THR B 545 -7.69 -56.22 15.93
CA THR B 545 -7.68 -56.27 15.94
C THR B 545 -8.60 -56.22 14.71
C THR B 545 -8.64 -56.22 14.75
N PHE B 546 -9.11 -57.39 14.36
CA PHE B 546 -10.09 -57.50 13.31
C PHE B 546 -11.40 -57.85 13.99
N ARG B 547 -12.49 -57.25 13.55
CA ARG B 547 -13.80 -57.69 13.99
C ARG B 547 -14.59 -58.17 12.76
N ASN B 548 -14.96 -59.45 12.76
CA ASN B 548 -15.75 -60.04 11.70
C ASN B 548 -17.22 -60.05 12.10
N ASN B 549 -18.03 -59.19 11.48
CA ASN B 549 -19.43 -59.08 11.85
C ASN B 549 -20.33 -59.91 10.97
N SER B 550 -19.75 -60.63 10.01
CA SER B 550 -20.51 -61.53 9.14
C SER B 550 -20.57 -62.96 9.69
N HIS B 551 -21.38 -63.79 9.03
CA HIS B 551 -21.45 -65.21 9.36
C HIS B 551 -20.50 -65.99 8.48
N ASN B 552 -19.60 -65.28 7.80
CA ASN B 552 -18.63 -65.91 6.92
C ASN B 552 -17.26 -66.06 7.57
N ARG B 553 -16.55 -67.10 7.16
CA ARG B 553 -15.15 -67.30 7.54
C ARG B 553 -14.29 -66.69 6.44
N TYR B 554 -13.40 -65.76 6.80
CA TYR B 554 -12.56 -65.08 5.82
C TYR B 554 -11.10 -65.40 6.04
N THR B 555 -10.32 -65.24 4.98
CA THR B 555 -8.88 -65.22 5.13
C THR B 555 -8.39 -63.81 4.83
N ILE B 556 -7.38 -63.40 5.57
CA ILE B 556 -6.83 -62.06 5.52
C ILE B 556 -5.38 -62.19 5.12
N THR B 557 -4.97 -61.34 4.18
CA THR B 557 -3.54 -61.16 3.92
C THR B 557 -3.22 -59.69 4.15
N ALA B 558 -2.19 -59.43 4.96
CA ALA B 558 -1.92 -58.06 5.41
C ALA B 558 -0.43 -57.76 5.49
N TYR B 559 -0.09 -56.47 5.52
CA TYR B 559 1.27 -56.10 5.85
C TYR B 559 1.27 -55.01 6.90
N LEU B 560 2.37 -54.98 7.66
CA LEU B 560 2.66 -53.93 8.62
C LEU B 560 3.95 -53.25 8.19
N SER B 561 3.96 -51.92 8.19
CA SER B 561 5.20 -51.20 7.97
C SER B 561 5.40 -50.26 9.16
N ALA B 562 6.52 -50.43 9.85
CA ALA B 562 6.86 -49.60 11.02
C ALA B 562 8.06 -48.71 10.67
N ASN B 563 7.91 -47.42 10.91
CA ASN B 563 8.86 -46.43 10.46
C ASN B 563 9.28 -45.46 11.57
N ILE B 564 10.46 -44.90 11.42
CA ILE B 564 10.93 -43.86 12.29
C ILE B 564 10.68 -42.54 11.55
N THR B 565 10.18 -41.52 12.24
CA THR B 565 10.01 -40.19 11.65
CA THR B 565 10.00 -40.21 11.64
C THR B 565 10.50 -39.09 12.57
N PHE B 566 10.85 -37.94 11.97
CA PHE B 566 11.24 -36.78 12.74
C PHE B 566 9.99 -36.16 13.37
N TYR B 567 10.18 -35.37 14.43
CA TYR B 567 9.05 -34.76 15.11
C TYR B 567 8.30 -33.80 14.16
N THR B 568 9.00 -33.25 13.18
CA THR B 568 8.34 -32.41 12.13
C THR B 568 7.47 -33.20 11.16
N GLY B 569 7.48 -34.52 11.27
CA GLY B 569 6.67 -35.36 10.39
C GLY B 569 7.33 -35.82 9.10
N VAL B 570 8.60 -35.48 8.93
CA VAL B 570 9.42 -36.00 7.84
C VAL B 570 9.81 -37.47 8.14
N PRO B 571 9.62 -38.38 7.16
CA PRO B 571 9.99 -39.79 7.34
C PRO B 571 11.51 -39.96 7.36
N LYS B 572 12.00 -40.88 8.19
CA LYS B 572 13.41 -41.25 8.20
C LYS B 572 13.60 -42.58 7.48
N ALA B 573 13.14 -43.66 8.10
CA ALA B 573 13.38 -44.98 7.55
C ALA B 573 12.40 -46.01 8.10
N GLU B 574 12.17 -47.04 7.29
CA GLU B 574 11.36 -48.18 7.70
C GLU B 574 12.28 -49.06 8.55
N PHE B 575 11.80 -49.51 9.70
CA PHE B 575 12.64 -50.37 10.55
C PHE B 575 12.11 -51.79 10.70
N LYS B 576 10.86 -52.01 10.28
CA LYS B 576 10.25 -53.33 10.31
C LYS B 576 9.16 -53.44 9.23
N LYS B 577 9.13 -54.57 8.52
CA LYS B 577 8.09 -54.80 7.52
C LYS B 577 7.74 -56.27 7.54
N GLU B 578 6.47 -56.58 7.75
CA GLU B 578 6.02 -57.97 7.87
C GLU B 578 4.77 -58.16 7.05
N THR B 579 4.66 -59.31 6.39
CA THR B 579 3.39 -59.70 5.81
C THR B 579 2.87 -60.85 6.63
N PHE B 580 1.55 -60.95 6.75
CA PHE B 580 0.98 -62.06 7.48
C PHE B 580 -0.35 -62.49 6.92
N ASP B 581 -0.66 -63.77 7.13
CA ASP B 581 -1.97 -64.30 6.77
C ASP B 581 -2.69 -64.80 8.01
N VAL B 582 -3.97 -64.45 8.09
CA VAL B 582 -4.76 -64.77 9.26
C VAL B 582 -6.14 -65.19 8.80
N THR B 583 -6.73 -66.14 9.52
CA THR B 583 -8.08 -66.58 9.25
C THR B 583 -9.03 -65.93 10.25
N LEU B 584 -10.11 -65.37 9.76
CA LEU B 584 -11.05 -64.65 10.61
C LEU B 584 -12.36 -65.41 10.71
N GLU B 585 -12.63 -65.97 11.88
CA GLU B 585 -13.86 -66.71 12.13
C GLU B 585 -15.05 -65.77 12.07
N PRO B 586 -16.24 -66.31 11.78
CA PRO B 586 -17.46 -65.50 11.78
C PRO B 586 -17.74 -64.96 13.17
N LEU B 587 -18.35 -63.77 13.23
CA LEU B 587 -18.88 -63.20 14.47
C LEU B 587 -17.84 -63.26 15.57
N SER B 588 -16.64 -62.77 15.25
CA SER B 588 -15.51 -62.86 16.17
CA SER B 588 -15.52 -62.85 16.17
C SER B 588 -14.62 -61.63 16.12
N PHE B 589 -14.02 -61.31 17.25
CA PHE B 589 -12.92 -60.37 17.32
C PHE B 589 -11.68 -61.25 17.20
N LYS B 590 -10.67 -60.78 16.49
CA LYS B 590 -9.42 -61.51 16.44
C LYS B 590 -8.28 -60.54 16.58
N LYS B 591 -7.45 -60.75 17.59
CA LYS B 591 -6.28 -59.90 17.81
C LYS B 591 -5.02 -60.59 17.27
N GLU B 592 -4.24 -59.82 16.51
CA GLU B 592 -2.96 -60.29 16.02
C GLU B 592 -1.88 -59.43 16.67
N ALA B 593 -1.15 -59.99 17.62
CA ALA B 593 -0.15 -59.24 18.39
C ALA B 593 1.24 -59.34 17.78
N VAL B 594 1.76 -58.22 17.31
CA VAL B 594 3.07 -58.20 16.70
C VAL B 594 4.06 -57.64 17.71
N LEU B 595 5.03 -58.46 18.08
CA LEU B 595 6.06 -58.00 18.99
C LEU B 595 7.07 -57.21 18.18
N ILE B 596 7.38 -56.01 18.64
CA ILE B 596 8.46 -55.27 18.01
C ILE B 596 9.59 -55.24 19.01
N GLN B 597 10.68 -55.92 18.66
CA GLN B 597 11.80 -56.05 19.56
C GLN B 597 12.66 -54.80 19.47
N ALA B 598 13.24 -54.41 20.61
CA ALA B 598 14.08 -53.23 20.72
C ALA B 598 15.18 -53.22 19.65
N GLY B 599 15.79 -54.38 19.42
CA GLY B 599 16.80 -54.52 18.40
C GLY B 599 16.37 -54.00 17.03
N GLU B 600 15.09 -54.11 16.72
CA GLU B 600 14.57 -53.69 15.41
C GLU B 600 14.60 -52.17 15.14
N TYR B 601 14.47 -51.36 16.18
CA TYR B 601 14.43 -49.92 15.96
C TYR B 601 15.61 -49.17 16.58
N MET B 602 16.22 -49.75 17.61
CA MET B 602 17.23 -49.06 18.44
C MET B 602 18.44 -48.55 17.64
N GLY B 603 18.73 -49.18 16.51
CA GLY B 603 19.86 -48.76 15.70
C GLY B 603 19.50 -47.63 14.73
N GLN B 604 18.23 -47.23 14.70
CA GLN B 604 17.75 -46.26 13.70
C GLN B 604 17.09 -45.03 14.31
N LEU B 605 17.42 -44.71 15.56
CA LEU B 605 16.73 -43.61 16.23
C LEU B 605 17.36 -42.25 16.00
N LEU B 606 16.68 -41.24 16.51
CA LEU B 606 17.13 -39.86 16.44
C LEU B 606 16.34 -39.12 17.49
N GLU B 607 16.78 -37.91 17.83
CA GLU B 607 16.16 -37.16 18.91
C GLU B 607 14.68 -36.88 18.57
N GLN B 608 13.82 -36.93 19.59
CA GLN B 608 12.38 -36.67 19.46
C GLN B 608 11.69 -37.46 18.34
N ALA B 609 12.20 -38.66 18.07
CA ALA B 609 11.62 -39.55 17.07
C ALA B 609 10.16 -39.86 17.37
N SER B 610 9.36 -39.94 16.32
CA SER B 610 8.05 -40.56 16.40
C SER B 610 8.10 -41.86 15.63
N LEU B 611 7.10 -42.71 15.84
CA LEU B 611 7.01 -44.00 15.18
C LEU B 611 5.80 -43.94 14.28
N HIS B 612 5.92 -44.37 13.03
CA HIS B 612 4.80 -44.25 12.08
C HIS B 612 4.47 -45.63 11.55
N PHE B 613 3.22 -46.03 11.75
CA PHE B 613 2.81 -47.39 11.42
C PHE B 613 1.77 -47.43 10.32
N PHE B 614 2.00 -48.29 9.35
CA PHE B 614 0.98 -48.58 8.33
C PHE B 614 0.55 -50.03 8.52
N VAL B 615 -0.77 -50.23 8.58
CA VAL B 615 -1.34 -51.58 8.50
C VAL B 615 -2.38 -51.64 7.39
N THR B 616 -2.17 -52.55 6.45
CA THR B 616 -3.07 -52.75 5.31
C THR B 616 -3.42 -54.25 5.25
N ALA B 617 -4.71 -54.56 5.29
CA ALA B 617 -5.17 -55.96 5.22
C ALA B 617 -6.18 -56.14 4.08
N ARG B 618 -6.08 -57.24 3.35
CA ARG B 618 -7.08 -57.56 2.34
C ARG B 618 -7.89 -58.75 2.79
N ILE B 619 -9.22 -58.62 2.70
CA ILE B 619 -10.06 -59.79 2.87
C ILE B 619 -10.02 -60.56 1.56
N ASN B 620 -9.29 -61.68 1.53
CA ASN B 620 -9.03 -62.38 0.26
C ASN B 620 -10.27 -62.81 -0.55
N GLU B 621 -11.32 -63.22 0.14
CA GLU B 621 -12.50 -63.75 -0.54
C GLU B 621 -13.30 -62.64 -1.26
N THR B 622 -13.24 -61.43 -0.74
CA THR B 622 -14.07 -60.34 -1.26
C THR B 622 -13.24 -59.26 -1.96
N ARG B 623 -11.93 -59.24 -1.69
CA ARG B 623 -10.99 -58.21 -2.19
C ARG B 623 -11.15 -56.84 -1.53
N ASP B 624 -11.94 -56.77 -0.46
CA ASP B 624 -12.02 -55.56 0.36
C ASP B 624 -10.65 -55.24 0.98
N VAL B 625 -10.33 -53.96 1.02
CA VAL B 625 -9.08 -53.46 1.57
C VAL B 625 -9.37 -52.60 2.78
N LEU B 626 -8.67 -52.87 3.89
CA LEU B 626 -8.78 -52.09 5.12
C LEU B 626 -7.40 -51.54 5.41
N ALA B 627 -7.29 -50.22 5.39
CA ALA B 627 -6.00 -49.57 5.51
C ALA B 627 -6.04 -48.49 6.58
N LYS B 628 -5.10 -48.54 7.52
CA LYS B 628 -4.98 -47.51 8.55
C LYS B 628 -3.51 -47.10 8.71
N GLN B 629 -3.29 -45.85 9.12
CA GLN B 629 -1.96 -45.39 9.46
C GLN B 629 -2.06 -44.55 10.73
N LYS B 630 -1.06 -44.70 11.62
CA LYS B 630 -1.03 -43.98 12.90
C LYS B 630 0.40 -43.73 13.31
N SER B 631 0.57 -42.70 14.14
CA SER B 631 1.88 -42.42 14.71
CA SER B 631 1.88 -42.41 14.71
C SER B 631 1.80 -42.35 16.23
N THR B 632 2.92 -42.65 16.88
CA THR B 632 3.01 -42.52 18.33
C THR B 632 4.33 -41.84 18.66
N VAL B 633 4.39 -41.09 19.75
CA VAL B 633 5.65 -40.49 20.15
C VAL B 633 6.40 -41.50 21.01
N LEU B 634 7.66 -41.75 20.66
CA LEU B 634 8.50 -42.65 21.45
C LEU B 634 8.91 -41.97 22.75
N THR B 635 8.67 -42.62 23.88
CA THR B 635 9.20 -42.11 25.15
C THR B 635 10.70 -42.37 25.22
N ILE B 636 11.48 -41.30 25.30
CA ILE B 636 12.93 -41.41 25.42
C ILE B 636 13.41 -41.08 26.84
N PRO B 637 13.69 -42.09 27.68
CA PRO B 637 14.28 -41.81 28.99
C PRO B 637 15.64 -41.14 28.85
N GLU B 638 16.04 -40.33 29.83
CA GLU B 638 17.35 -39.69 29.84
C GLU B 638 17.94 -39.69 31.25
N ILE B 639 19.26 -39.56 31.30
CA ILE B 639 19.97 -39.39 32.55
C ILE B 639 20.16 -37.88 32.76
N ILE B 640 19.84 -37.38 33.94
CA ILE B 640 20.02 -35.96 34.25
C ILE B 640 21.40 -35.72 34.84
N ILE B 641 22.11 -34.76 34.27
CA ILE B 641 23.40 -34.33 34.80
C ILE B 641 23.32 -32.87 35.26
N LYS B 642 23.76 -32.62 36.48
CA LYS B 642 23.79 -31.28 37.07
C LYS B 642 25.18 -31.03 37.62
N VAL B 643 25.56 -29.75 37.71
CA VAL B 643 26.81 -29.41 38.35
C VAL B 643 26.56 -28.34 39.45
N ARG B 644 27.19 -28.52 40.60
CA ARG B 644 27.04 -27.61 41.74
C ARG B 644 28.39 -27.03 42.15
N GLY B 645 28.41 -25.76 42.53
CA GLY B 645 29.64 -25.12 42.96
C GLY B 645 30.32 -24.36 41.84
N THR B 646 31.47 -23.75 42.15
CA THR B 646 32.25 -23.02 41.16
C THR B 646 32.81 -23.98 40.10
N GLN B 647 32.98 -23.50 38.88
CA GLN B 647 33.51 -24.31 37.79
C GLN B 647 34.77 -23.69 37.22
N VAL B 648 35.88 -23.82 37.95
CA VAL B 648 37.15 -23.22 37.54
C VAL B 648 38.26 -24.27 37.62
N VAL B 649 39.19 -24.22 36.67
CA VAL B 649 40.33 -25.13 36.62
C VAL B 649 41.44 -24.65 37.55
N GLY B 650 41.68 -25.31 38.68
CA GLY B 650 40.92 -26.47 39.12
C GLY B 650 40.62 -26.40 40.60
N SER B 651 39.46 -25.86 40.95
CA SER B 651 38.91 -26.05 42.27
C SER B 651 37.88 -27.17 42.16
N ASP B 652 37.44 -27.70 43.30
CA ASP B 652 36.48 -28.79 43.29
C ASP B 652 35.11 -28.34 42.82
N MET B 653 34.49 -29.14 41.95
CA MET B 653 33.10 -28.93 41.59
C MET B 653 32.35 -30.26 41.64
N THR B 654 31.13 -30.23 42.14
CA THR B 654 30.34 -31.45 42.26
C THR B 654 29.49 -31.72 41.01
N VAL B 655 29.59 -32.93 40.48
CA VAL B 655 28.75 -33.38 39.38
C VAL B 655 27.72 -34.36 39.93
N ILE B 656 26.46 -34.04 39.74
CA ILE B 656 25.39 -34.91 40.20
C ILE B 656 24.78 -35.60 38.98
N VAL B 657 24.66 -36.93 39.07
CA VAL B 657 24.06 -37.72 37.98
C VAL B 657 22.82 -38.38 38.54
N GLU B 658 21.66 -38.10 37.95
CA GLU B 658 20.41 -38.67 38.41
C GLU B 658 19.77 -39.56 37.35
N PHE B 659 19.15 -40.66 37.79
CA PHE B 659 18.39 -41.51 36.88
C PHE B 659 17.11 -42.01 37.53
N THR B 660 16.01 -41.87 36.80
CA THR B 660 14.72 -42.34 37.25
C THR B 660 14.35 -43.55 36.39
N ASN B 661 13.99 -44.67 37.00
CA ASN B 661 13.51 -45.83 36.27
C ASN B 661 12.21 -45.52 35.56
N PRO B 662 12.21 -45.60 34.20
CA PRO B 662 11.00 -45.22 33.45
C PRO B 662 10.09 -46.41 33.21
N LEU B 663 10.36 -47.56 33.83
CA LEU B 663 9.58 -48.74 33.55
C LEU B 663 8.68 -49.09 34.72
N LYS B 664 7.69 -49.95 34.47
CA LYS B 664 6.84 -50.47 35.54
C LYS B 664 7.46 -51.72 36.16
N GLU B 665 8.59 -52.15 35.62
CA GLU B 665 9.39 -53.25 36.17
C GLU B 665 10.58 -52.71 36.98
N THR B 666 11.11 -53.52 37.89
CA THR B 666 12.30 -53.16 38.65
C THR B 666 13.54 -53.33 37.77
N LEU B 667 14.47 -52.37 37.84
CA LEU B 667 15.77 -52.52 37.16
C LEU B 667 16.80 -53.13 38.10
N ARG B 668 17.64 -54.01 37.56
CA ARG B 668 18.67 -54.65 38.39
C ARG B 668 20.07 -54.58 37.78
N ASN B 669 21.08 -54.57 38.65
CA ASN B 669 22.47 -54.49 38.20
CA ASN B 669 22.47 -54.45 38.24
C ASN B 669 22.68 -53.30 37.26
N VAL B 670 22.27 -52.12 37.71
CA VAL B 670 22.35 -50.93 36.90
C VAL B 670 23.72 -50.32 37.05
N TRP B 671 24.41 -50.11 35.93
CA TRP B 671 25.65 -49.36 35.93
C TRP B 671 25.41 -48.03 35.25
N VAL B 672 25.78 -46.95 35.92
CA VAL B 672 25.71 -45.60 35.36
C VAL B 672 27.12 -45.10 35.10
N HIS B 673 27.37 -44.60 33.89
CA HIS B 673 28.71 -44.16 33.51
C HIS B 673 28.74 -42.66 33.38
N LEU B 674 29.90 -42.07 33.64
CA LEU B 674 30.08 -40.64 33.43
C LEU B 674 31.45 -40.37 32.84
N ASP B 675 31.46 -39.55 31.79
CA ASP B 675 32.67 -39.18 31.07
C ASP B 675 32.68 -37.69 30.85
N GLY B 676 33.86 -37.10 30.79
CA GLY B 676 34.00 -35.67 30.61
C GLY B 676 35.47 -35.29 30.54
N PRO B 677 36.04 -35.40 29.33
CA PRO B 677 37.44 -35.05 29.05
C PRO B 677 37.80 -33.68 29.61
N GLY B 678 38.83 -33.60 30.44
CA GLY B 678 39.27 -32.31 30.96
C GLY B 678 38.50 -31.90 32.20
N VAL B 679 37.46 -32.67 32.53
CA VAL B 679 36.65 -32.44 33.72
C VAL B 679 36.79 -33.61 34.68
N THR B 680 36.72 -34.83 34.14
CA THR B 680 36.93 -36.02 34.97
C THR B 680 37.36 -37.23 34.15
N ARG B 681 38.23 -38.03 34.74
CA ARG B 681 38.53 -39.36 34.24
C ARG B 681 37.21 -40.13 34.20
N PRO B 682 37.07 -41.08 33.26
CA PRO B 682 35.80 -41.79 33.09
C PRO B 682 35.47 -42.61 34.33
N MET B 683 34.26 -42.49 34.85
CA MET B 683 33.88 -43.15 36.10
C MET B 683 32.59 -43.94 35.94
N LYS B 684 32.31 -44.83 36.86
CA LYS B 684 31.02 -45.53 36.85
C LYS B 684 30.55 -45.93 38.26
N LYS B 685 29.23 -46.01 38.43
CA LYS B 685 28.64 -46.35 39.71
C LYS B 685 27.60 -47.44 39.49
N MET B 686 27.63 -48.49 40.33
CA MET B 686 26.64 -49.56 40.20
C MET B 686 25.53 -49.41 41.23
N PHE B 687 24.30 -49.67 40.82
CA PHE B 687 23.16 -49.73 41.74
C PHE B 687 22.49 -51.08 41.54
N ARG B 688 22.37 -51.86 42.60
CA ARG B 688 21.86 -53.23 42.43
C ARG B 688 20.39 -53.26 42.05
N GLU B 689 19.63 -52.26 42.47
CA GLU B 689 18.21 -52.28 42.26
C GLU B 689 17.59 -50.87 42.18
N ILE B 690 16.81 -50.62 41.13
CA ILE B 690 16.00 -49.40 41.09
C ILE B 690 14.52 -49.79 40.89
N ARG B 691 13.69 -49.55 41.90
CA ARG B 691 12.27 -49.91 41.84
C ARG B 691 11.55 -49.02 40.80
N PRO B 692 10.38 -49.47 40.28
CA PRO B 692 9.70 -48.70 39.21
C PRO B 692 9.42 -47.24 39.60
N ASN B 693 9.87 -46.32 38.75
CA ASN B 693 9.72 -44.88 38.99
C ASN B 693 10.49 -44.33 40.19
N SER B 694 11.50 -45.06 40.66
CA SER B 694 12.35 -44.55 41.74
C SER B 694 13.55 -43.86 41.12
N THR B 695 14.18 -42.96 41.86
CA THR B 695 15.28 -42.17 41.32
C THR B 695 16.56 -42.42 42.10
N VAL B 696 17.66 -42.68 41.39
CA VAL B 696 18.94 -42.78 42.10
C VAL B 696 19.77 -41.54 41.82
N GLN B 697 20.72 -41.28 42.72
CA GLN B 697 21.52 -40.10 42.59
C GLN B 697 22.98 -40.41 42.90
N TRP B 698 23.86 -39.96 42.03
CA TRP B 698 25.27 -40.25 42.18
C TRP B 698 26.07 -38.94 42.16
N GLU B 699 26.76 -38.64 43.25
CA GLU B 699 27.55 -37.39 43.32
C GLU B 699 29.05 -37.66 43.29
N GLU B 700 29.75 -36.95 42.42
CA GLU B 700 31.19 -37.09 42.30
C GLU B 700 31.86 -35.74 42.33
N VAL B 701 32.92 -35.62 43.12
CA VAL B 701 33.71 -34.39 43.15
C VAL B 701 34.73 -34.46 42.02
N CYS B 702 34.89 -33.35 41.30
CA CYS B 702 35.83 -33.26 40.19
C CYS B 702 36.70 -32.01 40.32
N ARG B 703 37.97 -32.15 39.98
CA ARG B 703 38.87 -31.02 39.89
C ARG B 703 39.22 -30.87 38.42
N PRO B 704 38.39 -30.11 37.69
CA PRO B 704 38.59 -30.00 36.24
C PRO B 704 39.93 -29.32 35.94
N TRP B 705 40.53 -29.64 34.80
CA TRP B 705 41.86 -29.14 34.52
C TRP B 705 42.00 -28.46 33.16
N VAL B 706 40.96 -28.55 32.33
CA VAL B 706 40.96 -27.95 31.00
C VAL B 706 39.89 -26.86 30.84
N SER B 707 40.32 -25.60 30.71
CA SER B 707 39.41 -24.46 30.55
C SER B 707 38.52 -24.53 29.30
N GLY B 708 37.44 -23.74 29.29
CA GLY B 708 36.59 -23.62 28.11
C GLY B 708 35.33 -24.47 28.13
N HIS B 709 34.70 -24.60 26.95
CA HIS B 709 33.51 -25.43 26.78
C HIS B 709 33.90 -26.90 26.84
N ARG B 710 33.41 -27.58 27.88
CA ARG B 710 33.65 -29.01 28.05
C ARG B 710 32.28 -29.68 28.05
N LYS B 711 32.26 -31.01 27.97
CA LYS B 711 30.98 -31.69 27.87
C LYS B 711 30.98 -32.94 28.72
N LEU B 712 29.92 -33.12 29.49
CA LEU B 712 29.76 -34.33 30.27
C LEU B 712 28.75 -35.24 29.57
N ILE B 713 29.08 -36.52 29.49
CA ILE B 713 28.15 -37.49 28.91
C ILE B 713 27.95 -38.67 29.85
N ALA B 714 26.72 -39.11 29.99
CA ALA B 714 26.43 -40.26 30.84
C ALA B 714 25.71 -41.36 30.05
N SER B 715 25.80 -42.58 30.56
CA SER B 715 25.07 -43.70 29.96
C SER B 715 24.72 -44.69 31.05
N MET B 716 23.70 -45.50 30.83
CA MET B 716 23.40 -46.53 31.80
C MET B 716 23.19 -47.86 31.11
N SER B 717 23.35 -48.94 31.87
CA SER B 717 22.87 -50.25 31.44
C SER B 717 22.45 -51.03 32.66
N SER B 718 21.70 -52.08 32.41
CA SER B 718 21.11 -52.86 33.46
C SER B 718 20.73 -54.16 32.79
N ASP B 719 20.23 -55.10 33.58
CA ASP B 719 19.89 -56.41 33.05
C ASP B 719 18.74 -56.38 32.04
N SER B 720 17.97 -55.31 32.00
CA SER B 720 16.97 -55.16 30.96
C SER B 720 17.19 -53.89 30.12
N LEU B 721 16.98 -52.74 30.73
CA LEU B 721 17.10 -51.48 30.02
C LEU B 721 18.56 -51.03 29.84
N ARG B 722 18.93 -50.72 28.60
CA ARG B 722 20.23 -50.10 28.35
C ARG B 722 20.15 -49.07 27.23
N HIS B 723 21.31 -48.51 26.89
CA HIS B 723 21.43 -47.53 25.83
C HIS B 723 20.59 -46.29 26.07
N VAL B 724 20.64 -45.83 27.31
CA VAL B 724 19.96 -44.64 27.75
C VAL B 724 21.05 -43.69 28.25
N TYR B 725 20.97 -42.42 27.88
CA TYR B 725 22.09 -41.51 28.05
C TYR B 725 21.67 -40.18 28.63
N GLY B 726 22.67 -39.36 28.93
CA GLY B 726 22.46 -37.97 29.29
C GLY B 726 23.66 -37.15 28.88
N GLU B 727 23.53 -35.83 28.88
CA GLU B 727 24.61 -34.97 28.43
C GLU B 727 24.47 -33.57 29.05
N LEU B 728 25.58 -32.88 29.21
CA LEU B 728 25.55 -31.53 29.76
C LEU B 728 26.79 -30.80 29.30
N ASP B 729 26.59 -29.67 28.61
CA ASP B 729 27.68 -28.79 28.28
C ASP B 729 28.04 -27.98 29.51
N VAL B 730 29.31 -27.90 29.82
CA VAL B 730 29.76 -27.06 30.91
C VAL B 730 30.89 -26.16 30.45
N GLN B 731 30.79 -24.88 30.81
CA GLN B 731 31.89 -23.95 30.64
C GLN B 731 32.70 -23.94 31.92
N ILE B 732 34.01 -24.14 31.82
CA ILE B 732 34.86 -24.04 32.99
C ILE B 732 35.89 -22.89 32.85
N GLN B 733 36.10 -22.15 33.93
CA GLN B 733 36.91 -20.95 33.88
C GLN B 733 38.39 -21.26 34.09
N ARG B 734 39.26 -20.39 33.61
CA ARG B 734 40.70 -20.58 33.73
C ARG B 734 41.17 -20.19 35.13
N ARG B 735 42.12 -20.95 35.67
CA ARG B 735 42.72 -20.66 36.99
C ARG B 735 43.04 -19.18 37.16
N PRO B 736 42.49 -18.57 38.23
CA PRO B 736 42.79 -17.17 38.59
C PRO B 736 44.18 -17.05 39.19
N SER B 737 44.81 -15.88 39.04
CA SER B 737 46.14 -15.68 39.58
C SER B 737 46.04 -15.24 41.03
C ACY C 1 -9.44 27.12 -35.87
O ACY C 1 -10.07 27.70 -36.74
CH3 ACY C 1 -8.06 27.60 -35.54
N DAS C 2 -9.94 26.05 -35.22
CA DAS C 2 -9.29 25.26 -34.17
C DAS C 2 -10.30 24.40 -33.48
O DAS C 2 -10.27 23.18 -33.63
CB DAS C 2 -8.38 24.31 -34.91
CG DAS C 2 -7.28 23.77 -34.03
OD1 DAS C 2 -7.29 24.03 -32.81
OD2 DAS C 2 -6.40 23.08 -34.59
C 1TX C 3 -13.29 23.87 -33.18
C21 1TX C 3 -12.97 25.08 -31.05
C22 1TX C 3 -12.22 25.22 -29.70
C24 1TX C 3 -14.20 25.53 -28.34
C26 1TX C 3 -17.69 27.11 -28.38
O 1TX C 3 -13.58 24.70 -34.03
CA 1TX C 3 -12.28 24.20 -32.09
N 1TX C 3 -11.23 25.00 -32.73
C23 1TX C 3 -12.89 26.21 -28.73
C25 1TX C 3 -15.28 26.54 -28.52
O13 1TX C 3 -15.04 27.68 -28.92
O14 1TX C 3 -16.64 26.16 -28.18
N ABA C 4 -13.84 22.68 -33.17
CA ABA C 4 -14.84 22.29 -34.15
C ABA C 4 -15.80 21.28 -33.59
O ABA C 4 -15.50 20.53 -32.66
CB ABA C 4 -14.08 21.74 -35.36
CG ABA C 4 -13.58 20.34 -35.14
N NLE C 5 -17.00 21.25 -34.16
CA NLE C 5 -17.99 20.30 -33.68
C NLE C 5 -17.68 18.97 -34.31
O NLE C 5 -17.41 18.94 -35.50
CB NLE C 5 -19.30 20.83 -34.23
CG NLE C 5 -20.19 21.44 -33.17
CD NLE C 5 -20.76 22.79 -33.59
CE NLE C 5 -22.03 23.11 -32.85
N LEU C 6 -17.70 17.86 -33.56
CA LEU C 6 -17.41 16.56 -34.16
C LEU C 6 -18.68 15.81 -34.43
N PRO C 7 -18.67 14.82 -35.32
CA PRO C 7 -19.91 14.08 -35.53
C PRO C 7 -20.11 13.11 -34.40
N TRP C 8 -21.35 12.71 -34.16
CA TRP C 8 -21.56 11.76 -33.08
C TRP C 8 -20.96 10.44 -33.46
N PRO C 9 -20.40 9.76 -32.47
CA PRO C 9 -19.76 8.47 -32.72
C PRO C 9 -20.78 7.42 -33.06
C ACY D 1 12.12 -35.84 -29.03
O ACY D 1 11.48 -35.47 -30.01
CH3 ACY D 1 13.33 -35.09 -28.60
N DAS D 2 11.77 -36.93 -28.31
CA DAS D 2 12.43 -37.49 -27.13
C DAS D 2 11.47 -38.37 -26.40
O DAS D 2 11.57 -39.59 -26.50
CB DAS D 2 13.49 -38.38 -27.75
CG DAS D 2 14.68 -38.54 -26.85
OD1 DAS D 2 14.59 -38.29 -25.64
OD2 DAS D 2 15.74 -38.93 -27.39
C 1TX D 3 8.61 -39.14 -26.10
C21 1TX D 3 8.71 -37.79 -24.06
C22 1TX D 3 9.48 -37.32 -22.81
C24 1TX D 3 7.52 -37.25 -21.39
C26 1TX D 3 3.94 -35.96 -20.93
O 1TX D 3 8.24 -38.38 -26.99
CA 1TX D 3 9.54 -38.65 -25.01
N 1TX D 3 10.51 -37.80 -25.66
C23 1TX D 3 8.73 -36.43 -21.82
C25 1TX D 3 6.33 -36.36 -21.42
O13 1TX D 3 6.40 -35.20 -21.81
O14 1TX D 3 5.06 -36.85 -20.93
N ABA D 4 8.21 -40.41 -26.05
CA ABA D 4 7.26 -40.93 -27.02
C ABA D 4 6.36 -41.96 -26.39
O ABA D 4 6.73 -42.61 -25.41
CB ABA D 4 8.03 -41.47 -28.23
CG ABA D 4 8.71 -42.79 -27.96
N NLE D 5 5.16 -42.10 -26.97
CA NLE D 5 4.22 -43.08 -26.45
C NLE D 5 4.60 -44.42 -27.00
O NLE D 5 4.89 -44.50 -28.17
CB NLE D 5 2.84 -42.69 -26.96
CG NLE D 5 2.20 -41.53 -26.19
CD NLE D 5 0.87 -41.15 -26.86
CE NLE D 5 0.13 -40.07 -26.11
N LEU D 6 4.62 -45.48 -26.20
CA LEU D 6 4.99 -46.79 -26.74
C LEU D 6 3.76 -47.60 -27.03
N PRO D 7 3.86 -48.55 -27.95
CA PRO D 7 2.68 -49.38 -28.19
C PRO D 7 2.54 -50.26 -26.99
N TRP D 8 1.32 -50.67 -26.65
CA TRP D 8 1.15 -51.53 -25.50
C TRP D 8 1.73 -52.90 -25.75
N PRO D 9 2.22 -53.59 -24.72
CA PRO D 9 2.76 -54.93 -24.93
C PRO D 9 1.65 -55.86 -25.32
CA CA E . -20.34 39.48 -22.78
CA CA F . -29.59 17.83 -23.89
CA CA G . -19.12 9.33 -18.33
C1 GOL H . -5.16 26.35 0.52
O1 GOL H . -4.14 27.08 -0.12
C2 GOL H . -6.16 27.23 1.29
O2 GOL H . -6.43 28.43 0.64
C3 GOL H . -5.77 27.49 2.74
O3 GOL H . -6.77 28.29 3.33
C1 GOL I . 11.74 53.30 2.85
O1 GOL I . 13.10 53.63 2.67
C2 GOL I . 11.56 51.79 2.96
O2 GOL I . 12.13 51.15 1.85
C3 GOL I . 10.07 51.48 3.10
O3 GOL I . 9.71 50.38 2.29
C1 GOL J . -8.19 43.31 -35.29
O1 GOL J . -7.28 43.99 -34.45
C2 GOL J . -9.54 44.01 -35.41
O2 GOL J . -9.39 45.41 -35.47
C3 GOL J . -10.36 43.61 -34.19
O3 GOL J . -11.69 44.07 -34.33
C1 GOL K . -7.80 58.12 -10.89
O1 GOL K . -6.63 57.47 -11.30
C2 GOL K . -8.87 57.14 -10.44
O2 GOL K . -9.05 56.14 -11.42
C3 GOL K . -8.46 56.52 -9.11
O3 GOL K . -9.62 56.29 -8.34
C1 GOL L . 5.47 7.50 15.98
O1 GOL L . 5.23 8.87 16.24
C2 GOL L . 4.30 6.90 15.21
O2 GOL L . 3.11 7.15 15.93
C3 GOL L . 4.52 5.40 15.03
O3 GOL L . 3.80 4.92 13.91
C1 GOL M . -40.57 1.95 9.53
O1 GOL M . -41.78 1.32 9.89
C2 GOL M . -40.02 2.70 10.75
O2 GOL M . -39.45 3.92 10.34
C3 GOL M . -38.96 1.84 11.44
O3 GOL M . -38.97 2.11 12.83
CA CA N . 0.45 -23.15 -16.77
CA CA O . -7.47 -45.52 -16.90
CA CA P . 3.33 -53.06 -10.48
C1 GOL Q . 15.74 -34.22 7.93
O1 GOL Q . 16.40 -33.56 6.87
C2 GOL Q . 14.49 -33.46 8.40
O2 GOL Q . 14.14 -32.37 7.55
C3 GOL Q . 14.63 -32.98 9.83
O3 GOL Q . 13.39 -32.45 10.28
C1 GOL R . 31.72 -6.78 9.42
O1 GOL R . 32.64 -6.32 8.46
C2 GOL R . 31.25 -8.20 9.12
O2 GOL R . 32.05 -8.85 8.16
C3 GOL R . 29.81 -8.16 8.65
O3 GOL R . 29.33 -9.47 8.42
C1 GOL S . 7.70 0.65 20.09
O1 GOL S . 8.04 -0.52 20.82
C2 GOL S . 7.99 0.32 18.64
O2 GOL S . 7.13 -0.73 18.25
C3 GOL S . 9.44 -0.15 18.61
O3 GOL S . 9.82 -0.39 17.27
S SO4 T . -4.09 -22.52 -23.11
O1 SO4 T . -5.14 -22.40 -24.12
O2 SO4 T . -3.62 -21.20 -22.72
O3 SO4 T . -4.65 -23.19 -21.95
O4 SO4 T . -2.96 -23.27 -23.68
#